data_5MGY
#
_entry.id   5MGY
#
_cell.length_a   135.656
_cell.length_b   91.983
_cell.length_c   138.061
_cell.angle_alpha   90.00
_cell.angle_beta   90.41
_cell.angle_gamma   90.00
#
_symmetry.space_group_name_H-M   'P 1 21 1'
#
loop_
_entity.id
_entity.type
_entity.pdbx_description
1 polymer 'FAD:protein FMN transferase'
2 non-polymer 'MAGNESIUM ION'
3 water water
#
_entity_poly.entity_id   1
_entity_poly.type   'polypeptide(L)'
_entity_poly.pdbx_seq_one_letter_code
;MAMDLFQDKVEAFTGPTMGSTYTVKYVRSGDGPAKEVLHGEVEAILGQLDKQLSTYRSDSDVERFNALPAGSCEPMPDMV
RELVAAGSQLSADSDGAFDLTLEPLLNLWGFGPQGRGERVPSAEDISAARALTGQQHLSIDGDRLCKAVALQLDFNSIAA
GYAVDLVIDRLKALGVQSYLVEITGELKAEGRKPDGSPWRIAIEAPRDDQRVAQKIVELDGMGVSTSGDYRNYFERDGRR
YSHTLDPQSGQPIEHHLAAVTVIDKSTLRADGLSTALMVLGPEKGLALAERNGIAAFFVVREGQGFVTTSTKAFDELFGA
GVEQVEHHHHHH
;
_entity_poly.pdbx_strand_id   H,B,G,A,C,D,E,F
#
# COMPACT_ATOMS: atom_id res chain seq x y z
N MET A 3 -21.96 11.61 -12.81
CA MET A 3 -20.99 12.08 -11.75
C MET A 3 -21.58 11.99 -10.32
N ASP A 4 -20.61 12.04 -9.41
CA ASP A 4 -20.82 11.97 -7.98
C ASP A 4 -20.80 13.43 -7.46
N LEU A 5 -21.46 13.61 -6.32
CA LEU A 5 -21.54 14.90 -5.67
C LEU A 5 -20.21 15.38 -5.08
N PHE A 6 -19.44 14.48 -4.48
CA PHE A 6 -18.17 14.83 -3.88
C PHE A 6 -17.12 14.17 -4.72
N GLN A 7 -16.24 14.98 -5.28
CA GLN A 7 -15.39 14.57 -6.38
C GLN A 7 -14.36 15.66 -6.58
N ASP A 8 -13.12 15.30 -6.86
CA ASP A 8 -12.08 16.29 -7.19
C ASP A 8 -12.47 17.17 -8.39
N LYS A 9 -12.07 18.44 -8.41
CA LYS A 9 -12.40 19.34 -9.56
C LYS A 9 -11.42 19.27 -10.73
N VAL A 10 -11.90 19.31 -11.96
CA VAL A 10 -11.00 19.48 -13.12
C VAL A 10 -10.96 20.94 -13.51
N GLU A 11 -9.86 21.60 -13.19
CA GLU A 11 -9.74 23.04 -13.38
C GLU A 11 -9.20 23.25 -14.82
N ALA A 12 -9.55 24.39 -15.40
CA ALA A 12 -9.00 24.78 -16.68
C ALA A 12 -8.68 26.28 -16.68
N PHE A 13 -7.54 26.60 -17.25
CA PHE A 13 -7.25 27.96 -17.57
C PHE A 13 -6.61 27.99 -18.93
N THR A 14 -6.67 29.18 -19.53
CA THR A 14 -5.99 29.49 -20.80
C THR A 14 -5.48 30.93 -20.78
N GLY A 15 -4.63 31.24 -21.74
CA GLY A 15 -3.99 32.53 -21.79
C GLY A 15 -3.45 32.79 -23.19
N PRO A 16 -2.91 34.01 -23.40
CA PRO A 16 -2.30 34.37 -24.64
C PRO A 16 -0.77 34.13 -24.68
N THR A 17 -0.33 33.69 -25.85
CA THR A 17 1.08 33.60 -26.17
C THR A 17 1.48 34.82 -26.99
N MET A 18 2.64 34.76 -27.62
CA MET A 18 3.07 35.85 -28.49
C MET A 18 2.15 35.97 -29.69
N GLY A 19 1.70 34.86 -30.23
CA GLY A 19 0.73 34.89 -31.32
C GLY A 19 -0.25 33.75 -31.35
N SER A 20 -0.56 33.18 -30.18
CA SER A 20 -1.49 32.05 -30.06
C SER A 20 -1.90 31.88 -28.60
N THR A 21 -2.42 30.69 -28.27
CA THR A 21 -2.83 30.37 -26.91
C THR A 21 -2.29 29.05 -26.36
N TYR A 22 -2.30 29.01 -25.01
CA TYR A 22 -2.08 27.82 -24.20
C TYR A 22 -3.33 27.46 -23.39
N THR A 23 -3.41 26.22 -22.98
CA THR A 23 -4.46 25.78 -22.13
C THR A 23 -3.92 24.69 -21.23
N VAL A 24 -4.17 24.82 -19.94
CA VAL A 24 -3.83 23.83 -18.97
C VAL A 24 -5.12 23.33 -18.38
N LYS A 25 -5.18 22.03 -18.21
CA LYS A 25 -6.24 21.40 -17.48
C LYS A 25 -5.65 20.43 -16.47
N TYR A 26 -6.21 20.40 -15.28
CA TYR A 26 -5.69 19.52 -14.25
C TYR A 26 -6.72 19.16 -13.20
N VAL A 27 -6.45 18.05 -12.54
CA VAL A 27 -7.29 17.61 -11.46
C VAL A 27 -6.71 18.22 -10.22
N ARG A 28 -7.56 18.89 -9.48
CA ARG A 28 -7.16 19.43 -8.21
C ARG A 28 -7.77 18.65 -7.03
N SER A 29 -6.91 18.11 -6.18
CA SER A 29 -7.32 17.47 -4.95
C SER A 29 -7.31 18.47 -3.78
N GLY A 30 -7.73 18.08 -2.59
CA GLY A 30 -7.75 19.01 -1.43
C GLY A 30 -6.37 19.65 -1.15
N ASP A 31 -5.34 18.80 -1.16
CA ASP A 31 -3.93 19.18 -1.21
C ASP A 31 -3.59 20.22 -2.30
N GLY A 32 -3.89 19.83 -3.54
CA GLY A 32 -3.32 20.45 -4.70
C GLY A 32 -3.53 21.96 -4.84
N PRO A 33 -2.72 22.58 -5.68
CA PRO A 33 -2.64 24.01 -5.77
C PRO A 33 -3.83 24.63 -6.42
N ALA A 34 -4.03 25.90 -6.08
CA ALA A 34 -5.12 26.70 -6.62
C ALA A 34 -4.77 27.00 -8.06
N LYS A 35 -5.76 27.30 -8.89
CA LYS A 35 -5.50 27.49 -10.31
C LYS A 35 -4.86 28.85 -10.72
N GLU A 36 -5.06 29.87 -9.92
CA GLU A 36 -4.40 31.14 -10.19
C GLU A 36 -2.92 31.05 -9.89
N VAL A 37 -2.55 30.16 -8.99
CA VAL A 37 -1.16 29.91 -8.68
C VAL A 37 -0.49 29.29 -9.89
N LEU A 38 -1.15 28.29 -10.49
CA LEU A 38 -0.59 27.64 -11.67
C LEU A 38 -0.57 28.56 -12.86
N HIS A 39 -1.58 29.38 -12.98
CA HIS A 39 -1.63 30.34 -14.06
C HIS A 39 -0.43 31.28 -13.97
N GLY A 40 -0.07 31.72 -12.78
CA GLY A 40 1.15 32.48 -12.57
C GLY A 40 2.44 31.70 -12.74
N GLU A 41 2.49 30.43 -12.32
CA GLU A 41 3.67 29.57 -12.60
C GLU A 41 3.90 29.36 -14.14
N VAL A 42 2.79 29.19 -14.86
CA VAL A 42 2.87 29.02 -16.29
C VAL A 42 3.28 30.30 -16.98
N GLU A 43 2.86 31.43 -16.44
CA GLU A 43 3.18 32.68 -17.09
C GLU A 43 4.63 33.04 -16.87
N ALA A 44 5.14 32.68 -15.72
CA ALA A 44 6.51 32.93 -15.36
C ALA A 44 7.41 32.18 -16.31
N ILE A 45 7.06 30.95 -16.57
CA ILE A 45 7.87 30.08 -17.38
C ILE A 45 7.93 30.61 -18.78
N LEU A 46 6.80 31.07 -19.28
CA LEU A 46 6.72 31.64 -20.61
C LEU A 46 7.44 32.92 -20.75
N GLY A 47 7.59 33.66 -19.66
CA GLY A 47 8.38 34.87 -19.68
C GLY A 47 9.83 34.54 -19.80
N GLN A 48 10.31 33.53 -19.09
CA GLN A 48 11.69 33.18 -19.18
C GLN A 48 12.00 32.73 -20.62
N LEU A 49 11.09 31.97 -21.23
CA LEU A 49 11.38 31.44 -22.54
C LEU A 49 11.50 32.56 -23.52
N ASP A 50 10.61 33.54 -23.40
CA ASP A 50 10.61 34.65 -24.32
C ASP A 50 11.89 35.50 -24.15
N LYS A 51 12.33 35.69 -22.92
CA LYS A 51 13.47 36.54 -22.65
C LYS A 51 14.73 35.86 -23.11
N GLN A 52 14.85 34.54 -22.88
CA GLN A 52 16.06 33.77 -23.20
C GLN A 52 16.09 33.44 -24.73
N LEU A 53 14.99 33.02 -25.33
CA LEU A 53 15.03 32.31 -26.65
C LEU A 53 14.36 32.98 -27.83
N SER A 54 13.46 33.94 -27.65
CA SER A 54 12.83 34.61 -28.79
C SER A 54 13.76 35.51 -29.59
N THR A 55 13.82 35.21 -30.87
CA THR A 55 14.38 36.08 -31.88
C THR A 55 13.49 37.28 -32.24
N TYR A 56 12.27 37.37 -31.73
CA TYR A 56 11.39 38.52 -31.96
C TYR A 56 11.49 39.60 -30.93
N ARG A 57 12.41 39.49 -29.97
CA ARG A 57 12.75 40.68 -29.20
C ARG A 57 14.22 40.86 -29.09
N SER A 58 14.64 42.13 -29.10
CA SER A 58 16.04 42.47 -29.23
C SER A 58 16.88 42.27 -27.98
N ASP A 59 16.21 42.23 -26.82
CA ASP A 59 16.94 42.05 -25.55
C ASP A 59 17.02 40.64 -25.12
N SER A 60 16.80 39.72 -26.05
CA SER A 60 16.89 38.33 -25.72
C SER A 60 18.31 37.85 -25.68
N ASP A 61 18.51 36.79 -24.90
CA ASP A 61 19.81 36.16 -24.81
C ASP A 61 20.23 35.59 -26.16
N VAL A 62 19.32 34.86 -26.80
CA VAL A 62 19.65 34.32 -28.08
C VAL A 62 19.95 35.44 -29.04
N GLU A 63 19.27 36.59 -28.98
CA GLU A 63 19.65 37.71 -29.92
C GLU A 63 20.98 38.37 -29.63
N ARG A 64 21.38 38.38 -28.36
CA ARG A 64 22.69 38.82 -28.01
C ARG A 64 23.76 37.88 -28.64
N PHE A 65 23.56 36.57 -28.50
CA PHE A 65 24.39 35.54 -29.20
C PHE A 65 24.39 35.67 -30.73
N ASN A 66 23.22 35.90 -31.29
CA ASN A 66 23.11 36.03 -32.75
C ASN A 66 23.82 37.23 -33.31
N ALA A 67 23.94 38.30 -32.53
CA ALA A 67 24.63 39.51 -33.03
C ALA A 67 26.14 39.35 -33.14
N LEU A 68 26.72 38.43 -32.37
CA LEU A 68 28.13 38.25 -32.33
C LEU A 68 28.75 37.75 -33.63
N PRO A 69 30.04 37.99 -33.83
CA PRO A 69 30.74 37.60 -35.04
C PRO A 69 31.31 36.18 -34.93
N ALA A 70 31.66 35.60 -36.06
CA ALA A 70 32.38 34.34 -36.08
C ALA A 70 33.53 34.25 -35.10
N GLY A 71 33.74 33.07 -34.55
CA GLY A 71 34.78 32.86 -33.54
C GLY A 71 34.42 33.18 -32.11
N SER A 72 33.24 33.73 -31.84
CA SER A 72 32.86 34.11 -30.50
C SER A 72 32.48 32.92 -29.62
N CYS A 73 32.94 32.93 -28.36
CA CYS A 73 32.37 32.23 -27.21
C CYS A 73 31.73 33.29 -26.30
N GLU A 74 30.52 33.04 -25.86
CA GLU A 74 29.74 33.97 -25.10
C GLU A 74 28.97 33.22 -24.02
N PRO A 75 29.02 33.71 -22.75
CA PRO A 75 28.23 33.01 -21.72
C PRO A 75 26.72 33.05 -22.04
N MET A 76 26.04 31.93 -21.75
CA MET A 76 24.59 31.81 -22.04
C MET A 76 23.86 31.11 -20.92
N PRO A 77 22.58 31.42 -20.77
CA PRO A 77 21.88 30.74 -19.70
C PRO A 77 21.61 29.22 -19.92
N ASP A 78 21.15 28.57 -18.85
CA ASP A 78 20.87 27.12 -18.83
C ASP A 78 19.96 26.63 -19.96
N MET A 79 18.80 27.30 -20.11
CA MET A 79 17.84 26.96 -21.15
C MET A 79 18.47 26.83 -22.50
N VAL A 80 19.27 27.83 -22.87
CA VAL A 80 19.76 27.93 -24.24
C VAL A 80 20.70 26.76 -24.47
N ARG A 81 21.50 26.45 -23.47
CA ARG A 81 22.44 25.35 -23.54
C ARG A 81 21.76 24.02 -23.44
N GLU A 82 20.72 23.91 -22.60
CA GLU A 82 19.92 22.70 -22.61
C GLU A 82 19.36 22.46 -24.05
N LEU A 83 18.81 23.49 -24.66
CA LEU A 83 18.16 23.34 -25.91
C LEU A 83 19.14 23.12 -27.03
N VAL A 84 20.31 23.76 -26.97
CA VAL A 84 21.34 23.56 -27.98
C VAL A 84 21.74 22.12 -27.94
N ALA A 85 21.90 21.59 -26.76
CA ALA A 85 22.29 20.22 -26.60
C ALA A 85 21.22 19.21 -27.11
N ALA A 86 19.96 19.44 -26.71
CA ALA A 86 18.88 18.63 -27.18
C ALA A 86 18.84 18.70 -28.69
N GLY A 87 19.10 19.89 -29.24
CA GLY A 87 19.07 20.12 -30.69
C GLY A 87 20.15 19.34 -31.40
N SER A 88 21.29 19.21 -30.73
CA SER A 88 22.41 18.54 -31.32
C SER A 88 22.11 17.05 -31.56
N GLN A 89 21.36 16.48 -30.61
CA GLN A 89 21.00 15.09 -30.60
C GLN A 89 19.93 14.90 -31.63
N LEU A 90 18.95 15.77 -31.62
CA LEU A 90 17.94 15.72 -32.64
C LEU A 90 18.58 15.75 -34.02
N SER A 91 19.60 16.58 -34.20
CA SER A 91 20.26 16.68 -35.51
C SER A 91 20.86 15.35 -35.88
N ALA A 92 21.65 14.79 -34.95
CA ALA A 92 22.24 13.47 -35.17
C ALA A 92 21.16 12.36 -35.45
N ASP A 93 20.11 12.28 -34.65
CA ASP A 93 19.12 11.25 -34.84
C ASP A 93 18.32 11.42 -36.14
N SER A 94 18.25 12.61 -36.72
CA SER A 94 17.42 12.84 -37.92
C SER A 94 18.26 13.11 -39.18
N ASP A 95 19.50 12.60 -39.23
CA ASP A 95 20.39 12.79 -40.36
C ASP A 95 20.48 14.23 -40.84
N GLY A 96 20.55 15.19 -39.92
CA GLY A 96 20.67 16.64 -40.24
C GLY A 96 19.41 17.37 -40.67
N ALA A 97 18.28 16.69 -40.72
CA ALA A 97 17.02 17.36 -41.07
C ALA A 97 16.61 18.41 -40.00
N PHE A 98 17.03 18.19 -38.76
CA PHE A 98 16.82 19.14 -37.68
C PHE A 98 18.03 20.02 -37.56
N ASP A 99 17.81 21.34 -37.65
CA ASP A 99 18.88 22.34 -37.57
C ASP A 99 18.36 23.64 -36.88
N LEU A 100 19.00 23.98 -35.78
CA LEU A 100 18.74 25.30 -35.13
C LEU A 100 19.31 26.55 -35.83
N THR A 101 20.11 26.40 -36.90
CA THR A 101 20.94 27.44 -37.41
C THR A 101 20.44 27.97 -38.71
N LEU A 102 19.14 27.97 -38.91
CA LEU A 102 18.61 28.42 -40.20
C LEU A 102 18.23 29.88 -40.25
N GLU A 103 18.41 30.60 -39.16
CA GLU A 103 17.88 31.97 -39.12
C GLU A 103 18.30 32.87 -40.29
N PRO A 104 19.57 32.74 -40.77
CA PRO A 104 19.95 33.50 -41.95
C PRO A 104 19.25 33.08 -43.21
N LEU A 105 18.88 31.82 -43.36
CA LEU A 105 18.12 31.44 -44.55
C LEU A 105 16.68 31.84 -44.36
N LEU A 106 16.20 31.78 -43.13
CA LEU A 106 14.83 32.28 -42.85
C LEU A 106 14.71 33.79 -43.16
N ASN A 107 15.57 34.62 -42.57
CA ASN A 107 15.58 36.07 -42.89
C ASN A 107 15.83 36.36 -44.35
N LEU A 108 16.56 35.50 -45.05
CA LEU A 108 16.71 35.64 -46.48
C LEU A 108 15.43 35.37 -47.21
N TRP A 109 14.72 34.30 -46.87
CA TRP A 109 13.52 33.98 -47.62
C TRP A 109 12.27 34.74 -47.06
N GLY A 110 12.45 35.74 -46.19
CA GLY A 110 11.33 36.52 -45.64
C GLY A 110 10.48 35.91 -44.51
N PHE A 111 10.83 34.70 -44.10
CA PHE A 111 10.00 33.94 -43.14
C PHE A 111 10.35 34.25 -41.69
N GLY A 112 11.28 35.17 -41.44
CA GLY A 112 11.85 35.35 -40.12
C GLY A 112 11.35 36.60 -39.43
N PRO A 113 11.94 36.94 -38.25
CA PRO A 113 11.60 38.20 -37.49
C PRO A 113 11.99 39.54 -38.11
N GLN A 114 13.03 39.53 -38.93
CA GLN A 114 13.53 40.73 -39.64
C GLN A 114 13.27 40.52 -41.12
N GLY A 115 12.11 39.99 -41.43
CA GLY A 115 11.80 39.69 -42.79
C GLY A 115 10.53 40.41 -43.20
N ARG A 116 10.66 41.16 -44.27
CA ARG A 116 9.55 41.75 -44.95
C ARG A 116 8.71 40.66 -45.62
N GLY A 117 9.36 39.59 -46.12
CA GLY A 117 8.61 38.44 -46.58
C GLY A 117 8.41 38.35 -48.07
N GLU A 118 8.02 37.15 -48.50
CA GLU A 118 7.51 36.91 -49.84
C GLU A 118 8.44 37.41 -50.94
N ARG A 119 9.66 36.95 -50.86
CA ARG A 119 10.62 37.42 -51.83
C ARG A 119 11.51 36.27 -52.25
N VAL A 120 11.88 36.19 -53.52
CA VAL A 120 12.70 35.03 -53.93
C VAL A 120 14.13 35.54 -54.01
N PRO A 121 15.01 35.02 -53.16
CA PRO A 121 16.39 35.43 -53.25
C PRO A 121 17.12 34.62 -54.32
N SER A 122 18.21 35.20 -54.79
CA SER A 122 19.04 34.65 -55.86
C SER A 122 19.71 33.33 -55.47
N ALA A 123 20.52 32.77 -56.37
CA ALA A 123 21.39 31.64 -56.05
C ALA A 123 22.73 32.09 -55.39
N GLU A 124 23.04 33.38 -55.48
CA GLU A 124 24.24 33.90 -54.85
C GLU A 124 24.08 34.16 -53.37
N ASP A 125 23.03 34.87 -52.99
CA ASP A 125 22.75 35.17 -51.58
C ASP A 125 22.54 33.90 -50.73
N ILE A 126 21.89 32.90 -51.33
CA ILE A 126 21.65 31.55 -50.76
C ILE A 126 22.99 30.88 -50.38
N SER A 127 23.92 30.85 -51.34
CA SER A 127 25.26 30.27 -51.15
C SER A 127 26.02 30.94 -49.98
N ALA A 128 25.86 32.27 -49.90
CA ALA A 128 26.45 33.14 -48.82
C ALA A 128 25.82 32.89 -47.45
N ALA A 129 24.50 32.83 -47.41
CA ALA A 129 23.81 32.55 -46.18
C ALA A 129 24.06 31.12 -45.67
N ARG A 130 24.09 30.11 -46.55
CA ARG A 130 24.41 28.75 -46.10
C ARG A 130 25.77 28.67 -45.45
N ALA A 131 26.72 29.50 -45.87
CA ALA A 131 28.05 29.52 -45.19
C ALA A 131 27.99 30.06 -43.75
N LEU A 132 26.95 30.82 -43.39
CA LEU A 132 26.66 31.20 -41.99
C LEU A 132 25.80 30.20 -41.19
N THR A 133 25.55 29.02 -41.78
CA THR A 133 24.71 28.02 -41.13
C THR A 133 25.58 26.83 -40.82
N GLY A 134 24.99 25.90 -40.06
CA GLY A 134 25.60 24.61 -39.73
C GLY A 134 25.82 24.26 -38.26
N GLN A 135 24.92 23.47 -37.69
CA GLN A 135 25.00 22.88 -36.32
C GLN A 135 26.37 22.43 -35.88
N GLN A 136 27.14 21.89 -36.81
CA GLN A 136 28.51 21.43 -36.48
C GLN A 136 29.41 22.55 -35.99
N HIS A 137 29.09 23.78 -36.41
CA HIS A 137 29.81 24.98 -35.98
C HIS A 137 29.43 25.54 -34.58
N LEU A 138 28.46 24.91 -33.91
CA LEU A 138 27.97 25.34 -32.64
C LEU A 138 28.50 24.40 -31.61
N SER A 139 29.05 24.92 -30.53
CA SER A 139 29.54 24.07 -29.45
C SER A 139 29.35 24.69 -28.07
N ILE A 140 29.35 23.84 -27.05
CA ILE A 140 29.11 24.27 -25.67
C ILE A 140 30.41 24.10 -24.94
N ASP A 141 30.78 25.09 -24.16
CA ASP A 141 32.03 25.03 -23.41
C ASP A 141 31.77 25.60 -22.04
N GLY A 142 31.62 24.70 -21.09
CA GLY A 142 31.23 25.12 -19.78
C GLY A 142 29.90 25.81 -19.90
N ASP A 143 29.83 27.05 -19.45
CA ASP A 143 28.63 27.82 -19.48
C ASP A 143 28.62 28.72 -20.71
N ARG A 144 29.55 28.52 -21.64
CA ARG A 144 29.60 29.34 -22.87
C ARG A 144 29.06 28.56 -24.07
N LEU A 145 28.43 29.29 -25.02
CA LEU A 145 28.10 28.76 -26.34
C LEU A 145 29.10 29.34 -27.29
N CYS A 146 29.66 28.52 -28.17
CA CYS A 146 30.65 28.99 -29.11
C CYS A 146 30.15 28.86 -30.52
N LYS A 147 30.58 29.80 -31.37
CA LYS A 147 30.25 29.71 -32.76
C LYS A 147 31.45 29.93 -33.65
N ALA A 148 31.71 28.98 -34.57
CA ALA A 148 32.82 29.04 -35.49
C ALA A 148 32.58 29.85 -36.76
N VAL A 149 31.32 30.08 -37.12
CA VAL A 149 30.91 30.95 -38.20
C VAL A 149 29.88 31.93 -37.64
N ALA A 150 29.42 32.93 -38.39
CA ALA A 150 28.42 33.91 -37.87
C ALA A 150 27.03 33.33 -37.74
N LEU A 151 26.89 32.33 -36.87
CA LEU A 151 25.60 31.64 -36.66
C LEU A 151 24.48 32.51 -36.09
N GLN A 152 23.31 32.29 -36.62
CA GLN A 152 22.13 32.81 -35.98
C GLN A 152 21.18 31.66 -35.63
N LEU A 153 20.89 31.54 -34.34
CA LEU A 153 20.04 30.51 -33.82
C LEU A 153 18.59 30.88 -33.83
N ASP A 154 17.76 29.84 -33.91
CA ASP A 154 16.29 29.94 -33.84
C ASP A 154 15.78 28.64 -33.17
N PHE A 155 14.98 28.79 -32.14
CA PHE A 155 14.62 27.69 -31.32
C PHE A 155 13.18 27.25 -31.55
N ASN A 156 12.52 27.82 -32.56
CA ASN A 156 11.06 27.69 -32.72
C ASN A 156 10.65 26.27 -32.99
N SER A 157 11.50 25.47 -33.60
CA SER A 157 11.13 24.11 -33.95
C SER A 157 10.95 23.22 -32.71
N ILE A 158 11.64 23.58 -31.62
CA ILE A 158 11.47 22.96 -30.25
C ILE A 158 10.92 23.75 -29.02
N ALA A 159 10.78 25.08 -29.11
CA ALA A 159 10.40 25.89 -27.89
C ALA A 159 9.06 25.48 -27.25
N ALA A 160 8.00 25.39 -28.05
CA ALA A 160 6.67 25.06 -27.52
C ALA A 160 6.67 23.72 -26.81
N GLY A 161 7.36 22.76 -27.38
CA GLY A 161 7.44 21.50 -26.72
C GLY A 161 8.19 21.44 -25.41
N TYR A 162 9.31 22.15 -25.37
CA TYR A 162 10.12 22.37 -24.18
C TYR A 162 9.25 23.05 -23.10
N ALA A 163 8.51 24.08 -23.49
CA ALA A 163 7.60 24.82 -22.61
C ALA A 163 6.60 23.89 -21.92
N VAL A 164 6.07 22.91 -22.67
CA VAL A 164 5.10 21.96 -22.16
C VAL A 164 5.79 21.10 -21.09
N ASP A 165 7.01 20.66 -21.39
CA ASP A 165 7.74 19.79 -20.48
C ASP A 165 8.04 20.59 -19.21
N LEU A 166 8.50 21.83 -19.35
CA LEU A 166 8.77 22.66 -18.16
C LEU A 166 7.53 22.90 -17.31
N VAL A 167 6.41 23.21 -17.92
CA VAL A 167 5.19 23.41 -17.18
C VAL A 167 4.82 22.12 -16.44
N ILE A 168 4.95 20.98 -17.08
CA ILE A 168 4.69 19.70 -16.39
C ILE A 168 5.66 19.42 -15.22
N ASP A 169 6.93 19.74 -15.32
CA ASP A 169 7.81 19.52 -14.17
C ASP A 169 7.26 20.30 -12.97
N ARG A 170 6.74 21.50 -13.23
CA ARG A 170 6.24 22.38 -12.19
C ARG A 170 4.96 21.98 -11.56
N LEU A 171 4.02 21.48 -12.37
CA LEU A 171 2.79 20.91 -11.86
C LEU A 171 3.09 19.69 -11.02
N LYS A 172 4.05 18.85 -11.45
CA LYS A 172 4.45 17.68 -10.68
C LYS A 172 5.09 18.13 -9.40
N ALA A 173 5.96 19.11 -9.47
CA ALA A 173 6.65 19.56 -8.26
C ALA A 173 5.66 20.11 -7.20
N LEU A 174 4.58 20.73 -7.67
CA LEU A 174 3.50 21.21 -6.82
C LEU A 174 2.44 20.16 -6.52
N GLY A 175 2.73 18.87 -6.68
CA GLY A 175 1.78 17.81 -6.24
C GLY A 175 0.75 17.28 -7.23
N VAL A 176 0.58 17.93 -8.40
CA VAL A 176 -0.47 17.55 -9.39
C VAL A 176 -0.11 16.24 -10.07
N GLN A 177 -1.11 15.40 -10.24
CA GLN A 177 -0.86 14.09 -10.81
C GLN A 177 -1.48 13.92 -12.18
N SER A 178 -2.62 14.54 -12.41
CA SER A 178 -3.34 14.34 -13.62
C SER A 178 -3.56 15.70 -14.26
N TYR A 179 -3.26 15.81 -15.56
CA TYR A 179 -3.19 17.11 -16.27
C TYR A 179 -3.17 16.94 -17.82
N LEU A 180 -3.55 17.98 -18.54
CA LEU A 180 -3.39 18.06 -20.00
C LEU A 180 -2.91 19.45 -20.23
N VAL A 181 -1.70 19.63 -20.74
CA VAL A 181 -1.11 20.96 -20.93
C VAL A 181 -0.94 21.19 -22.43
N GLU A 182 -1.51 22.25 -23.01
CA GLU A 182 -1.31 22.50 -24.43
C GLU A 182 -0.74 23.90 -24.67
N ILE A 183 0.39 24.01 -25.37
CA ILE A 183 1.01 25.32 -25.66
C ILE A 183 1.15 25.38 -27.16
N THR A 184 0.36 26.25 -27.82
CA THR A 184 0.40 26.47 -29.30
C THR A 184 0.42 25.20 -30.07
N GLY A 185 -0.40 24.25 -29.65
CA GLY A 185 -0.60 23.02 -30.37
C GLY A 185 0.15 21.84 -29.84
N GLU A 186 1.39 22.02 -29.41
CA GLU A 186 2.11 20.95 -28.70
C GLU A 186 1.40 20.67 -27.38
N LEU A 187 1.34 19.41 -26.99
CA LEU A 187 0.74 19.04 -25.75
C LEU A 187 1.17 17.73 -25.21
N LYS A 188 0.87 17.57 -23.93
CA LYS A 188 1.09 16.32 -23.22
C LYS A 188 0.06 16.14 -22.09
N ALA A 189 -0.31 14.91 -21.83
CA ALA A 189 -1.20 14.64 -20.75
C ALA A 189 -0.78 13.41 -20.01
N GLU A 190 -1.24 13.34 -18.75
CA GLU A 190 -0.95 12.21 -17.86
C GLU A 190 -2.04 12.03 -16.83
N GLY A 191 -2.09 10.84 -16.25
CA GLY A 191 -3.13 10.49 -15.32
C GLY A 191 -4.47 10.27 -15.97
N ARG A 192 -5.49 10.28 -15.11
CA ARG A 192 -6.87 10.12 -15.52
C ARG A 192 -7.72 11.17 -14.87
N LYS A 193 -8.87 11.47 -15.45
CA LYS A 193 -9.84 12.39 -14.83
C LYS A 193 -10.52 11.69 -13.61
N PRO A 194 -11.24 12.45 -12.76
CA PRO A 194 -11.80 11.83 -11.55
C PRO A 194 -12.78 10.66 -11.82
N ASP A 195 -13.71 10.79 -12.80
CA ASP A 195 -14.58 9.62 -13.24
C ASP A 195 -13.84 8.33 -13.61
N GLY A 196 -12.52 8.46 -13.85
CA GLY A 196 -11.68 7.37 -14.31
C GLY A 196 -11.32 7.44 -15.78
N SER A 197 -11.93 8.36 -16.56
CA SER A 197 -11.66 8.49 -17.98
C SER A 197 -10.22 8.96 -18.32
N PRO A 198 -9.74 8.70 -19.52
CA PRO A 198 -8.47 9.22 -19.92
C PRO A 198 -8.58 10.57 -20.66
N TRP A 199 -7.41 11.19 -20.75
CA TRP A 199 -7.20 12.33 -21.59
C TRP A 199 -7.07 11.86 -23.08
N ARG A 200 -7.79 12.53 -23.95
CA ARG A 200 -7.79 12.16 -25.35
C ARG A 200 -7.51 13.33 -26.26
N ILE A 201 -6.76 13.05 -27.31
CA ILE A 201 -6.59 14.03 -28.36
C ILE A 201 -7.12 13.39 -29.66
N ALA A 202 -7.46 14.26 -30.61
CA ALA A 202 -7.81 13.89 -31.98
C ALA A 202 -6.70 14.28 -32.97
N ILE A 203 -6.24 13.34 -33.80
CA ILE A 203 -5.41 13.68 -34.91
C ILE A 203 -6.32 13.75 -36.14
N GLU A 204 -6.17 14.82 -36.93
CA GLU A 204 -6.90 14.92 -38.20
C GLU A 204 -6.39 13.90 -39.25
N ALA A 205 -7.34 13.34 -39.98
CA ALA A 205 -7.08 12.14 -40.79
C ALA A 205 -7.95 12.18 -42.05
N PRO A 206 -7.71 13.18 -42.87
CA PRO A 206 -8.63 13.44 -43.94
C PRO A 206 -8.75 12.33 -44.99
N ARG A 207 -9.89 12.42 -45.68
CA ARG A 207 -10.25 11.49 -46.70
C ARG A 207 -10.64 12.35 -47.82
N VAL A 212 -13.11 14.00 -43.68
CA VAL A 212 -12.59 14.62 -42.45
C VAL A 212 -12.74 13.66 -41.26
N ALA A 213 -12.16 12.48 -41.41
CA ALA A 213 -12.10 11.52 -40.30
C ALA A 213 -11.11 11.99 -39.19
N GLN A 214 -11.15 11.31 -38.04
CA GLN A 214 -10.28 11.60 -36.87
C GLN A 214 -9.84 10.37 -36.08
N LYS A 215 -8.53 10.21 -35.93
CA LYS A 215 -7.94 9.15 -35.10
C LYS A 215 -7.84 9.64 -33.65
N ILE A 216 -8.51 8.95 -32.74
CA ILE A 216 -8.56 9.34 -31.33
C ILE A 216 -7.65 8.51 -30.46
N VAL A 217 -6.77 9.16 -29.71
CA VAL A 217 -5.81 8.47 -28.89
C VAL A 217 -5.88 8.94 -27.44
N GLU A 218 -5.48 8.04 -26.57
CA GLU A 218 -5.45 8.25 -25.17
C GLU A 218 -4.02 8.60 -24.76
N LEU A 219 -3.79 9.77 -24.17
CA LEU A 219 -2.45 10.16 -23.76
C LEU A 219 -2.30 9.96 -22.29
N ASP A 220 -1.32 9.17 -21.90
CA ASP A 220 -1.02 8.94 -20.47
C ASP A 220 0.51 8.86 -20.37
N GLY A 221 1.13 10.01 -20.18
CA GLY A 221 2.56 10.11 -20.08
C GLY A 221 3.23 10.36 -21.41
N MET A 222 2.50 10.93 -22.36
CA MET A 222 3.00 11.09 -23.72
C MET A 222 2.66 12.48 -24.26
N GLY A 223 3.62 13.10 -24.96
CA GLY A 223 3.42 14.39 -25.64
C GLY A 223 3.22 14.19 -27.12
N VAL A 224 2.59 15.16 -27.77
CA VAL A 224 2.19 15.08 -29.16
C VAL A 224 2.58 16.37 -29.82
N SER A 225 3.04 16.29 -31.05
CA SER A 225 3.33 17.52 -31.77
C SER A 225 2.97 17.34 -33.20
N THR A 226 2.36 18.38 -33.79
CA THR A 226 1.90 18.33 -35.17
C THR A 226 2.49 19.40 -36.05
N SER A 227 3.36 19.03 -36.97
CA SER A 227 3.90 19.98 -37.92
C SER A 227 3.01 20.12 -39.14
N GLY A 228 2.69 21.35 -39.51
CA GLY A 228 1.76 21.58 -40.58
C GLY A 228 0.32 21.31 -40.17
N ASP A 229 -0.59 21.72 -41.06
CA ASP A 229 -2.05 21.50 -40.94
C ASP A 229 -2.64 21.21 -42.32
N TYR A 230 -3.32 20.07 -42.49
CA TYR A 230 -3.65 19.63 -43.83
C TYR A 230 -4.50 20.63 -44.60
N ARG A 231 -5.21 21.46 -43.84
CA ARG A 231 -5.93 22.58 -44.40
C ARG A 231 -5.07 23.67 -45.06
N ASN A 232 -3.83 23.88 -44.60
CA ASN A 232 -2.87 24.78 -45.30
C ASN A 232 -1.89 24.03 -46.18
N TYR A 233 -2.28 23.83 -47.41
CA TYR A 233 -1.42 23.18 -48.33
C TYR A 233 -1.64 24.07 -49.54
N PHE A 234 -0.57 24.72 -49.99
CA PHE A 234 -0.64 25.65 -51.13
C PHE A 234 0.35 25.30 -52.15
N GLU A 235 -0.08 25.43 -53.38
CA GLU A 235 0.78 25.33 -54.51
C GLU A 235 0.78 26.72 -55.09
N ARG A 236 1.93 27.40 -55.13
CA ARG A 236 2.00 28.64 -55.85
C ARG A 236 2.57 28.33 -57.24
N ASP A 237 1.80 28.62 -58.28
CA ASP A 237 2.13 28.21 -59.66
C ASP A 237 2.29 26.69 -59.90
N GLY A 238 1.56 25.86 -59.18
CA GLY A 238 1.67 24.39 -59.34
C GLY A 238 2.89 23.77 -58.67
N ARG A 239 3.63 24.58 -57.91
CA ARG A 239 4.78 24.16 -57.13
C ARG A 239 4.45 24.44 -55.66
N ARG A 240 4.85 23.57 -54.76
CA ARG A 240 4.44 23.75 -53.37
C ARG A 240 5.06 24.97 -52.64
N TYR A 241 4.20 25.75 -52.01
CA TYR A 241 4.59 26.88 -51.17
C TYR A 241 4.56 26.57 -49.64
N SER A 242 5.69 26.75 -48.96
CA SER A 242 5.75 26.58 -47.52
C SER A 242 6.90 27.38 -46.92
N HIS A 243 6.84 27.54 -45.61
CA HIS A 243 7.88 28.21 -44.84
C HIS A 243 8.94 27.22 -44.31
N THR A 244 8.89 25.96 -44.72
CA THR A 244 9.87 25.00 -44.25
C THR A 244 11.02 24.87 -45.26
N LEU A 245 12.25 24.97 -44.77
CA LEU A 245 13.47 24.95 -45.60
C LEU A 245 14.24 23.67 -45.41
N ASP A 246 14.81 23.12 -46.48
CA ASP A 246 15.79 22.06 -46.32
C ASP A 246 17.11 22.69 -45.82
N PRO A 247 17.63 22.22 -44.69
CA PRO A 247 18.94 22.68 -44.18
C PRO A 247 20.04 22.46 -45.17
N GLN A 248 20.04 21.28 -45.81
CA GLN A 248 21.04 20.89 -46.79
C GLN A 248 20.99 21.78 -48.06
N SER A 249 19.86 21.84 -48.74
CA SER A 249 19.72 22.81 -49.84
C SER A 249 19.25 24.11 -49.21
N GLY A 250 19.49 25.24 -49.82
CA GLY A 250 19.01 26.47 -49.19
C GLY A 250 17.51 26.70 -49.30
N GLN A 251 16.87 26.01 -50.27
CA GLN A 251 15.51 26.30 -50.69
C GLN A 251 14.38 25.68 -49.84
N PRO A 252 13.13 26.12 -50.09
CA PRO A 252 12.04 25.44 -49.48
C PRO A 252 11.68 24.08 -50.13
N ILE A 253 11.00 23.30 -49.28
CA ILE A 253 10.65 21.96 -49.56
C ILE A 253 9.67 21.91 -50.72
N GLU A 254 9.85 20.89 -51.55
CA GLU A 254 9.05 20.67 -52.75
C GLU A 254 7.96 19.63 -52.58
N HIS A 255 8.14 18.72 -51.62
CA HIS A 255 7.35 17.48 -51.49
C HIS A 255 5.93 17.68 -50.97
N HIS A 256 5.19 16.58 -50.89
CA HIS A 256 3.77 16.65 -50.65
C HIS A 256 3.28 16.41 -49.21
N LEU A 257 4.16 16.16 -48.24
CA LEU A 257 3.72 16.01 -46.83
C LEU A 257 3.05 17.25 -46.26
N ALA A 258 1.77 17.13 -45.88
CA ALA A 258 0.96 18.29 -45.46
C ALA A 258 0.91 18.48 -43.93
N ALA A 259 1.00 17.38 -43.21
CA ALA A 259 1.10 17.39 -41.78
C ALA A 259 1.72 16.09 -41.32
N VAL A 260 2.38 16.14 -40.17
CA VAL A 260 2.92 14.94 -39.54
C VAL A 260 2.79 15.18 -38.04
N THR A 261 2.51 14.11 -37.34
CA THR A 261 2.18 14.20 -35.96
C THR A 261 3.13 13.24 -35.33
N VAL A 262 3.83 13.62 -34.27
CA VAL A 262 4.69 12.68 -33.56
C VAL A 262 4.27 12.54 -32.10
N ILE A 263 4.50 11.36 -31.53
CA ILE A 263 4.12 11.04 -30.20
C ILE A 263 5.36 10.45 -29.56
N ASP A 264 5.75 11.07 -28.46
CA ASP A 264 6.92 10.72 -27.70
C ASP A 264 6.66 11.14 -26.24
N LYS A 265 7.37 10.51 -25.33
CA LYS A 265 7.26 10.86 -23.92
C LYS A 265 7.80 12.26 -23.62
N SER A 266 8.79 12.68 -24.37
CA SER A 266 9.29 14.04 -24.28
C SER A 266 8.60 14.85 -25.34
N THR A 267 7.79 15.82 -24.92
CA THR A 267 7.14 16.74 -25.87
C THR A 267 8.17 17.59 -26.63
N LEU A 268 9.34 17.81 -26.04
CA LEU A 268 10.42 18.54 -26.72
C LEU A 268 10.80 17.74 -27.99
N ARG A 269 11.17 16.48 -27.78
CA ARG A 269 11.44 15.49 -28.87
C ARG A 269 10.34 15.38 -29.93
N ALA A 270 9.08 15.34 -29.50
CA ALA A 270 8.01 15.33 -30.48
C ALA A 270 8.01 16.59 -31.35
N ASP A 271 8.31 17.75 -30.79
CA ASP A 271 8.23 19.03 -31.51
C ASP A 271 9.38 19.05 -32.53
N GLY A 272 10.49 18.42 -32.11
CA GLY A 272 11.69 18.41 -32.87
C GLY A 272 11.57 17.45 -34.04
N LEU A 273 11.27 16.19 -33.71
CA LEU A 273 11.12 15.12 -34.72
C LEU A 273 10.01 15.47 -35.66
N SER A 274 8.90 15.89 -35.16
CA SER A 274 7.88 16.47 -36.03
C SER A 274 8.42 17.46 -37.05
N THR A 275 9.23 18.42 -36.63
CA THR A 275 9.84 19.39 -37.57
C THR A 275 10.75 18.70 -38.63
N ALA A 276 11.47 17.66 -38.20
CA ALA A 276 12.45 16.95 -39.00
C ALA A 276 11.77 16.11 -40.07
N LEU A 277 10.67 15.49 -39.66
CA LEU A 277 9.88 14.64 -40.55
C LEU A 277 9.26 15.47 -41.64
N MET A 278 8.79 16.68 -41.31
CA MET A 278 8.23 17.57 -42.31
C MET A 278 9.31 18.14 -43.24
N VAL A 279 10.54 18.25 -42.76
CA VAL A 279 11.61 18.61 -43.64
C VAL A 279 11.73 17.47 -44.61
N LEU A 280 11.84 16.25 -44.09
CA LEU A 280 12.30 15.09 -44.87
C LEU A 280 11.32 14.72 -45.98
N GLY A 281 10.04 14.91 -45.68
CA GLY A 281 8.95 14.52 -46.55
C GLY A 281 8.38 13.12 -46.36
N PRO A 282 7.28 12.81 -47.07
CA PRO A 282 6.59 11.50 -46.94
C PRO A 282 7.48 10.24 -47.08
N GLU A 283 8.40 10.22 -48.02
CA GLU A 283 9.22 9.05 -48.18
C GLU A 283 10.31 9.01 -47.12
N LYS A 284 11.27 9.95 -47.16
CA LYS A 284 12.42 9.87 -46.23
C LYS A 284 11.96 9.93 -44.78
N GLY A 285 10.85 10.66 -44.59
CA GLY A 285 10.16 10.76 -43.31
C GLY A 285 9.83 9.43 -42.70
N LEU A 286 8.96 8.70 -43.39
CA LEU A 286 8.63 7.30 -43.03
C LEU A 286 9.78 6.30 -42.77
N ALA A 287 10.80 6.37 -43.62
CA ALA A 287 11.93 5.47 -43.51
C ALA A 287 12.63 5.77 -42.20
N LEU A 288 12.92 7.08 -41.95
CA LEU A 288 13.59 7.53 -40.68
C LEU A 288 12.73 7.10 -39.49
N ALA A 289 11.46 7.44 -39.57
CA ALA A 289 10.60 7.16 -38.47
C ALA A 289 10.61 5.68 -38.11
N GLU A 290 10.54 4.79 -39.13
CA GLU A 290 10.62 3.33 -38.95
C GLU A 290 12.01 2.90 -38.46
N ARG A 291 13.05 3.49 -39.04
CA ARG A 291 14.40 3.17 -38.65
C ARG A 291 14.59 3.44 -37.17
N ASN A 292 14.17 4.62 -36.72
CA ASN A 292 14.42 5.02 -35.32
C ASN A 292 13.29 4.65 -34.38
N GLY A 293 12.23 4.09 -34.90
CA GLY A 293 11.12 3.67 -34.06
C GLY A 293 10.22 4.77 -33.53
N ILE A 294 9.95 5.78 -34.35
CA ILE A 294 9.19 6.92 -33.93
C ILE A 294 7.72 6.58 -34.15
N ALA A 295 6.88 6.96 -33.18
CA ALA A 295 5.47 6.89 -33.38
C ALA A 295 5.04 8.17 -34.14
N ALA A 296 4.59 7.98 -35.37
CA ALA A 296 4.22 9.12 -36.21
C ALA A 296 3.05 8.80 -37.15
N PHE A 297 2.30 9.84 -37.54
CA PHE A 297 1.11 9.73 -38.38
C PHE A 297 1.21 10.84 -39.44
N PHE A 298 1.44 10.45 -40.68
CA PHE A 298 1.64 11.37 -41.78
C PHE A 298 0.38 11.72 -42.59
N VAL A 299 0.27 12.94 -43.10
CA VAL A 299 -0.83 13.32 -43.99
C VAL A 299 -0.25 13.81 -45.31
N VAL A 300 -0.35 12.94 -46.31
CA VAL A 300 0.19 13.15 -47.62
C VAL A 300 -0.95 13.44 -48.57
N ARG A 301 -0.72 14.55 -49.27
CA ARG A 301 -1.60 15.09 -50.26
C ARG A 301 -1.30 14.35 -51.54
N GLU A 302 -2.26 13.58 -51.95
CA GLU A 302 -2.13 12.76 -53.15
C GLU A 302 -3.36 12.93 -53.99
N GLY A 303 -3.17 13.24 -55.27
CA GLY A 303 -4.26 13.36 -56.22
C GLY A 303 -5.49 14.12 -55.79
N GLN A 304 -5.29 15.38 -55.44
CA GLN A 304 -6.41 16.28 -55.02
C GLN A 304 -7.24 15.66 -53.91
N GLY A 305 -6.54 15.18 -52.91
CA GLY A 305 -7.11 14.51 -51.76
C GLY A 305 -6.00 14.23 -50.77
N PHE A 306 -6.32 13.44 -49.74
CA PHE A 306 -5.27 13.08 -48.79
C PHE A 306 -5.15 11.61 -48.50
N VAL A 307 -3.93 11.14 -48.34
CA VAL A 307 -3.69 9.78 -47.83
C VAL A 307 -3.00 9.85 -46.50
N THR A 308 -3.28 8.92 -45.60
CA THR A 308 -2.63 8.89 -44.27
C THR A 308 -1.77 7.64 -44.03
N THR A 309 -0.69 7.81 -43.33
CA THR A 309 0.19 6.67 -43.08
C THR A 309 0.70 6.78 -41.65
N SER A 310 0.72 5.67 -40.95
CA SER A 310 1.11 5.62 -39.56
C SER A 310 2.35 4.72 -39.53
N THR A 311 3.15 4.78 -38.49
CA THR A 311 4.31 3.92 -38.42
C THR A 311 3.93 2.73 -37.63
N LYS A 312 4.89 1.85 -37.53
CA LYS A 312 4.83 0.66 -36.73
C LYS A 312 4.70 0.95 -35.25
N ALA A 313 5.56 1.84 -34.73
CA ALA A 313 5.54 2.24 -33.30
C ALA A 313 4.21 2.89 -32.95
N PHE A 314 3.68 3.70 -33.86
CA PHE A 314 2.36 4.32 -33.67
C PHE A 314 1.26 3.28 -33.59
N ASP A 315 1.38 2.24 -34.42
CA ASP A 315 0.35 1.18 -34.50
C ASP A 315 0.30 0.29 -33.24
N GLU A 316 1.48 -0.09 -32.70
CA GLU A 316 1.54 -0.75 -31.37
C GLU A 316 0.91 0.10 -30.26
N LEU A 317 1.25 1.38 -30.18
CA LEU A 317 0.65 2.25 -29.18
C LEU A 317 -0.84 2.47 -29.37
N PHE A 318 -1.33 2.66 -30.59
CA PHE A 318 -2.72 3.11 -30.74
C PHE A 318 -3.68 2.31 -31.62
N GLY A 319 -3.22 1.19 -32.19
CA GLY A 319 -3.96 0.48 -33.23
C GLY A 319 -3.82 1.11 -34.61
N ALA A 320 -4.20 0.33 -35.64
CA ALA A 320 -4.12 0.75 -37.06
C ALA A 320 -5.36 1.54 -37.57
N GLY A 321 -6.51 1.38 -36.90
CA GLY A 321 -7.83 1.82 -37.43
C GLY A 321 -8.22 3.28 -37.30
N VAL A 322 -9.45 3.59 -37.72
CA VAL A 322 -10.01 4.96 -37.62
C VAL A 322 -11.52 4.98 -37.87
N MET B 3 44.19 -40.80 35.20
CA MET B 3 45.08 -39.64 35.47
C MET B 3 46.09 -40.06 36.56
N ASP B 4 47.02 -39.14 36.80
CA ASP B 4 48.06 -39.32 37.80
C ASP B 4 47.97 -38.22 38.82
N LEU B 5 48.51 -38.50 39.98
CA LEU B 5 48.35 -37.61 41.10
C LEU B 5 49.14 -36.38 40.85
N PHE B 6 50.36 -36.56 40.39
CA PHE B 6 51.27 -35.46 40.14
C PHE B 6 51.43 -35.30 38.65
N GLN B 7 51.10 -34.12 38.13
CA GLN B 7 50.70 -33.93 36.70
C GLN B 7 50.56 -32.44 36.50
N ASP B 8 51.03 -31.89 35.40
CA ASP B 8 50.78 -30.46 35.10
C ASP B 8 49.30 -30.14 34.93
N LYS B 9 48.85 -28.96 35.30
CA LYS B 9 47.43 -28.62 35.25
C LYS B 9 47.04 -28.10 33.84
N VAL B 10 45.86 -28.44 33.33
CA VAL B 10 45.36 -27.73 32.15
C VAL B 10 44.44 -26.63 32.59
N GLU B 11 44.91 -25.38 32.48
CA GLU B 11 44.10 -24.22 32.83
C GLU B 11 43.18 -23.81 31.71
N ALA B 12 42.15 -23.07 32.06
CA ALA B 12 41.24 -22.48 31.11
C ALA B 12 40.55 -21.18 31.65
N PHE B 13 40.41 -20.20 30.77
CA PHE B 13 39.71 -18.99 31.06
C PHE B 13 39.01 -18.55 29.79
N THR B 14 37.90 -17.83 29.93
CA THR B 14 37.24 -17.25 28.80
C THR B 14 36.82 -15.85 29.16
N GLY B 15 36.41 -15.08 28.16
CA GLY B 15 36.02 -13.71 28.39
C GLY B 15 35.21 -13.25 27.22
N PRO B 16 34.68 -12.04 27.32
CA PRO B 16 33.91 -11.47 26.20
C PRO B 16 34.80 -10.74 25.18
N THR B 17 34.39 -10.79 23.90
CA THR B 17 34.77 -9.82 22.86
C THR B 17 33.58 -8.88 22.71
N MET B 18 33.57 -7.95 21.74
CA MET B 18 32.39 -7.09 21.70
C MET B 18 31.11 -7.81 21.34
N GLY B 19 31.06 -8.83 20.52
CA GLY B 19 29.77 -9.54 20.28
C GLY B 19 29.87 -11.03 20.45
N SER B 20 30.90 -11.55 21.11
CA SER B 20 31.18 -12.98 21.11
C SER B 20 32.07 -13.30 22.33
N THR B 21 32.83 -14.40 22.29
CA THR B 21 33.74 -14.79 23.41
C THR B 21 35.11 -15.22 22.93
N TYR B 22 36.07 -15.32 23.85
CA TYR B 22 37.30 -16.04 23.60
C TYR B 22 37.51 -17.06 24.69
N THR B 23 38.39 -18.03 24.46
CA THR B 23 38.70 -19.07 25.45
C THR B 23 40.12 -19.47 25.21
N VAL B 24 40.91 -19.57 26.23
CA VAL B 24 42.26 -19.99 26.11
C VAL B 24 42.32 -21.21 27.00
N LYS B 25 42.92 -22.28 26.53
CA LYS B 25 43.31 -23.40 27.39
C LYS B 25 44.81 -23.60 27.24
N TYR B 26 45.49 -23.97 28.31
CA TYR B 26 46.92 -24.18 28.24
C TYR B 26 47.40 -25.06 29.39
N VAL B 27 48.60 -25.60 29.22
CA VAL B 27 49.21 -26.43 30.27
C VAL B 27 50.15 -25.58 31.09
N ARG B 28 50.06 -25.64 32.40
CA ARG B 28 50.94 -24.85 33.24
C ARG B 28 52.00 -25.72 33.88
N SER B 29 53.28 -25.38 33.73
CA SER B 29 54.36 -26.05 34.50
C SER B 29 54.68 -25.27 35.73
N GLY B 30 55.48 -25.85 36.61
CA GLY B 30 55.84 -25.17 37.88
C GLY B 30 56.27 -23.74 37.58
N ASP B 31 57.14 -23.64 36.57
CA ASP B 31 57.53 -22.38 35.92
C ASP B 31 56.34 -21.55 35.50
N GLY B 32 55.60 -22.10 34.55
CA GLY B 32 54.70 -21.35 33.70
C GLY B 32 53.72 -20.42 34.38
N PRO B 33 53.21 -19.48 33.60
CA PRO B 33 52.52 -18.37 34.19
C PRO B 33 51.12 -18.69 34.71
N ALA B 34 50.67 -17.97 35.75
CA ALA B 34 49.32 -18.14 36.28
C ALA B 34 48.27 -17.73 35.25
N LYS B 35 47.08 -18.28 35.41
CA LYS B 35 46.03 -18.04 34.45
C LYS B 35 45.54 -16.60 34.44
N GLU B 36 45.51 -15.94 35.60
CA GLU B 36 45.08 -14.56 35.66
C GLU B 36 46.08 -13.66 34.94
N VAL B 37 47.33 -14.07 34.88
CA VAL B 37 48.34 -13.28 34.20
C VAL B 37 48.08 -13.26 32.71
N LEU B 38 47.80 -14.42 32.14
CA LEU B 38 47.53 -14.50 30.72
C LEU B 38 46.22 -13.86 30.34
N HIS B 39 45.27 -13.94 31.24
CA HIS B 39 44.01 -13.34 31.04
C HIS B 39 44.20 -11.84 30.83
N GLY B 40 45.13 -11.24 31.57
CA GLY B 40 45.42 -9.82 31.41
C GLY B 40 46.20 -9.53 30.14
N GLU B 41 47.12 -10.42 29.81
CA GLU B 41 47.82 -10.35 28.53
C GLU B 41 46.89 -10.44 27.32
N VAL B 42 45.86 -11.26 27.44
CA VAL B 42 44.91 -11.39 26.38
C VAL B 42 44.05 -10.13 26.33
N GLU B 43 43.59 -9.65 27.46
CA GLU B 43 42.67 -8.51 27.45
C GLU B 43 43.38 -7.23 26.92
N ALA B 44 44.69 -7.14 27.18
CA ALA B 44 45.52 -6.05 26.70
C ALA B 44 45.59 -6.07 25.21
N ILE B 45 45.95 -7.21 24.63
CA ILE B 45 45.95 -7.34 23.17
C ILE B 45 44.59 -6.96 22.60
N LEU B 46 43.51 -7.44 23.20
CA LEU B 46 42.24 -7.12 22.61
C LEU B 46 41.95 -5.63 22.64
N GLY B 47 42.40 -4.93 23.66
CA GLY B 47 42.20 -3.48 23.71
C GLY B 47 42.99 -2.71 22.69
N GLN B 48 44.23 -3.09 22.46
CA GLN B 48 45.02 -2.59 21.39
C GLN B 48 44.33 -2.75 20.02
N LEU B 49 43.76 -3.96 19.75
CA LEU B 49 43.13 -4.22 18.46
C LEU B 49 41.93 -3.34 18.31
N ASP B 50 41.18 -3.20 19.36
CA ASP B 50 39.98 -2.43 19.32
C ASP B 50 40.29 -0.96 19.07
N LYS B 51 41.34 -0.48 19.70
CA LYS B 51 41.75 0.90 19.52
C LYS B 51 42.32 1.14 18.12
N GLN B 52 43.22 0.29 17.65
CA GLN B 52 43.80 0.44 16.30
C GLN B 52 42.90 0.14 15.12
N LEU B 53 42.16 -0.98 15.16
CA LEU B 53 41.43 -1.55 13.97
C LEU B 53 39.91 -1.42 13.93
N SER B 54 39.22 -1.16 15.03
CA SER B 54 37.78 -1.24 15.00
C SER B 54 37.07 -0.06 14.31
N THR B 55 36.32 -0.37 13.26
CA THR B 55 35.43 0.53 12.61
C THR B 55 34.25 0.92 13.50
N TYR B 56 33.96 0.14 14.55
CA TYR B 56 32.80 0.44 15.46
C TYR B 56 33.13 1.44 16.57
N ARG B 57 34.40 1.83 16.67
CA ARG B 57 34.94 2.92 17.53
C ARG B 57 35.36 4.16 16.72
N SER B 58 34.89 5.33 17.11
CA SER B 58 35.10 6.53 16.32
C SER B 58 36.44 7.18 16.65
N ASP B 59 37.05 6.80 17.78
CA ASP B 59 38.41 7.24 18.11
C ASP B 59 39.55 6.30 17.58
N SER B 60 39.22 5.37 16.70
CA SER B 60 40.24 4.42 16.24
C SER B 60 41.17 4.95 15.13
N ASP B 61 42.33 4.34 15.10
CA ASP B 61 43.31 4.67 14.08
C ASP B 61 42.74 4.34 12.69
N VAL B 62 42.13 3.19 12.45
CA VAL B 62 41.50 2.97 11.14
C VAL B 62 40.45 4.04 10.78
N GLU B 63 39.58 4.43 11.71
CA GLU B 63 38.51 5.39 11.38
C GLU B 63 39.12 6.72 11.12
N ARG B 64 40.24 7.00 11.77
CA ARG B 64 40.97 8.22 11.45
C ARG B 64 41.45 8.27 10.01
N PHE B 65 42.02 7.16 9.56
CA PHE B 65 42.27 6.94 8.14
C PHE B 65 41.06 6.98 7.23
N ASN B 66 39.97 6.34 7.62
CA ASN B 66 38.77 6.27 6.77
C ASN B 66 38.17 7.63 6.53
N ALA B 67 38.40 8.54 7.45
CA ALA B 67 37.90 9.91 7.29
C ALA B 67 38.68 10.81 6.34
N LEU B 68 39.89 10.43 5.98
CA LEU B 68 40.69 11.26 5.10
C LEU B 68 40.21 11.19 3.66
N PRO B 69 40.46 12.26 2.90
CA PRO B 69 40.05 12.25 1.51
C PRO B 69 41.09 11.50 0.69
N ALA B 70 40.76 11.29 -0.58
CA ALA B 70 41.69 10.76 -1.57
C ALA B 70 43.04 11.52 -1.64
N GLY B 71 44.08 10.79 -2.03
CA GLY B 71 45.43 11.30 -2.06
C GLY B 71 46.03 11.62 -0.71
N SER B 72 45.50 11.11 0.42
CA SER B 72 46.09 11.42 1.74
C SER B 72 47.14 10.37 2.11
N CYS B 73 48.28 10.79 2.63
CA CYS B 73 49.17 9.82 3.29
C CYS B 73 49.14 10.19 4.77
N GLU B 74 49.14 9.21 5.67
CA GLU B 74 48.86 9.46 7.09
C GLU B 74 49.65 8.50 7.95
N PRO B 75 50.23 8.96 9.07
CA PRO B 75 50.94 7.94 9.91
C PRO B 75 49.94 6.93 10.50
N MET B 76 50.33 5.66 10.54
CA MET B 76 49.46 4.64 11.17
C MET B 76 50.32 3.75 12.02
N PRO B 77 49.72 3.08 12.97
CA PRO B 77 50.51 2.22 13.81
C PRO B 77 50.83 0.87 13.20
N ASP B 78 51.76 0.16 13.85
CA ASP B 78 52.24 -1.13 13.48
C ASP B 78 51.16 -2.18 13.12
N MET B 79 50.15 -2.34 13.94
CA MET B 79 49.11 -3.28 13.58
C MET B 79 48.44 -3.00 12.25
N VAL B 80 48.12 -1.74 12.04
CA VAL B 80 47.42 -1.40 10.86
C VAL B 80 48.28 -1.74 9.63
N ARG B 81 49.52 -1.32 9.65
CA ARG B 81 50.38 -1.60 8.55
C ARG B 81 50.70 -3.11 8.37
N GLU B 82 50.67 -3.88 9.46
CA GLU B 82 51.00 -5.31 9.38
C GLU B 82 49.81 -6.00 8.66
N LEU B 83 48.60 -5.61 8.98
CA LEU B 83 47.46 -6.22 8.34
C LEU B 83 47.24 -5.70 6.96
N VAL B 84 47.66 -4.47 6.64
CA VAL B 84 47.63 -3.97 5.25
C VAL B 84 48.60 -4.80 4.37
N ALA B 85 49.75 -5.09 4.94
CA ALA B 85 50.69 -5.95 4.28
C ALA B 85 50.12 -7.39 4.10
N ALA B 86 49.69 -8.02 5.18
CA ALA B 86 49.10 -9.34 5.06
C ALA B 86 47.92 -9.38 4.10
N GLY B 87 47.13 -8.33 4.14
CA GLY B 87 45.95 -8.24 3.28
C GLY B 87 46.26 -8.05 1.80
N SER B 88 47.37 -7.39 1.52
CA SER B 88 47.90 -7.23 0.16
C SER B 88 48.37 -8.55 -0.47
N GLN B 89 49.12 -9.31 0.33
CA GLN B 89 49.55 -10.65 -0.05
C GLN B 89 48.34 -11.58 -0.24
N LEU B 90 47.39 -11.54 0.68
CA LEU B 90 46.18 -12.32 0.52
C LEU B 90 45.48 -11.99 -0.75
N SER B 91 45.38 -10.72 -1.04
CA SER B 91 44.75 -10.30 -2.27
C SER B 91 45.42 -10.88 -3.52
N ALA B 92 46.73 -10.80 -3.57
CA ALA B 92 47.46 -11.34 -4.69
C ALA B 92 47.36 -12.84 -4.80
N ASP B 93 47.46 -13.52 -3.66
CA ASP B 93 47.34 -15.00 -3.59
C ASP B 93 45.96 -15.49 -4.01
N SER B 94 44.94 -14.69 -3.80
CA SER B 94 43.61 -15.15 -4.04
C SER B 94 42.96 -14.51 -5.27
N ASP B 95 43.78 -14.13 -6.27
CA ASP B 95 43.32 -13.34 -7.46
C ASP B 95 42.26 -12.21 -7.19
N GLY B 96 42.45 -11.44 -6.11
CA GLY B 96 41.59 -10.29 -5.83
C GLY B 96 40.31 -10.58 -5.07
N ALA B 97 40.10 -11.85 -4.70
CA ALA B 97 38.93 -12.28 -3.87
C ALA B 97 38.94 -11.66 -2.48
N PHE B 98 40.12 -11.56 -1.92
CA PHE B 98 40.30 -10.91 -0.66
C PHE B 98 40.56 -9.43 -0.89
N ASP B 99 39.80 -8.61 -0.17
CA ASP B 99 39.89 -7.18 -0.24
C ASP B 99 39.51 -6.51 1.09
N LEU B 100 40.38 -5.63 1.56
CA LEU B 100 40.11 -4.86 2.78
C LEU B 100 39.24 -3.65 2.59
N THR B 101 38.95 -3.28 1.35
CA THR B 101 38.44 -1.96 1.05
C THR B 101 36.97 -1.93 0.69
N LEU B 102 36.22 -2.94 1.11
CA LEU B 102 34.81 -3.01 0.76
C LEU B 102 33.86 -2.12 1.57
N GLU B 103 34.28 -1.59 2.74
CA GLU B 103 33.33 -0.77 3.57
C GLU B 103 32.33 -0.03 2.71
N PRO B 104 32.79 0.82 1.78
CA PRO B 104 31.76 1.53 1.03
C PRO B 104 30.70 0.68 0.30
N LEU B 105 30.97 -0.58 -0.02
CA LEU B 105 29.95 -1.51 -0.52
C LEU B 105 29.23 -2.26 0.64
N LEU B 106 29.94 -2.50 1.74
CA LEU B 106 29.31 -2.91 3.03
C LEU B 106 28.27 -1.88 3.55
N ASN B 107 28.68 -0.61 3.73
CA ASN B 107 27.78 0.49 4.16
C ASN B 107 26.63 0.76 3.17
N LEU B 108 26.81 0.45 1.89
CA LEU B 108 25.72 0.58 0.94
C LEU B 108 24.72 -0.54 1.10
N SER B 122 20.44 0.39 -5.59
CA SER B 122 20.30 0.64 -7.03
C SER B 122 21.50 0.04 -7.79
N ALA B 123 21.68 0.39 -9.07
CA ALA B 123 22.91 0.16 -9.89
C ALA B 123 23.75 1.43 -10.20
N GLU B 124 23.30 2.60 -9.76
CA GLU B 124 24.08 3.83 -9.84
C GLU B 124 24.98 3.89 -8.63
N ASP B 125 24.40 3.83 -7.43
CA ASP B 125 25.14 3.94 -6.14
C ASP B 125 26.30 2.92 -6.03
N ILE B 126 26.07 1.71 -6.59
CA ILE B 126 27.06 0.58 -6.73
C ILE B 126 28.31 0.99 -7.53
N SER B 127 28.08 1.51 -8.72
CA SER B 127 29.14 1.99 -9.59
C SER B 127 30.04 3.08 -8.96
N ALA B 128 29.41 4.10 -8.35
CA ALA B 128 30.07 5.23 -7.62
C ALA B 128 30.90 4.75 -6.45
N ALA B 129 30.32 3.82 -5.67
CA ALA B 129 30.95 3.21 -4.50
C ALA B 129 32.13 2.28 -4.86
N ARG B 130 32.03 1.53 -5.96
CA ARG B 130 33.17 0.73 -6.40
C ARG B 130 34.35 1.54 -6.84
N ALA B 131 34.14 2.80 -7.24
CA ALA B 131 35.25 3.74 -7.48
C ALA B 131 36.00 4.19 -6.23
N LEU B 132 35.38 4.01 -5.05
CA LEU B 132 36.00 4.26 -3.75
C LEU B 132 36.59 3.00 -3.10
N THR B 133 36.68 1.93 -3.89
CA THR B 133 37.29 0.68 -3.45
C THR B 133 38.48 0.33 -4.33
N GLY B 134 39.20 -0.72 -3.92
CA GLY B 134 40.35 -1.25 -4.63
C GLY B 134 41.66 -1.27 -3.84
N GLN B 135 42.08 -2.45 -3.42
CA GLN B 135 43.40 -2.70 -2.79
C GLN B 135 44.66 -2.05 -3.53
N GLN B 136 44.61 -1.96 -4.84
CA GLN B 136 45.68 -1.35 -5.61
C GLN B 136 45.91 0.14 -5.27
N HIS B 137 44.85 0.82 -4.84
CA HIS B 137 44.92 2.21 -4.37
C HIS B 137 45.49 2.43 -2.96
N LEU B 138 45.92 1.39 -2.27
CA LEU B 138 46.37 1.46 -0.88
C LEU B 138 47.82 1.04 -0.83
N SER B 139 48.67 1.80 -0.15
CA SER B 139 50.12 1.54 -0.09
C SER B 139 50.65 1.92 1.28
N ILE B 140 51.74 1.33 1.67
CA ILE B 140 52.41 1.64 2.87
C ILE B 140 53.66 2.41 2.47
N ASP B 141 53.84 3.63 2.93
CA ASP B 141 55.02 4.45 2.64
C ASP B 141 55.65 4.75 3.97
N GLY B 142 56.77 4.13 4.23
CA GLY B 142 57.41 4.25 5.52
C GLY B 142 56.50 3.75 6.60
N ASP B 143 56.11 4.66 7.49
CA ASP B 143 55.22 4.42 8.63
C ASP B 143 53.87 5.00 8.30
N ARG B 144 53.59 5.26 7.03
CA ARG B 144 52.32 5.87 6.64
C ARG B 144 51.46 4.92 5.83
N LEU B 145 50.18 5.19 5.76
CA LEU B 145 49.36 4.55 4.80
C LEU B 145 48.95 5.60 3.85
N CYS B 146 49.07 5.33 2.55
CA CYS B 146 48.60 6.26 1.49
C CYS B 146 47.44 5.67 0.85
N LYS B 147 46.42 6.46 0.52
CA LYS B 147 45.30 6.00 -0.30
C LYS B 147 45.18 6.93 -1.48
N ALA B 148 44.94 6.36 -2.65
CA ALA B 148 44.79 7.13 -3.85
C ALA B 148 43.34 7.46 -4.21
N VAL B 149 42.37 6.73 -3.63
CA VAL B 149 40.95 7.13 -3.71
C VAL B 149 40.42 7.31 -2.28
N ALA B 150 39.13 7.69 -2.13
CA ALA B 150 38.48 7.80 -0.78
C ALA B 150 38.14 6.43 -0.09
N LEU B 151 39.21 5.66 0.21
CA LEU B 151 39.13 4.25 0.71
C LEU B 151 38.62 4.22 2.11
N GLN B 152 37.89 3.17 2.39
CA GLN B 152 37.51 2.86 3.74
C GLN B 152 37.81 1.40 4.04
N LEU B 153 38.68 1.18 5.02
CA LEU B 153 39.17 -0.13 5.31
C LEU B 153 38.31 -0.79 6.38
N ASP B 154 38.25 -2.11 6.33
CA ASP B 154 37.68 -2.93 7.38
C ASP B 154 38.62 -4.12 7.53
N PHE B 155 38.85 -4.57 8.75
CA PHE B 155 39.79 -5.62 9.04
C PHE B 155 39.15 -6.90 9.56
N ASN B 156 37.84 -6.91 9.74
CA ASN B 156 37.15 -8.07 10.24
C ASN B 156 37.35 -9.40 9.53
N SER B 157 37.70 -9.43 8.25
CA SER B 157 38.07 -10.70 7.59
C SER B 157 39.35 -11.36 8.19
N ILE B 158 40.17 -10.60 8.92
CA ILE B 158 41.47 -11.16 9.48
C ILE B 158 41.82 -10.82 10.91
N ALA B 159 41.01 -9.97 11.56
CA ALA B 159 41.38 -9.42 12.85
C ALA B 159 41.48 -10.54 13.85
N ALA B 160 40.47 -11.41 13.84
CA ALA B 160 40.39 -12.44 14.85
C ALA B 160 41.52 -13.48 14.71
N GLY B 161 41.92 -13.77 13.49
CA GLY B 161 43.01 -14.71 13.29
C GLY B 161 44.32 -14.09 13.68
N TYR B 162 44.44 -12.79 13.41
CA TYR B 162 45.59 -11.98 13.91
C TYR B 162 45.69 -12.04 15.42
N ALA B 163 44.51 -11.89 16.05
CA ALA B 163 44.47 -11.83 17.51
C ALA B 163 44.88 -13.16 18.09
N VAL B 164 44.49 -14.25 17.47
CA VAL B 164 44.93 -15.56 17.88
C VAL B 164 46.46 -15.64 17.76
N ASP B 165 47.02 -15.28 16.61
CA ASP B 165 48.47 -15.34 16.46
C ASP B 165 49.19 -14.51 17.52
N LEU B 166 48.67 -13.32 17.82
CA LEU B 166 49.27 -12.45 18.87
C LEU B 166 49.26 -13.01 20.30
N VAL B 167 48.11 -13.51 20.71
CA VAL B 167 47.99 -14.21 21.98
C VAL B 167 48.97 -15.35 22.02
N ILE B 168 49.00 -16.18 20.99
CA ILE B 168 49.97 -17.27 20.95
C ILE B 168 51.42 -16.81 21.07
N ASP B 169 51.83 -15.75 20.41
CA ASP B 169 53.21 -15.23 20.57
C ASP B 169 53.54 -14.88 22.01
N ARG B 170 52.58 -14.31 22.73
CA ARG B 170 52.80 -13.92 24.13
C ARG B 170 52.86 -15.10 25.03
N LEU B 171 51.96 -16.06 24.81
CA LEU B 171 51.99 -17.30 25.55
C LEU B 171 53.36 -17.96 25.43
N LYS B 172 53.94 -17.92 24.24
CA LYS B 172 55.22 -18.55 23.99
C LYS B 172 56.35 -17.75 24.58
N ALA B 173 56.30 -16.44 24.46
CA ALA B 173 57.28 -15.61 25.12
C ALA B 173 57.22 -15.76 26.65
N LEU B 174 56.07 -16.10 27.24
CA LEU B 174 55.93 -16.37 28.67
C LEU B 174 56.19 -17.77 29.10
N GLY B 175 56.61 -18.60 28.18
CA GLY B 175 57.01 -20.00 28.48
C GLY B 175 56.12 -21.13 28.02
N VAL B 176 54.87 -20.85 27.70
CA VAL B 176 53.88 -21.89 27.48
C VAL B 176 54.19 -22.63 26.20
N GLN B 177 53.99 -23.92 26.20
CA GLN B 177 54.32 -24.78 25.04
C GLN B 177 53.12 -25.49 24.47
N SER B 178 52.10 -25.75 25.29
CA SER B 178 50.94 -26.48 24.85
C SER B 178 49.67 -25.67 25.16
N TYR B 179 48.87 -25.40 24.14
CA TYR B 179 47.74 -24.41 24.23
C TYR B 179 46.64 -24.63 23.19
N LEU B 180 45.49 -24.03 23.41
CA LEU B 180 44.42 -23.92 22.40
C LEU B 180 43.85 -22.55 22.69
N VAL B 181 43.89 -21.70 21.68
CA VAL B 181 43.45 -20.35 21.85
C VAL B 181 42.37 -20.17 20.84
N GLU B 182 41.16 -19.81 21.23
CA GLU B 182 40.02 -19.65 20.31
C GLU B 182 39.47 -18.24 20.49
N ILE B 183 39.45 -17.40 19.45
CA ILE B 183 38.88 -16.07 19.61
C ILE B 183 37.79 -15.89 18.56
N THR B 184 36.52 -15.84 18.99
CA THR B 184 35.37 -15.79 18.08
C THR B 184 35.33 -16.87 16.98
N GLY B 185 35.75 -18.09 17.26
CA GLY B 185 35.67 -19.15 16.27
C GLY B 185 36.97 -19.44 15.56
N GLU B 186 37.80 -18.44 15.39
CA GLU B 186 39.15 -18.71 14.90
C GLU B 186 39.94 -19.37 16.04
N LEU B 187 40.76 -20.37 15.74
CA LEU B 187 41.61 -20.91 16.77
C LEU B 187 42.86 -21.55 16.24
N LYS B 188 43.73 -21.90 17.18
CA LYS B 188 44.96 -22.57 16.84
C LYS B 188 45.39 -23.37 18.09
N ALA B 189 46.15 -24.44 17.93
CA ALA B 189 46.63 -25.16 19.07
C ALA B 189 47.93 -25.80 18.74
N GLU B 190 48.66 -26.13 19.77
CA GLU B 190 49.96 -26.72 19.57
C GLU B 190 50.30 -27.50 20.81
N GLY B 191 51.21 -28.46 20.66
CA GLY B 191 51.58 -29.40 21.71
C GLY B 191 50.49 -30.41 22.10
N ARG B 192 50.70 -31.08 23.25
CA ARG B 192 49.80 -32.14 23.74
C ARG B 192 49.46 -31.94 25.20
N LYS B 193 48.36 -32.53 25.65
CA LYS B 193 47.93 -32.41 27.05
C LYS B 193 48.78 -33.33 27.94
N PRO B 194 48.68 -33.17 29.28
CA PRO B 194 49.63 -33.93 30.18
C PRO B 194 49.50 -35.44 30.00
N ASP B 195 48.25 -35.95 29.94
CA ASP B 195 48.00 -37.38 29.64
C ASP B 195 48.50 -37.88 28.30
N GLY B 196 49.00 -37.00 27.44
CA GLY B 196 49.51 -37.35 26.09
C GLY B 196 48.52 -37.15 24.95
N SER B 197 47.26 -36.85 25.26
CA SER B 197 46.28 -36.58 24.22
C SER B 197 46.48 -35.23 23.49
N PRO B 198 46.12 -35.20 22.19
CA PRO B 198 46.25 -33.99 21.38
C PRO B 198 45.03 -33.07 21.51
N TRP B 199 45.19 -31.84 21.04
CA TRP B 199 44.07 -30.93 20.96
C TRP B 199 43.32 -31.23 19.64
N ARG B 200 42.01 -31.31 19.73
CA ARG B 200 41.18 -31.74 18.65
C ARG B 200 40.11 -30.70 18.42
N ILE B 201 39.76 -30.45 17.17
CA ILE B 201 38.63 -29.59 16.85
C ILE B 201 37.73 -30.42 15.94
N ALA B 202 36.43 -30.04 15.91
CA ALA B 202 35.43 -30.73 15.08
C ALA B 202 34.93 -29.85 13.98
N ILE B 203 35.09 -30.29 12.72
CA ILE B 203 34.52 -29.56 11.57
C ILE B 203 33.16 -30.18 11.20
N GLU B 204 32.15 -29.34 10.98
CA GLU B 204 30.81 -29.82 10.65
C GLU B 204 30.77 -30.28 9.22
N ALA B 205 30.11 -31.43 8.97
CA ALA B 205 30.21 -32.19 7.72
C ALA B 205 28.89 -32.83 7.37
N PRO B 206 27.87 -31.98 7.19
CA PRO B 206 26.57 -32.55 6.91
C PRO B 206 26.50 -33.29 5.58
N ARG B 207 25.52 -34.15 5.50
CA ARG B 207 25.26 -35.05 4.37
C ARG B 207 23.81 -34.87 3.93
N ASP B 208 23.37 -35.79 3.10
CA ASP B 208 22.01 -35.83 2.67
C ASP B 208 21.14 -36.27 3.83
N ASP B 209 19.99 -35.63 3.89
CA ASP B 209 18.93 -35.92 4.87
C ASP B 209 19.35 -35.59 6.30
N GLN B 210 19.64 -34.33 6.62
CA GLN B 210 20.02 -33.90 7.99
C GLN B 210 21.01 -34.89 8.65
N ARG B 211 22.21 -35.08 8.06
CA ARG B 211 23.11 -36.10 8.59
C ARG B 211 23.95 -35.58 9.73
N VAL B 212 24.52 -34.40 9.74
CA VAL B 212 25.31 -33.92 10.90
C VAL B 212 26.49 -34.78 11.38
N ALA B 213 27.35 -35.20 10.45
CA ALA B 213 28.60 -35.88 10.80
C ALA B 213 29.61 -34.84 11.17
N GLN B 214 30.76 -35.28 11.67
CA GLN B 214 31.86 -34.37 11.99
C GLN B 214 33.16 -34.95 11.64
N LYS B 215 34.02 -34.13 11.05
CA LYS B 215 35.39 -34.52 10.80
C LYS B 215 36.17 -33.99 12.01
N ILE B 216 36.88 -34.86 12.71
CA ILE B 216 37.69 -34.51 13.86
C ILE B 216 39.10 -34.41 13.37
N VAL B 217 39.79 -33.31 13.67
CA VAL B 217 41.20 -33.17 13.31
C VAL B 217 42.02 -32.83 14.54
N GLU B 218 43.24 -33.37 14.57
CA GLU B 218 44.22 -33.07 15.62
C GLU B 218 45.09 -31.87 15.21
N LEU B 219 45.14 -30.81 16.06
CA LEU B 219 45.87 -29.59 15.71
C LEU B 219 47.11 -29.57 16.48
N ASP B 220 48.22 -29.54 15.78
CA ASP B 220 49.51 -29.35 16.42
C ASP B 220 50.29 -28.38 15.55
N GLY B 221 50.23 -27.11 15.91
CA GLY B 221 50.99 -26.08 15.24
C GLY B 221 50.20 -25.48 14.10
N MET B 222 48.86 -25.59 14.13
CA MET B 222 48.02 -25.23 12.99
C MET B 222 46.79 -24.48 13.46
N GLY B 223 46.44 -23.41 12.76
CA GLY B 223 45.22 -22.63 13.02
C GLY B 223 44.12 -23.06 12.10
N VAL B 224 42.90 -22.75 12.49
CA VAL B 224 41.70 -23.16 11.75
C VAL B 224 40.80 -21.95 11.64
N SER B 225 40.12 -21.81 10.53
CA SER B 225 39.15 -20.75 10.41
C SER B 225 38.02 -21.19 9.48
N THR B 226 36.77 -20.97 9.89
CA THR B 226 35.62 -21.34 9.13
C THR B 226 34.83 -20.12 8.76
N SER B 227 34.63 -19.87 7.49
CA SER B 227 33.72 -18.85 7.03
C SER B 227 32.38 -19.44 6.67
N GLY B 228 31.30 -18.84 7.16
CA GLY B 228 29.95 -19.41 7.05
C GLY B 228 29.66 -20.46 8.11
N ASP B 229 28.39 -20.79 8.26
CA ASP B 229 27.94 -21.91 9.07
C ASP B 229 26.81 -22.50 8.24
N TYR B 230 26.84 -23.81 8.04
CA TYR B 230 25.90 -24.44 7.12
C TYR B 230 24.47 -24.23 7.59
N ARG B 231 24.28 -24.29 8.91
CA ARG B 231 22.98 -24.00 9.53
C ARG B 231 22.37 -22.66 9.15
N ASN B 232 23.15 -21.67 8.68
CA ASN B 232 22.61 -20.40 8.19
C ASN B 232 22.83 -20.28 6.73
N TYR B 233 22.07 -21.00 5.97
CA TYR B 233 22.15 -20.88 4.53
C TYR B 233 20.72 -20.45 4.17
N PHE B 234 20.47 -19.19 3.65
CA PHE B 234 19.12 -18.56 3.36
C PHE B 234 19.00 -18.26 1.93
N GLU B 235 17.90 -18.75 1.38
CA GLU B 235 17.49 -18.54 -0.02
C GLU B 235 16.10 -17.92 -0.01
N ARG B 240 20.03 -16.67 -3.32
CA ARG B 240 20.78 -16.79 -2.09
C ARG B 240 21.02 -15.43 -1.41
N TYR B 241 20.66 -15.38 -0.13
CA TYR B 241 20.88 -14.19 0.63
C TYR B 241 22.15 -14.34 1.45
N SER B 242 23.04 -13.37 1.41
CA SER B 242 24.26 -13.41 2.27
C SER B 242 24.81 -12.02 2.46
N HIS B 243 25.70 -11.88 3.44
CA HIS B 243 26.36 -10.61 3.69
C HIS B 243 27.75 -10.63 3.02
N THR B 244 28.02 -11.58 2.13
CA THR B 244 29.30 -11.67 1.46
C THR B 244 29.22 -11.11 0.05
N LEU B 245 30.20 -10.29 -0.32
CA LEU B 245 30.21 -9.66 -1.64
C LEU B 245 31.44 -9.96 -2.39
N ASP B 246 31.26 -10.07 -3.70
CA ASP B 246 32.34 -10.09 -4.66
C ASP B 246 33.00 -8.70 -4.69
N PRO B 247 34.32 -8.63 -4.59
CA PRO B 247 34.96 -7.36 -4.83
C PRO B 247 34.74 -6.94 -6.28
N GLN B 248 34.78 -7.92 -7.18
CA GLN B 248 34.59 -7.62 -8.59
C GLN B 248 33.19 -7.16 -9.04
N SER B 249 32.17 -7.81 -8.54
CA SER B 249 30.81 -7.42 -8.89
C SER B 249 30.24 -6.88 -7.62
N GLY B 250 29.94 -5.62 -7.57
CA GLY B 250 29.51 -5.00 -6.30
C GLY B 250 28.54 -5.84 -5.48
N GLN B 251 27.69 -6.60 -6.15
CA GLN B 251 26.60 -7.35 -5.52
C GLN B 251 27.01 -8.60 -4.75
N PRO B 252 26.23 -8.97 -3.72
CA PRO B 252 26.54 -10.16 -2.95
C PRO B 252 26.57 -11.41 -3.86
N ILE B 253 27.23 -12.43 -3.30
CA ILE B 253 27.45 -13.75 -3.92
C ILE B 253 26.18 -14.55 -4.20
N GLU B 254 26.16 -15.22 -5.33
CA GLU B 254 24.99 -15.99 -5.74
C GLU B 254 25.09 -17.51 -5.62
N HIS B 255 26.33 -18.00 -5.41
CA HIS B 255 26.66 -19.43 -5.44
C HIS B 255 26.19 -20.23 -4.18
N HIS B 256 26.57 -21.49 -4.06
CA HIS B 256 25.98 -22.33 -3.04
C HIS B 256 26.90 -22.74 -1.88
N LEU B 257 28.13 -22.28 -1.84
CA LEU B 257 29.04 -22.56 -0.71
C LEU B 257 28.52 -22.09 0.62
N ALA B 258 28.20 -23.05 1.46
CA ALA B 258 27.59 -22.76 2.75
C ALA B 258 28.59 -22.53 3.89
N ALA B 259 29.75 -23.14 3.79
CA ALA B 259 30.78 -23.05 4.82
C ALA B 259 32.10 -23.46 4.17
N VAL B 260 33.22 -22.93 4.62
CA VAL B 260 34.51 -23.41 4.12
C VAL B 260 35.43 -23.21 5.28
N THR B 261 36.24 -24.22 5.58
CA THR B 261 37.21 -24.23 6.67
C THR B 261 38.60 -24.24 6.05
N VAL B 262 39.51 -23.40 6.50
CA VAL B 262 40.90 -23.47 6.06
C VAL B 262 41.79 -23.78 7.24
N ILE B 263 42.85 -24.54 7.02
CA ILE B 263 43.79 -24.87 8.06
C ILE B 263 45.17 -24.45 7.53
N ASP B 264 45.84 -23.61 8.31
CA ASP B 264 47.12 -23.04 7.91
C ASP B 264 47.86 -22.82 9.16
N LYS B 265 49.17 -22.96 9.13
CA LYS B 265 49.95 -22.67 10.30
C LYS B 265 49.74 -21.24 10.82
N SER B 266 49.37 -20.27 9.99
CA SER B 266 49.08 -18.95 10.47
C SER B 266 47.63 -18.75 10.59
N THR B 267 47.18 -18.35 11.78
CA THR B 267 45.73 -18.16 11.96
C THR B 267 45.28 -16.97 11.17
N LEU B 268 46.14 -15.99 11.01
CA LEU B 268 45.75 -14.84 10.21
C LEU B 268 45.43 -15.33 8.80
N ARG B 269 46.37 -16.06 8.22
CA ARG B 269 46.20 -16.56 6.88
C ARG B 269 44.99 -17.43 6.73
N ALA B 270 44.73 -18.29 7.70
CA ALA B 270 43.53 -19.09 7.61
C ALA B 270 42.26 -18.23 7.58
N ASP B 271 42.18 -17.19 8.38
CA ASP B 271 40.96 -16.34 8.44
C ASP B 271 40.72 -15.52 7.12
N GLY B 272 41.86 -15.16 6.50
CA GLY B 272 41.84 -14.49 5.21
C GLY B 272 41.47 -15.41 4.07
N LEU B 273 42.12 -16.57 4.01
CA LEU B 273 41.88 -17.48 2.87
C LEU B 273 40.44 -17.98 2.92
N SER B 274 39.95 -18.20 4.13
CA SER B 274 38.63 -18.76 4.27
C SER B 274 37.63 -17.71 3.83
N THR B 275 37.93 -16.43 3.99
CA THR B 275 37.09 -15.36 3.50
C THR B 275 37.11 -15.30 1.98
N ALA B 276 38.28 -15.59 1.42
CA ALA B 276 38.52 -15.51 -0.02
C ALA B 276 37.78 -16.65 -0.74
N LEU B 277 37.86 -17.86 -0.16
CA LEU B 277 37.23 -19.05 -0.68
C LEU B 277 35.76 -18.87 -0.70
N MET B 278 35.23 -18.29 0.38
CA MET B 278 33.77 -18.08 0.44
C MET B 278 33.38 -17.13 -0.68
N VAL B 279 34.21 -16.14 -0.99
CA VAL B 279 33.91 -15.20 -2.03
C VAL B 279 33.83 -15.96 -3.29
N LEU B 280 34.80 -16.83 -3.52
CA LEU B 280 35.03 -17.45 -4.83
C LEU B 280 34.01 -18.50 -5.16
N GLY B 281 33.63 -19.26 -4.15
CA GLY B 281 32.53 -20.22 -4.25
C GLY B 281 33.10 -21.58 -4.41
N PRO B 282 32.23 -22.60 -4.52
CA PRO B 282 32.63 -23.99 -4.51
C PRO B 282 33.54 -24.41 -5.68
N GLU B 283 33.42 -23.79 -6.84
CA GLU B 283 34.26 -24.19 -7.95
C GLU B 283 35.53 -23.44 -7.96
N LYS B 284 35.44 -22.12 -8.09
CA LYS B 284 36.65 -21.33 -8.18
C LYS B 284 37.53 -21.46 -6.92
N GLY B 285 36.86 -21.67 -5.78
CA GLY B 285 37.55 -21.84 -4.51
C GLY B 285 38.38 -23.10 -4.45
N LEU B 286 37.78 -24.18 -4.93
CA LEU B 286 38.49 -25.42 -5.06
C LEU B 286 39.63 -25.33 -6.04
N ALA B 287 39.41 -24.63 -7.12
CA ALA B 287 40.48 -24.48 -8.12
C ALA B 287 41.66 -23.74 -7.49
N LEU B 288 41.32 -22.62 -6.84
CA LEU B 288 42.33 -21.81 -6.16
C LEU B 288 43.11 -22.63 -5.12
N ALA B 289 42.35 -23.37 -4.33
CA ALA B 289 42.91 -24.06 -3.21
C ALA B 289 43.88 -25.09 -3.66
N GLU B 290 43.54 -25.83 -4.73
CA GLU B 290 44.34 -26.95 -5.23
C GLU B 290 45.56 -26.39 -5.90
N ARG B 291 45.35 -25.32 -6.69
CA ARG B 291 46.45 -24.55 -7.28
C ARG B 291 47.44 -24.05 -6.23
N ASN B 292 46.92 -23.43 -5.18
CA ASN B 292 47.74 -22.89 -4.05
C ASN B 292 48.23 -23.85 -2.97
N GLY B 293 47.61 -25.02 -2.82
CA GLY B 293 48.07 -26.02 -1.86
C GLY B 293 47.49 -25.80 -0.48
N ILE B 294 46.31 -25.24 -0.44
CA ILE B 294 45.64 -24.90 0.76
C ILE B 294 44.79 -26.09 1.22
N ALA B 295 44.89 -26.34 2.52
CA ALA B 295 44.11 -27.34 3.19
C ALA B 295 42.75 -26.76 3.48
N ALA B 296 41.71 -27.25 2.83
CA ALA B 296 40.40 -26.70 3.04
C ALA B 296 39.29 -27.73 2.87
N PHE B 297 38.17 -27.42 3.52
CA PHE B 297 37.00 -28.31 3.63
C PHE B 297 35.74 -27.50 3.31
N PHE B 298 35.08 -27.79 2.18
CA PHE B 298 33.97 -27.00 1.69
C PHE B 298 32.63 -27.66 2.04
N VAL B 299 31.61 -26.91 2.40
CA VAL B 299 30.28 -27.50 2.53
C VAL B 299 29.35 -26.82 1.59
N VAL B 300 28.80 -27.57 0.65
CA VAL B 300 28.12 -27.01 -0.54
C VAL B 300 26.68 -27.43 -0.53
N ARG B 301 25.76 -26.50 -0.78
CA ARG B 301 24.33 -26.81 -0.87
C ARG B 301 24.06 -27.52 -2.18
N GLU B 302 23.53 -28.75 -2.10
CA GLU B 302 23.19 -29.59 -3.27
C GLU B 302 21.91 -30.35 -3.08
N GLY B 303 20.83 -29.87 -3.67
CA GLY B 303 19.56 -30.58 -3.71
C GLY B 303 18.95 -30.93 -2.37
N GLN B 304 18.59 -29.88 -1.61
CA GLN B 304 18.02 -30.03 -0.25
C GLN B 304 18.78 -31.11 0.56
N GLY B 305 19.98 -30.71 0.96
CA GLY B 305 21.03 -31.55 1.53
C GLY B 305 22.34 -30.81 1.27
N PHE B 306 23.46 -31.43 1.62
CA PHE B 306 24.78 -30.80 1.56
C PHE B 306 25.83 -31.77 1.05
N VAL B 307 26.75 -31.37 0.20
CA VAL B 307 27.90 -32.23 -0.11
C VAL B 307 29.11 -31.54 0.46
N THR B 308 30.07 -32.36 0.92
CA THR B 308 31.37 -31.89 1.39
C THR B 308 32.51 -32.24 0.46
N THR B 309 33.44 -31.34 0.25
CA THR B 309 34.61 -31.59 -0.57
C THR B 309 35.84 -31.06 0.11
N SER B 310 36.86 -31.87 0.18
CA SER B 310 38.10 -31.57 0.85
C SER B 310 39.22 -31.42 -0.21
N THR B 311 40.26 -30.65 0.08
CA THR B 311 41.36 -30.45 -0.87
C THR B 311 42.38 -31.53 -0.62
N LYS B 312 43.34 -31.55 -1.52
CA LYS B 312 44.42 -32.51 -1.48
C LYS B 312 45.32 -32.28 -0.29
N ALA B 313 45.71 -31.02 -0.10
CA ALA B 313 46.50 -30.60 1.07
C ALA B 313 45.81 -30.93 2.40
N PHE B 314 44.50 -30.76 2.45
CA PHE B 314 43.73 -31.18 3.58
C PHE B 314 43.79 -32.70 3.75
N ASP B 315 43.60 -33.48 2.68
CA ASP B 315 43.61 -34.95 2.80
C ASP B 315 44.97 -35.49 3.27
N GLU B 316 46.10 -34.91 2.79
CA GLU B 316 47.43 -35.34 3.25
C GLU B 316 47.59 -35.14 4.75
N LEU B 317 47.12 -34.01 5.25
CA LEU B 317 47.21 -33.69 6.65
C LEU B 317 46.26 -34.52 7.50
N PHE B 318 45.03 -34.76 7.05
CA PHE B 318 44.00 -35.36 7.93
C PHE B 318 43.25 -36.64 7.48
N GLY B 319 43.59 -37.25 6.33
CA GLY B 319 42.83 -38.38 5.75
C GLY B 319 41.60 -37.90 5.03
N ALA B 320 41.05 -38.69 4.15
CA ALA B 320 39.82 -38.31 3.42
C ALA B 320 38.51 -38.66 4.18
N GLY B 321 38.56 -39.51 5.22
CA GLY B 321 37.37 -40.11 5.85
C GLY B 321 36.49 -39.26 6.78
N VAL B 322 35.43 -39.91 7.31
CA VAL B 322 34.54 -39.34 8.37
C VAL B 322 33.84 -40.53 9.05
N MET C 3 -23.00 46.75 -50.77
CA MET C 3 -23.53 47.91 -49.98
C MET C 3 -22.76 49.18 -50.30
N ASP C 4 -23.31 50.26 -49.82
CA ASP C 4 -22.83 51.61 -50.06
C ASP C 4 -22.33 52.19 -48.74
N LEU C 5 -21.35 53.08 -48.84
CA LEU C 5 -20.68 53.66 -47.65
C LEU C 5 -21.48 54.67 -46.87
N PHE C 6 -22.30 55.46 -47.56
CA PHE C 6 -23.19 56.43 -46.90
C PHE C 6 -24.58 55.88 -47.12
N GLN C 7 -25.25 55.56 -46.02
CA GLN C 7 -26.47 54.77 -46.09
C GLN C 7 -27.14 54.81 -44.71
N ASP C 8 -28.45 55.05 -44.68
CA ASP C 8 -29.23 54.98 -43.44
C ASP C 8 -28.96 53.64 -42.66
N LYS C 9 -28.73 53.74 -41.35
CA LYS C 9 -28.53 52.56 -40.51
C LYS C 9 -29.81 51.80 -40.11
N VAL C 10 -29.84 50.47 -40.31
CA VAL C 10 -30.90 49.63 -39.74
C VAL C 10 -30.55 49.31 -38.29
N GLU C 11 -31.17 50.00 -37.35
CA GLU C 11 -31.00 49.72 -35.91
C GLU C 11 -31.81 48.50 -35.47
N ALA C 12 -31.42 47.94 -34.33
CA ALA C 12 -32.24 46.95 -33.65
C ALA C 12 -32.07 47.09 -32.14
N PHE C 13 -33.18 46.84 -31.43
CA PHE C 13 -33.13 46.58 -30.00
C PHE C 13 -34.13 45.51 -29.62
N THR C 14 -33.85 44.85 -28.51
CA THR C 14 -34.65 43.75 -27.94
C THR C 14 -34.70 43.86 -26.43
N GLY C 15 -35.74 43.31 -25.83
CA GLY C 15 -35.89 43.39 -24.41
C GLY C 15 -36.81 42.32 -23.90
N PRO C 16 -36.99 42.30 -22.57
CA PRO C 16 -37.87 41.33 -21.90
C PRO C 16 -39.32 41.80 -21.64
N THR C 17 -40.28 40.94 -21.99
CA THR C 17 -41.66 41.00 -21.47
C THR C 17 -41.66 40.08 -20.26
N MET C 18 -42.71 40.02 -19.42
CA MET C 18 -42.74 38.98 -18.38
C MET C 18 -42.95 37.70 -19.22
N GLY C 19 -41.96 36.83 -19.23
CA GLY C 19 -42.06 35.53 -19.90
C GLY C 19 -41.70 35.40 -21.36
N SER C 20 -41.19 36.44 -22.00
CA SER C 20 -40.79 36.34 -23.43
C SER C 20 -40.02 37.58 -23.82
N THR C 21 -39.96 37.85 -25.12
CA THR C 21 -39.24 39.03 -25.61
C THR C 21 -39.95 39.74 -26.77
N TYR C 22 -39.50 40.98 -26.95
CA TYR C 22 -39.79 41.83 -28.10
C TYR C 22 -38.49 42.19 -28.83
N THR C 23 -38.66 42.61 -30.06
CA THR C 23 -37.57 43.08 -30.89
C THR C 23 -38.15 44.15 -31.81
N VAL C 24 -37.50 45.30 -31.84
CA VAL C 24 -37.83 46.35 -32.78
C VAL C 24 -36.64 46.50 -33.70
N LYS C 25 -36.91 46.45 -35.00
CA LYS C 25 -35.97 46.88 -36.00
C LYS C 25 -36.54 48.03 -36.82
N TYR C 26 -35.72 49.03 -37.10
CA TYR C 26 -36.18 50.16 -37.90
C TYR C 26 -35.05 50.87 -38.64
N VAL C 27 -35.40 51.60 -39.69
CA VAL C 27 -34.43 52.39 -40.44
C VAL C 27 -34.38 53.74 -39.77
N ARG C 28 -33.18 54.23 -39.55
CA ARG C 28 -33.00 55.48 -38.92
C ARG C 28 -32.40 56.48 -39.89
N SER C 29 -33.03 57.64 -40.05
CA SER C 29 -32.52 58.70 -40.93
C SER C 29 -31.73 59.75 -40.17
N GLY C 30 -31.15 60.74 -40.84
CA GLY C 30 -30.48 61.83 -40.14
C GLY C 30 -31.41 62.50 -39.14
N ASP C 31 -32.63 62.77 -39.62
CA ASP C 31 -33.74 63.21 -38.80
C ASP C 31 -34.01 62.28 -37.62
N GLY C 32 -34.26 61.01 -37.95
CA GLY C 32 -34.95 60.06 -37.09
C GLY C 32 -34.37 59.80 -35.70
N PRO C 33 -35.20 59.26 -34.78
CA PRO C 33 -34.82 59.18 -33.38
C PRO C 33 -33.77 58.12 -33.06
N ALA C 34 -33.02 58.40 -32.01
CA ALA C 34 -31.98 57.50 -31.57
C ALA C 34 -32.67 56.23 -31.07
N LYS C 35 -31.99 55.10 -31.08
CA LYS C 35 -32.62 53.86 -30.67
C LYS C 35 -32.86 53.75 -29.14
N GLU C 36 -32.12 54.51 -28.34
CA GLU C 36 -32.38 54.52 -26.92
C GLU C 36 -33.67 55.28 -26.61
N VAL C 37 -34.01 56.28 -27.42
CA VAL C 37 -35.26 57.02 -27.23
C VAL C 37 -36.46 56.09 -27.47
N LEU C 38 -36.43 55.28 -28.54
CA LEU C 38 -37.48 54.29 -28.79
C LEU C 38 -37.51 53.17 -27.76
N HIS C 39 -36.35 52.59 -27.45
CA HIS C 39 -36.32 51.61 -26.38
C HIS C 39 -37.18 52.05 -25.20
N GLY C 40 -37.07 53.30 -24.77
CA GLY C 40 -37.89 53.84 -23.67
C GLY C 40 -39.35 54.21 -23.98
N GLU C 41 -39.67 54.40 -25.27
CA GLU C 41 -41.04 54.55 -25.73
C GLU C 41 -41.74 53.19 -25.75
N VAL C 42 -41.04 52.14 -26.17
CA VAL C 42 -41.65 50.81 -26.14
C VAL C 42 -41.89 50.33 -24.69
N GLU C 43 -40.97 50.68 -23.79
CA GLU C 43 -41.03 50.20 -22.40
C GLU C 43 -42.09 50.95 -21.59
N ALA C 44 -42.34 52.20 -21.95
CA ALA C 44 -43.44 52.96 -21.37
C ALA C 44 -44.80 52.38 -21.76
N ILE C 45 -44.96 52.02 -23.02
CA ILE C 45 -46.18 51.39 -23.52
C ILE C 45 -46.41 50.04 -22.85
N LEU C 46 -45.41 49.17 -22.88
CA LEU C 46 -45.54 47.87 -22.22
C LEU C 46 -45.81 48.01 -20.74
N GLY C 47 -45.35 49.09 -20.10
CA GLY C 47 -45.72 49.38 -18.70
C GLY C 47 -47.21 49.66 -18.52
N GLN C 48 -47.75 50.54 -19.36
CA GLN C 48 -49.15 50.90 -19.34
C GLN C 48 -50.04 49.68 -19.65
N LEU C 49 -49.63 48.81 -20.55
CA LEU C 49 -50.40 47.61 -20.83
C LEU C 49 -50.39 46.71 -19.64
N ASP C 50 -49.27 46.60 -18.92
CA ASP C 50 -49.21 45.77 -17.74
C ASP C 50 -50.11 46.32 -16.62
N LYS C 51 -50.04 47.60 -16.39
CA LYS C 51 -50.83 48.24 -15.37
C LYS C 51 -52.33 48.23 -15.68
N GLN C 52 -52.72 48.40 -16.92
CA GLN C 52 -54.14 48.45 -17.24
C GLN C 52 -54.78 47.04 -17.36
N LEU C 53 -54.04 46.07 -17.97
CA LEU C 53 -54.60 44.83 -18.51
C LEU C 53 -54.15 43.54 -17.87
N SER C 54 -52.95 43.47 -17.30
CA SER C 54 -52.48 42.19 -16.72
C SER C 54 -53.31 41.63 -15.59
N THR C 55 -53.86 40.47 -15.81
CA THR C 55 -54.44 39.66 -14.74
C THR C 55 -53.40 39.07 -13.76
N TYR C 56 -52.12 39.03 -14.16
CA TYR C 56 -51.04 38.55 -13.30
C TYR C 56 -50.49 39.56 -12.30
N ARG C 57 -51.07 40.76 -12.13
CA ARG C 57 -50.72 41.62 -10.98
C ARG C 57 -51.91 42.27 -10.37
N SER C 58 -51.91 42.37 -9.05
CA SER C 58 -53.17 42.62 -8.33
C SER C 58 -53.58 44.09 -8.29
N ASP C 59 -52.66 45.00 -8.59
CA ASP C 59 -53.06 46.41 -8.64
C ASP C 59 -53.52 46.89 -10.03
N SER C 60 -53.82 45.95 -10.92
CA SER C 60 -54.19 46.30 -12.27
C SER C 60 -55.60 46.81 -12.28
N ASP C 61 -55.91 47.57 -13.33
CA ASP C 61 -57.27 48.08 -13.54
C ASP C 61 -58.27 46.94 -13.87
N VAL C 62 -57.85 46.00 -14.72
CA VAL C 62 -58.70 44.90 -15.07
C VAL C 62 -58.92 44.07 -13.82
N GLU C 63 -57.93 43.91 -12.91
CA GLU C 63 -58.14 43.09 -11.68
C GLU C 63 -59.09 43.80 -10.74
N ARG C 64 -58.99 45.12 -10.75
CA ARG C 64 -59.99 45.90 -10.02
C ARG C 64 -61.45 45.61 -10.54
N PHE C 65 -61.62 45.65 -11.86
CA PHE C 65 -62.90 45.32 -12.48
C PHE C 65 -63.36 43.87 -12.21
N ASN C 66 -62.43 42.94 -12.32
CA ASN C 66 -62.71 41.52 -12.15
C ASN C 66 -63.04 41.17 -10.74
N ALA C 67 -62.67 42.02 -9.79
CA ALA C 67 -63.07 41.78 -8.40
C ALA C 67 -64.52 42.14 -8.13
N LEU C 68 -65.15 42.99 -8.94
CA LEU C 68 -66.47 43.56 -8.57
C LEU C 68 -67.61 42.55 -8.73
N PRO C 69 -68.68 42.74 -7.97
CA PRO C 69 -69.76 41.82 -8.15
C PRO C 69 -70.60 42.13 -9.44
N ALA C 70 -71.45 41.18 -9.80
CA ALA C 70 -72.46 41.33 -10.84
C ALA C 70 -73.25 42.58 -10.67
N GLY C 71 -73.65 43.24 -11.76
CA GLY C 71 -74.39 44.52 -11.68
C GLY C 71 -73.53 45.76 -11.67
N SER C 72 -72.22 45.64 -11.42
CA SER C 72 -71.33 46.77 -11.27
C SER C 72 -71.17 47.51 -12.58
N CYS C 73 -71.12 48.85 -12.53
CA CYS C 73 -70.44 49.70 -13.53
C CYS C 73 -69.32 50.39 -12.78
N GLU C 74 -68.19 50.50 -13.47
CA GLU C 74 -66.95 50.96 -12.89
C GLU C 74 -66.14 51.70 -13.90
N PRO C 75 -65.67 52.92 -13.56
CA PRO C 75 -64.88 53.69 -14.52
C PRO C 75 -63.61 52.90 -14.90
N MET C 76 -63.21 52.93 -16.19
CA MET C 76 -62.01 52.24 -16.68
C MET C 76 -61.23 53.13 -17.64
N PRO C 77 -59.92 52.95 -17.68
CA PRO C 77 -59.14 53.75 -18.57
C PRO C 77 -59.28 53.37 -20.01
N ASP C 78 -58.95 54.29 -20.89
CA ASP C 78 -59.06 54.13 -22.36
C ASP C 78 -58.73 52.78 -22.99
N MET C 79 -57.54 52.25 -22.69
CA MET C 79 -57.13 50.95 -23.26
C MET C 79 -58.10 49.82 -23.03
N VAL C 80 -58.68 49.78 -21.83
CA VAL C 80 -59.53 48.66 -21.49
C VAL C 80 -60.81 48.81 -22.29
N ARG C 81 -61.32 50.01 -22.36
CA ARG C 81 -62.51 50.26 -23.14
C ARG C 81 -62.29 50.17 -24.62
N GLU C 82 -61.10 50.52 -25.12
CA GLU C 82 -60.75 50.28 -26.54
C GLU C 82 -60.76 48.74 -26.86
N LEU C 83 -60.03 47.98 -26.09
CA LEU C 83 -59.96 46.60 -26.28
C LEU C 83 -61.34 45.90 -26.06
N VAL C 84 -62.15 46.37 -25.09
CA VAL C 84 -63.44 45.72 -24.84
C VAL C 84 -64.26 45.90 -26.08
N ALA C 85 -64.17 47.05 -26.72
CA ALA C 85 -64.96 47.33 -27.92
C ALA C 85 -64.46 46.58 -29.15
N ALA C 86 -63.13 46.49 -29.32
CA ALA C 86 -62.53 45.70 -30.36
C ALA C 86 -62.88 44.25 -30.17
N GLY C 87 -62.87 43.80 -28.93
CA GLY C 87 -63.27 42.43 -28.60
C GLY C 87 -64.70 42.15 -28.94
N SER C 88 -65.54 43.16 -28.79
CA SER C 88 -66.94 42.99 -29.06
C SER C 88 -67.16 42.76 -30.55
N GLN C 89 -66.42 43.50 -31.37
CA GLN C 89 -66.47 43.37 -32.81
C GLN C 89 -65.93 42.04 -33.23
N LEU C 90 -64.82 41.63 -32.64
CA LEU C 90 -64.24 40.33 -32.93
C LEU C 90 -65.23 39.25 -32.62
N SER C 91 -65.85 39.33 -31.45
CA SER C 91 -66.84 38.34 -31.07
C SER C 91 -67.90 38.20 -32.15
N ALA C 92 -68.53 39.32 -32.50
CA ALA C 92 -69.58 39.39 -33.50
C ALA C 92 -69.17 38.94 -34.93
N ASP C 93 -67.93 39.20 -35.31
CA ASP C 93 -67.38 38.70 -36.58
C ASP C 93 -67.03 37.21 -36.57
N SER C 94 -66.86 36.58 -35.41
CA SER C 94 -66.35 35.18 -35.31
C SER C 94 -67.43 34.26 -34.73
N ASP C 95 -68.70 34.67 -34.87
CA ASP C 95 -69.83 33.92 -34.27
C ASP C 95 -69.51 33.47 -32.83
N GLY C 96 -68.98 34.38 -32.01
CA GLY C 96 -68.70 34.11 -30.60
C GLY C 96 -67.54 33.19 -30.27
N ALA C 97 -66.69 32.87 -31.23
CA ALA C 97 -65.53 32.04 -30.93
C ALA C 97 -64.54 32.84 -30.10
N PHE C 98 -64.48 34.15 -30.34
CA PHE C 98 -63.64 35.08 -29.55
C PHE C 98 -64.43 35.62 -28.35
N ASP C 99 -63.83 35.52 -27.16
CA ASP C 99 -64.50 35.90 -25.91
C ASP C 99 -63.40 36.32 -24.91
N LEU C 100 -63.45 37.57 -24.49
CA LEU C 100 -62.63 38.08 -23.38
C LEU C 100 -63.00 37.60 -21.95
N THR C 101 -64.10 36.83 -21.78
CA THR C 101 -64.67 36.58 -20.48
C THR C 101 -64.45 35.20 -19.94
N LEU C 102 -63.37 34.59 -20.36
CA LEU C 102 -63.14 33.19 -20.04
C LEU C 102 -62.34 33.00 -18.75
N GLU C 103 -61.92 34.07 -18.11
CA GLU C 103 -61.05 33.90 -16.94
C GLU C 103 -61.56 32.92 -15.84
N PRO C 104 -62.86 32.90 -15.52
CA PRO C 104 -63.32 31.89 -14.62
C PRO C 104 -63.08 30.46 -15.11
N LEU C 105 -63.25 30.18 -16.41
CA LEU C 105 -63.08 28.82 -16.94
C LEU C 105 -61.60 28.51 -17.01
N LEU C 106 -60.80 29.53 -17.32
CA LEU C 106 -59.35 29.37 -17.30
C LEU C 106 -58.86 29.04 -15.90
N ASN C 107 -59.25 29.82 -14.91
CA ASN C 107 -58.89 29.52 -13.50
C ASN C 107 -59.46 28.20 -13.00
N LEU C 108 -60.62 27.77 -13.50
CA LEU C 108 -61.16 26.46 -13.15
C LEU C 108 -60.38 25.32 -13.81
N TRP C 109 -60.01 25.43 -15.09
CA TRP C 109 -59.29 24.31 -15.76
C TRP C 109 -57.76 24.40 -15.48
N GLY C 110 -57.32 25.35 -14.64
CA GLY C 110 -55.91 25.43 -14.19
C GLY C 110 -54.92 26.17 -15.08
N PHE C 111 -55.39 26.77 -16.17
CA PHE C 111 -54.52 27.44 -17.16
C PHE C 111 -54.26 28.95 -16.88
N GLY C 112 -54.79 29.47 -15.77
CA GLY C 112 -54.82 30.91 -15.53
C GLY C 112 -53.76 31.39 -14.54
N PRO C 113 -53.84 32.69 -14.14
CA PRO C 113 -52.93 33.28 -13.12
C PRO C 113 -53.09 32.76 -11.68
N GLN C 114 -54.30 32.35 -11.27
CA GLN C 114 -54.54 31.71 -9.96
C GLN C 114 -54.82 30.23 -10.22
N GLY C 115 -53.76 29.49 -10.55
CA GLY C 115 -53.90 28.12 -11.06
C GLY C 115 -52.96 27.06 -10.51
N ARG C 116 -53.51 26.05 -9.81
CA ARG C 116 -52.90 24.70 -9.60
C ARG C 116 -52.42 24.19 -10.91
N GLY C 117 -53.34 24.20 -11.88
CA GLY C 117 -53.07 23.63 -13.17
C GLY C 117 -53.48 22.16 -13.25
N GLU C 118 -53.65 21.72 -14.50
CA GLU C 118 -53.72 20.30 -14.82
C GLU C 118 -54.76 19.56 -14.03
N ARG C 119 -55.99 19.94 -14.29
CA ARG C 119 -57.10 19.28 -13.65
C ARG C 119 -58.27 19.12 -14.52
N VAL C 120 -59.11 18.15 -14.16
CA VAL C 120 -60.38 17.99 -14.78
C VAL C 120 -61.35 18.46 -13.73
N PRO C 121 -62.03 19.55 -13.98
CA PRO C 121 -62.89 20.18 -13.02
C PRO C 121 -64.20 19.54 -12.52
N SER C 122 -64.98 18.85 -13.35
CA SER C 122 -66.37 18.24 -13.14
C SER C 122 -67.40 19.11 -13.78
N ALA C 123 -68.49 18.48 -14.20
CA ALA C 123 -69.54 19.19 -14.91
C ALA C 123 -70.20 20.26 -14.05
N GLU C 124 -70.39 19.98 -12.77
CA GLU C 124 -71.03 20.93 -11.86
C GLU C 124 -70.27 22.22 -11.81
N ASP C 125 -68.97 22.12 -11.71
CA ASP C 125 -68.12 23.31 -11.61
C ASP C 125 -68.10 24.15 -12.89
N ILE C 126 -68.15 23.46 -14.03
CA ILE C 126 -68.16 24.05 -15.34
C ILE C 126 -69.43 24.84 -15.59
N SER C 127 -70.60 24.24 -15.33
CA SER C 127 -71.91 24.90 -15.49
C SER C 127 -72.03 26.20 -14.70
N ALA C 128 -71.43 26.25 -13.51
CA ALA C 128 -71.37 27.43 -12.62
C ALA C 128 -70.38 28.53 -13.06
N ALA C 129 -69.22 28.12 -13.49
CA ALA C 129 -68.30 29.08 -14.12
C ALA C 129 -68.75 29.62 -15.50
N ARG C 130 -69.48 28.84 -16.29
CA ARG C 130 -70.04 29.35 -17.55
C ARG C 130 -71.12 30.40 -17.33
N ALA C 131 -71.81 30.33 -16.21
CA ALA C 131 -72.80 31.35 -15.89
C ALA C 131 -72.16 32.68 -15.51
N LEU C 132 -70.85 32.70 -15.23
CA LEU C 132 -70.08 33.91 -14.98
C LEU C 132 -69.26 34.36 -16.20
N THR C 133 -69.61 33.80 -17.37
CA THR C 133 -68.96 34.18 -18.61
C THR C 133 -69.98 34.70 -19.58
N GLY C 134 -69.52 35.27 -20.68
CA GLY C 134 -70.39 35.81 -21.72
C GLY C 134 -70.20 37.26 -22.10
N GLN C 135 -69.48 37.51 -23.17
CA GLN C 135 -69.40 38.84 -23.81
C GLN C 135 -70.70 39.66 -23.82
N GLN C 136 -71.82 39.03 -24.03
CA GLN C 136 -73.04 39.80 -24.13
C GLN C 136 -73.41 40.48 -22.83
N HIS C 137 -72.91 39.95 -21.71
CA HIS C 137 -72.97 40.58 -20.38
C HIS C 137 -71.99 41.80 -20.09
N LEU C 138 -71.15 42.13 -21.04
CA LEU C 138 -70.18 43.23 -20.96
C LEU C 138 -70.62 44.45 -21.78
N SER C 139 -70.43 45.65 -21.30
CA SER C 139 -70.88 46.82 -22.03
C SER C 139 -70.14 48.05 -21.52
N ILE C 140 -70.16 49.10 -22.34
CA ILE C 140 -69.44 50.31 -22.11
C ILE C 140 -70.50 51.37 -22.07
N ASP C 141 -70.36 52.25 -21.08
CA ASP C 141 -71.28 53.33 -20.85
C ASP C 141 -70.44 54.50 -20.45
N GLY C 142 -70.33 55.47 -21.34
CA GLY C 142 -69.45 56.61 -21.09
C GLY C 142 -68.06 56.02 -20.87
N ASP C 143 -67.44 56.33 -19.76
CA ASP C 143 -66.13 55.89 -19.42
C ASP C 143 -66.18 54.70 -18.43
N ARG C 144 -67.35 54.09 -18.26
CA ARG C 144 -67.46 52.93 -17.36
C ARG C 144 -67.56 51.61 -18.12
N LEU C 145 -67.10 50.52 -17.52
CA LEU C 145 -67.45 49.20 -18.01
C LEU C 145 -68.52 48.68 -17.12
N CYS C 146 -69.55 48.10 -17.71
CA CYS C 146 -70.59 47.45 -16.96
C CYS C 146 -70.55 45.94 -17.09
N LYS C 147 -70.86 45.24 -16.00
CA LYS C 147 -71.03 43.79 -16.08
C LYS C 147 -72.27 43.26 -15.47
N ALA C 148 -72.99 42.42 -16.22
CA ALA C 148 -74.31 41.95 -15.76
C ALA C 148 -74.26 40.68 -14.97
N VAL C 149 -73.13 39.98 -15.02
CA VAL C 149 -72.81 38.86 -14.15
C VAL C 149 -71.37 39.05 -13.58
N ALA C 150 -70.86 38.15 -12.77
CA ALA C 150 -69.56 38.32 -12.16
C ALA C 150 -68.38 38.05 -13.11
N LEU C 151 -68.30 38.85 -14.17
CA LEU C 151 -67.34 38.63 -15.26
C LEU C 151 -65.91 38.82 -14.83
N GLN C 152 -65.05 37.93 -15.31
CA GLN C 152 -63.66 38.20 -15.13
C GLN C 152 -63.01 38.22 -16.53
N LEU C 153 -62.38 39.37 -16.83
CA LEU C 153 -61.82 39.62 -18.14
C LEU C 153 -60.40 39.17 -18.23
N ASP C 154 -59.99 38.84 -19.44
CA ASP C 154 -58.59 38.49 -19.74
C ASP C 154 -58.36 38.96 -21.18
N PHE C 155 -57.27 39.68 -21.41
CA PHE C 155 -57.06 40.33 -22.67
C PHE C 155 -55.94 39.66 -23.44
N ASN C 156 -55.38 38.59 -22.91
CA ASN C 156 -54.21 37.94 -23.52
C ASN C 156 -54.35 37.53 -24.96
N SER C 157 -55.54 37.26 -25.44
CA SER C 157 -55.74 36.82 -26.82
C SER C 157 -55.51 37.97 -27.83
N ILE C 158 -55.62 39.22 -27.37
CA ILE C 158 -55.35 40.43 -28.21
C ILE C 158 -54.33 41.45 -27.71
N ALA C 159 -53.74 41.30 -26.51
CA ALA C 159 -52.88 42.37 -25.95
C ALA C 159 -51.59 42.62 -26.74
N ALA C 160 -50.94 41.54 -27.15
CA ALA C 160 -49.64 41.62 -27.84
C ALA C 160 -49.80 42.26 -29.20
N GLY C 161 -50.92 41.96 -29.85
CA GLY C 161 -51.22 42.59 -31.12
C GLY C 161 -51.45 44.08 -30.99
N TYR C 162 -52.14 44.44 -29.92
CA TYR C 162 -52.44 45.80 -29.63
C TYR C 162 -51.13 46.51 -29.29
N ALA C 163 -50.30 45.87 -28.49
CA ALA C 163 -48.98 46.40 -28.12
C ALA C 163 -48.16 46.75 -29.37
N VAL C 164 -48.24 45.92 -30.40
CA VAL C 164 -47.49 46.12 -31.62
C VAL C 164 -47.95 47.35 -32.35
N ASP C 165 -49.28 47.47 -32.49
CA ASP C 165 -49.90 48.58 -33.18
C ASP C 165 -49.59 49.84 -32.37
N LEU C 166 -49.66 49.81 -31.05
CA LEU C 166 -49.35 51.03 -30.27
C LEU C 166 -47.91 51.50 -30.44
N VAL C 167 -46.98 50.55 -30.39
CA VAL C 167 -45.58 50.81 -30.71
C VAL C 167 -45.45 51.43 -32.10
N ILE C 168 -46.02 50.80 -33.12
CA ILE C 168 -45.98 51.38 -34.46
C ILE C 168 -46.62 52.76 -34.60
N ASP C 169 -47.69 53.08 -33.88
CA ASP C 169 -48.17 54.48 -33.89
C ASP C 169 -47.08 55.43 -33.44
N ARG C 170 -46.27 55.03 -32.46
CA ARG C 170 -45.25 55.89 -31.88
C ARG C 170 -44.02 56.07 -32.74
N LEU C 171 -43.62 55.03 -33.44
CA LEU C 171 -42.52 55.16 -34.40
C LEU C 171 -42.94 56.13 -35.53
N LYS C 172 -44.17 55.99 -36.03
CA LYS C 172 -44.70 56.91 -37.07
C LYS C 172 -44.74 58.34 -36.54
N ALA C 173 -45.27 58.55 -35.34
CA ALA C 173 -45.33 59.87 -34.72
C ALA C 173 -43.93 60.54 -34.51
N LEU C 174 -42.90 59.71 -34.33
CA LEU C 174 -41.52 60.14 -34.22
C LEU C 174 -40.76 60.09 -35.56
N GLY C 175 -41.44 59.96 -36.68
CA GLY C 175 -40.78 60.09 -38.00
C GLY C 175 -40.49 58.82 -38.79
N VAL C 176 -40.33 57.70 -38.11
CA VAL C 176 -39.86 56.45 -38.76
C VAL C 176 -40.82 55.97 -39.85
N GLN C 177 -40.29 55.48 -40.95
CA GLN C 177 -41.13 55.00 -42.04
C GLN C 177 -40.94 53.54 -42.33
N SER C 178 -39.81 52.99 -41.94
CA SER C 178 -39.55 51.61 -42.21
C SER C 178 -39.13 50.90 -40.91
N TYR C 179 -39.76 49.74 -40.68
CA TYR C 179 -39.74 49.10 -39.35
C TYR C 179 -40.30 47.67 -39.39
N LEU C 180 -39.82 46.84 -38.46
CA LEU C 180 -40.41 45.54 -38.07
C LEU C 180 -40.48 45.47 -36.54
N VAL C 181 -41.70 45.39 -36.02
CA VAL C 181 -41.89 45.31 -34.57
C VAL C 181 -42.54 43.96 -34.29
N GLU C 182 -41.93 43.18 -33.40
CA GLU C 182 -42.43 41.85 -33.04
C GLU C 182 -42.51 41.80 -31.52
N ILE C 183 -43.65 41.40 -30.96
CA ILE C 183 -43.77 41.34 -29.51
C ILE C 183 -44.36 40.01 -29.13
N THR C 184 -43.59 39.19 -28.40
CA THR C 184 -44.00 37.80 -28.10
C THR C 184 -44.61 37.10 -29.28
N GLY C 185 -44.07 37.34 -30.47
CA GLY C 185 -44.48 36.58 -31.66
C GLY C 185 -45.46 37.24 -32.62
N GLU C 186 -46.39 38.02 -32.12
CA GLU C 186 -47.14 38.89 -32.99
C GLU C 186 -46.14 39.94 -33.56
N LEU C 187 -46.39 40.35 -34.82
CA LEU C 187 -45.56 41.38 -35.44
C LEU C 187 -46.19 42.01 -36.63
N LYS C 188 -45.62 43.15 -36.98
CA LYS C 188 -45.99 43.90 -38.16
C LYS C 188 -44.76 44.64 -38.74
N ALA C 189 -44.75 44.80 -40.06
CA ALA C 189 -43.68 45.49 -40.71
C ALA C 189 -44.20 46.35 -41.85
N GLU C 190 -43.45 47.39 -42.13
CA GLU C 190 -43.78 48.29 -43.20
C GLU C 190 -42.54 48.95 -43.74
N GLY C 191 -42.61 49.36 -44.99
CA GLY C 191 -41.53 50.07 -45.63
C GLY C 191 -40.52 49.10 -46.17
N ARG C 192 -39.35 49.63 -46.51
CA ARG C 192 -38.29 48.79 -47.04
C ARG C 192 -36.97 49.14 -46.40
N LYS C 193 -36.03 48.19 -46.46
CA LYS C 193 -34.67 48.39 -45.92
C LYS C 193 -33.87 49.30 -46.89
N PRO C 194 -32.76 49.86 -46.43
CA PRO C 194 -32.07 50.86 -47.28
C PRO C 194 -31.62 50.33 -48.66
N ASP C 195 -31.02 49.12 -48.73
CA ASP C 195 -30.77 48.43 -50.04
C ASP C 195 -32.01 48.10 -50.92
N GLY C 196 -33.23 48.47 -50.45
CA GLY C 196 -34.51 48.23 -51.16
C GLY C 196 -35.21 46.90 -50.90
N SER C 197 -34.57 46.01 -50.10
CA SER C 197 -35.18 44.76 -49.71
C SER C 197 -36.39 44.93 -48.80
N PRO C 198 -37.30 43.94 -48.82
CA PRO C 198 -38.42 44.02 -47.96
C PRO C 198 -38.16 43.28 -46.65
N TRP C 199 -38.97 43.65 -45.68
CA TRP C 199 -39.11 42.88 -44.48
C TRP C 199 -39.86 41.59 -44.82
N ARG C 200 -39.28 40.45 -44.44
CA ARG C 200 -39.90 39.16 -44.69
C ARG C 200 -40.14 38.37 -43.42
N ILE C 201 -41.20 37.57 -43.39
CA ILE C 201 -41.38 36.66 -42.25
C ILE C 201 -41.53 35.24 -42.82
N ALA C 202 -41.28 34.23 -41.98
CA ALA C 202 -41.44 32.82 -42.34
C ALA C 202 -42.55 32.17 -41.56
N ILE C 203 -43.49 31.56 -42.24
CA ILE C 203 -44.54 30.77 -41.63
C ILE C 203 -44.12 29.31 -41.76
N GLU C 204 -44.31 28.52 -40.70
CA GLU C 204 -43.98 27.08 -40.75
C GLU C 204 -44.99 26.24 -41.55
N GLN C 214 -41.21 25.93 -45.29
CA GLN C 214 -41.51 27.33 -44.98
C GLN C 214 -42.02 28.17 -46.15
N LYS C 215 -43.15 28.86 -45.91
CA LYS C 215 -43.72 29.86 -46.83
C LYS C 215 -43.19 31.25 -46.42
N ILE C 216 -42.54 31.96 -47.35
CA ILE C 216 -41.96 33.30 -47.07
C ILE C 216 -42.87 34.37 -47.66
N VAL C 217 -43.21 35.36 -46.83
CA VAL C 217 -44.10 36.46 -47.23
C VAL C 217 -43.44 37.80 -46.94
N GLU C 218 -43.74 38.76 -47.80
CA GLU C 218 -43.22 40.11 -47.71
C GLU C 218 -44.28 40.97 -47.03
N LEU C 219 -43.90 41.58 -45.90
CA LEU C 219 -44.84 42.36 -45.12
C LEU C 219 -44.56 43.79 -45.41
N ASP C 220 -45.54 44.45 -46.01
CA ASP C 220 -45.51 45.90 -46.13
C ASP C 220 -46.91 46.42 -45.73
N GLY C 221 -47.00 46.94 -44.51
CA GLY C 221 -48.25 47.48 -43.97
C GLY C 221 -49.20 46.42 -43.44
N MET C 222 -48.65 45.29 -42.98
CA MET C 222 -49.45 44.11 -42.64
C MET C 222 -48.90 43.42 -41.41
N GLY C 223 -49.79 43.04 -40.48
CA GLY C 223 -49.41 42.34 -39.25
C GLY C 223 -49.77 40.87 -39.29
N VAL C 224 -49.05 40.08 -38.49
CA VAL C 224 -49.13 38.62 -38.52
C VAL C 224 -49.23 38.11 -37.10
N SER C 225 -50.08 37.11 -36.91
CA SER C 225 -50.25 36.46 -35.62
C SER C 225 -50.44 34.97 -35.82
N THR C 226 -49.78 34.18 -34.99
CA THR C 226 -49.84 32.73 -35.06
C THR C 226 -50.33 32.09 -33.74
N SER C 227 -51.59 31.68 -33.70
CA SER C 227 -52.12 30.87 -32.59
C SER C 227 -51.60 29.41 -32.65
N GLY C 228 -50.99 28.93 -31.58
CA GLY C 228 -50.39 27.61 -31.59
C GLY C 228 -49.10 27.53 -32.39
N ASP C 229 -48.39 26.42 -32.21
CA ASP C 229 -47.15 26.06 -32.91
C ASP C 229 -47.34 24.58 -33.21
N TYR C 230 -47.10 24.13 -34.43
CA TYR C 230 -47.28 22.71 -34.77
C TYR C 230 -46.39 21.83 -33.91
N ARG C 231 -45.24 22.35 -33.59
CA ARG C 231 -44.20 21.63 -32.99
C ARG C 231 -44.67 20.94 -31.70
N ASN C 232 -45.59 21.55 -30.97
CA ASN C 232 -46.24 20.86 -29.84
C ASN C 232 -47.73 20.74 -29.91
N TYR C 233 -48.18 19.56 -30.37
CA TYR C 233 -49.56 19.15 -30.58
C TYR C 233 -49.68 17.76 -29.96
N PHE C 234 -50.07 17.74 -28.63
CA PHE C 234 -50.13 16.60 -27.61
C PHE C 234 -51.49 16.01 -27.52
N TYR C 241 -54.97 17.35 -26.34
CA TYR C 241 -54.60 18.20 -25.20
C TYR C 241 -54.21 19.66 -25.56
N SER C 242 -54.92 20.67 -25.03
CA SER C 242 -54.66 22.09 -25.38
C SER C 242 -55.08 22.99 -24.26
N HIS C 243 -54.59 24.23 -24.29
CA HIS C 243 -54.89 25.24 -23.29
C HIS C 243 -55.94 26.22 -23.86
N THR C 244 -56.64 25.82 -24.91
CA THR C 244 -57.64 26.66 -25.50
C THR C 244 -59.04 26.08 -25.26
N LEU C 245 -59.97 26.91 -24.86
CA LEU C 245 -61.31 26.46 -24.53
C LEU C 245 -62.33 27.03 -25.48
N ASP C 246 -63.34 26.21 -25.86
CA ASP C 246 -64.52 26.68 -26.57
C ASP C 246 -65.28 27.62 -25.59
N PRO C 247 -65.67 28.82 -26.03
CA PRO C 247 -66.50 29.68 -25.19
C PRO C 247 -67.82 29.07 -24.83
N GLN C 248 -68.46 28.40 -25.78
CA GLN C 248 -69.76 27.78 -25.57
C GLN C 248 -69.73 26.54 -24.62
N SER C 249 -68.72 25.72 -24.75
CA SER C 249 -68.62 24.50 -23.94
C SER C 249 -67.42 24.66 -23.05
N GLY C 250 -67.52 24.39 -21.77
CA GLY C 250 -66.43 24.74 -20.83
C GLY C 250 -65.12 23.99 -21.05
N GLN C 251 -65.20 22.99 -21.93
CA GLN C 251 -64.11 22.14 -22.31
C GLN C 251 -63.01 22.72 -23.21
N PRO C 252 -61.86 22.07 -23.22
CA PRO C 252 -60.81 22.31 -24.16
C PRO C 252 -61.13 21.77 -25.53
N ILE C 253 -60.40 22.29 -26.50
CA ILE C 253 -60.68 21.99 -27.89
C ILE C 253 -60.52 20.52 -28.28
N GLU C 254 -61.58 19.99 -28.89
CA GLU C 254 -61.66 18.59 -29.27
C GLU C 254 -60.94 18.26 -30.57
N HIS C 255 -60.97 19.24 -31.49
CA HIS C 255 -60.45 19.16 -32.87
C HIS C 255 -58.90 19.20 -32.92
N HIS C 256 -58.02 19.05 -34.59
CA HIS C 256 -56.66 18.75 -34.90
C HIS C 256 -55.85 19.95 -35.36
N LEU C 257 -56.44 21.15 -35.43
CA LEU C 257 -55.65 22.36 -35.82
C LEU C 257 -54.41 22.61 -34.83
N ALA C 258 -53.09 22.43 -35.21
CA ALA C 258 -51.89 22.68 -34.41
C ALA C 258 -51.34 24.11 -34.54
N ALA C 259 -51.82 24.86 -35.53
CA ALA C 259 -51.43 26.26 -35.67
C ALA C 259 -52.26 26.93 -36.74
N VAL C 260 -52.58 28.21 -36.56
CA VAL C 260 -53.18 28.97 -37.64
C VAL C 260 -52.49 30.29 -37.58
N THR C 261 -52.37 30.94 -38.73
CA THR C 261 -51.66 32.20 -38.84
C THR C 261 -52.54 33.11 -39.60
N VAL C 262 -52.74 34.32 -39.08
CA VAL C 262 -53.58 35.31 -39.77
C VAL C 262 -52.79 36.58 -40.10
N ILE C 263 -53.16 37.20 -41.21
CA ILE C 263 -52.52 38.41 -41.69
C ILE C 263 -53.63 39.41 -41.96
N ASP C 264 -53.42 40.57 -41.36
CA ASP C 264 -54.37 41.68 -41.36
C ASP C 264 -53.53 42.96 -41.19
N LYS C 265 -54.05 44.07 -41.70
CA LYS C 265 -53.39 45.36 -41.52
C LYS C 265 -53.35 45.74 -40.03
N SER C 266 -54.39 45.42 -39.28
CA SER C 266 -54.35 45.60 -37.82
C SER C 266 -53.73 44.35 -37.20
N THR C 267 -52.59 44.46 -36.55
CA THR C 267 -52.08 43.31 -35.78
C THR C 267 -53.07 42.84 -34.64
N LEU C 268 -53.79 43.81 -34.05
CA LEU C 268 -54.78 43.53 -33.01
C LEU C 268 -55.82 42.50 -33.57
N ARG C 269 -56.37 42.83 -34.73
CA ARG C 269 -57.27 41.91 -35.46
C ARG C 269 -56.66 40.55 -35.85
N ALA C 270 -55.40 40.58 -36.31
CA ALA C 270 -54.67 39.33 -36.49
C ALA C 270 -54.60 38.41 -35.27
N ASP C 271 -54.38 38.98 -34.08
CA ASP C 271 -54.18 38.23 -32.81
C ASP C 271 -55.54 37.68 -32.34
N GLY C 272 -56.57 38.47 -32.64
CA GLY C 272 -57.91 38.10 -32.25
C GLY C 272 -58.47 37.01 -33.13
N LEU C 273 -58.41 37.24 -34.44
CA LEU C 273 -58.94 36.28 -35.42
C LEU C 273 -58.10 35.03 -35.34
N SER C 274 -56.79 35.17 -35.33
CA SER C 274 -55.95 34.03 -34.98
C SER C 274 -56.54 33.13 -33.85
N THR C 275 -56.69 33.70 -32.67
CA THR C 275 -57.24 33.01 -31.51
C THR C 275 -58.63 32.36 -31.82
N ALA C 276 -59.45 33.02 -32.65
CA ALA C 276 -60.83 32.64 -32.91
C ALA C 276 -60.93 31.45 -33.85
N LEU C 277 -60.07 31.51 -34.87
CA LEU C 277 -59.89 30.40 -35.78
C LEU C 277 -59.46 29.21 -35.01
N MET C 278 -58.46 29.35 -34.14
CA MET C 278 -57.96 28.21 -33.34
C MET C 278 -59.06 27.62 -32.43
N VAL C 279 -59.96 28.46 -31.95
CA VAL C 279 -61.12 27.96 -31.24
C VAL C 279 -61.94 27.12 -32.20
N LEU C 280 -62.31 27.66 -33.33
CA LEU C 280 -63.21 26.97 -34.24
C LEU C 280 -62.64 25.62 -34.78
N GLY C 281 -61.38 25.61 -35.14
CA GLY C 281 -60.77 24.45 -35.72
C GLY C 281 -60.75 24.47 -37.19
N PRO C 282 -60.21 23.37 -37.77
CA PRO C 282 -59.89 23.30 -39.21
C PRO C 282 -61.11 23.58 -40.11
N GLU C 283 -62.25 22.98 -39.80
CA GLU C 283 -63.44 23.13 -40.66
C GLU C 283 -64.17 24.45 -40.54
N LYS C 284 -64.69 24.71 -39.35
CA LYS C 284 -65.42 25.97 -39.07
C LYS C 284 -64.52 27.18 -39.22
N GLY C 285 -63.22 27.01 -38.89
CA GLY C 285 -62.22 28.05 -39.11
C GLY C 285 -62.14 28.51 -40.54
N LEU C 286 -61.94 27.53 -41.43
CA LEU C 286 -61.86 27.77 -42.87
C LEU C 286 -63.15 28.34 -43.51
N ALA C 287 -64.30 27.87 -43.08
CA ALA C 287 -65.61 28.39 -43.55
C ALA C 287 -65.81 29.87 -43.15
N LEU C 288 -65.55 30.18 -41.88
CA LEU C 288 -65.47 31.57 -41.38
C LEU C 288 -64.42 32.40 -42.14
N ALA C 289 -63.18 31.93 -42.20
CA ALA C 289 -62.12 32.72 -42.85
C ALA C 289 -62.50 33.13 -44.28
N GLU C 290 -63.12 32.20 -45.03
CA GLU C 290 -63.54 32.41 -46.42
C GLU C 290 -64.75 33.37 -46.45
N ARG C 291 -65.71 33.09 -45.58
CA ARG C 291 -66.91 33.90 -45.48
C ARG C 291 -66.64 35.40 -45.15
N ASN C 292 -65.69 35.67 -44.26
CA ASN C 292 -65.32 37.06 -43.94
C ASN C 292 -64.13 37.57 -44.76
N GLY C 293 -63.45 36.68 -45.49
CA GLY C 293 -62.35 37.09 -46.37
C GLY C 293 -61.03 37.37 -45.64
N ILE C 294 -60.69 36.53 -44.69
CA ILE C 294 -59.48 36.69 -43.88
C ILE C 294 -58.37 36.03 -44.64
N ALA C 295 -57.20 36.63 -44.68
CA ALA C 295 -56.01 35.91 -45.10
C ALA C 295 -55.53 35.04 -43.93
N ALA C 296 -55.59 33.71 -44.10
CA ALA C 296 -55.15 32.74 -43.06
C ALA C 296 -54.54 31.43 -43.55
N PHE C 297 -53.59 30.90 -42.76
CA PHE C 297 -52.77 29.74 -43.07
C PHE C 297 -52.84 28.74 -41.92
N PHE C 298 -53.78 27.80 -42.08
CA PHE C 298 -54.10 26.74 -41.13
C PHE C 298 -53.05 25.63 -41.16
N VAL C 299 -52.93 24.84 -40.11
CA VAL C 299 -52.21 23.57 -40.20
C VAL C 299 -53.15 22.53 -39.62
N VAL C 300 -53.29 21.42 -40.31
CA VAL C 300 -54.21 20.38 -39.85
C VAL C 300 -53.34 19.18 -39.58
N ARG C 301 -53.65 18.52 -38.47
CA ARG C 301 -53.10 17.22 -38.15
C ARG C 301 -53.84 16.31 -39.07
N GLY C 305 -48.34 12.79 -39.47
CA GLY C 305 -48.02 13.82 -40.46
C GLY C 305 -48.84 15.08 -40.27
N PHE C 306 -48.71 16.05 -41.22
CA PHE C 306 -49.45 17.38 -41.20
C PHE C 306 -49.88 18.01 -42.54
N VAL C 307 -51.08 18.57 -42.59
CA VAL C 307 -51.60 19.18 -43.85
C VAL C 307 -51.95 20.65 -43.60
N THR C 308 -51.51 21.53 -44.49
CA THR C 308 -51.63 22.99 -44.33
C THR C 308 -52.61 23.50 -45.38
N THR C 309 -53.52 24.38 -45.02
CA THR C 309 -54.48 24.91 -45.99
C THR C 309 -54.52 26.43 -45.93
N SER C 310 -54.46 27.10 -47.07
CA SER C 310 -54.47 28.58 -47.10
C SER C 310 -55.85 29.03 -47.58
N THR C 311 -56.25 30.25 -47.29
CA THR C 311 -57.53 30.79 -47.78
C THR C 311 -57.31 31.46 -49.12
N LYS C 312 -58.40 31.93 -49.66
CA LYS C 312 -58.43 32.64 -50.89
C LYS C 312 -57.79 34.00 -50.76
N ALA C 313 -58.20 34.75 -49.73
CA ALA C 313 -57.62 36.07 -49.46
C ALA C 313 -56.11 35.94 -49.24
N PHE C 314 -55.65 34.84 -48.62
CA PHE C 314 -54.21 34.61 -48.39
C PHE C 314 -53.47 34.40 -49.71
N ASP C 315 -54.12 33.68 -50.63
CA ASP C 315 -53.56 33.38 -51.95
C ASP C 315 -53.45 34.59 -52.86
N GLU C 316 -54.52 35.38 -53.01
CA GLU C 316 -54.37 36.68 -53.69
C GLU C 316 -53.20 37.53 -53.19
N LEU C 317 -52.98 37.56 -51.88
CA LEU C 317 -51.87 38.32 -51.30
C LEU C 317 -50.47 37.71 -51.46
N PHE C 318 -50.30 36.39 -51.45
CA PHE C 318 -48.92 35.81 -51.38
C PHE C 318 -48.56 34.62 -52.29
N GLY C 319 -49.47 34.19 -53.17
CA GLY C 319 -49.26 33.00 -54.02
C GLY C 319 -49.64 31.68 -53.37
N MET D 3 0.34 -20.42 27.17
CA MET D 3 0.12 -19.65 28.41
C MET D 3 -0.53 -18.25 28.13
N ASP D 4 -1.21 -17.81 29.18
CA ASP D 4 -1.88 -16.53 29.26
C ASP D 4 -1.13 -15.59 30.21
N LEU D 5 -1.32 -14.31 29.95
CA LEU D 5 -0.58 -13.30 30.66
C LEU D 5 -1.00 -13.30 32.11
N PHE D 6 -2.32 -13.33 32.36
CA PHE D 6 -2.89 -13.32 33.70
C PHE D 6 -3.43 -14.69 34.07
N GLN D 7 -2.88 -15.25 35.13
CA GLN D 7 -2.91 -16.69 35.37
C GLN D 7 -2.39 -16.90 36.76
N ASP D 8 -2.98 -17.81 37.53
CA ASP D 8 -2.46 -18.19 38.85
C ASP D 8 -1.03 -18.82 38.71
N LYS D 9 -0.17 -18.57 39.71
CA LYS D 9 1.24 -19.00 39.69
C LYS D 9 1.36 -20.42 40.26
N VAL D 10 2.18 -21.28 39.65
CA VAL D 10 2.57 -22.59 40.24
C VAL D 10 3.86 -22.39 41.02
N GLU D 11 3.74 -22.23 42.34
CA GLU D 11 4.86 -22.13 43.24
C GLU D 11 5.49 -23.47 43.54
N ALA D 12 6.82 -23.49 43.79
CA ALA D 12 7.58 -24.67 44.20
C ALA D 12 8.65 -24.33 45.24
N PHE D 13 8.75 -25.19 46.26
CA PHE D 13 9.87 -25.17 47.19
C PHE D 13 10.25 -26.58 47.58
N THR D 14 11.55 -26.81 47.80
CA THR D 14 12.09 -28.08 48.32
C THR D 14 12.97 -27.84 49.56
N GLY D 15 13.32 -28.93 50.23
CA GLY D 15 14.08 -28.82 51.46
C GLY D 15 14.57 -30.17 51.90
N PRO D 16 15.46 -30.17 52.90
CA PRO D 16 16.05 -31.42 53.34
C PRO D 16 15.22 -32.18 54.37
N THR D 17 15.28 -33.52 54.31
CA THR D 17 14.95 -34.44 55.40
C THR D 17 16.31 -34.89 55.95
N MET D 18 16.41 -35.69 57.01
CA MET D 18 17.70 -36.29 57.29
C MET D 18 17.86 -37.36 56.21
N GLY D 19 18.83 -37.18 55.33
CA GLY D 19 19.08 -38.19 54.28
C GLY D 19 18.34 -38.14 52.95
N SER D 20 17.42 -37.21 52.74
CA SER D 20 16.71 -37.14 51.45
C SER D 20 16.14 -35.75 51.36
N THR D 21 15.15 -35.55 50.52
CA THR D 21 14.48 -34.25 50.40
C THR D 21 12.98 -34.42 50.28
N TYR D 22 12.29 -33.26 50.36
CA TYR D 22 10.89 -33.12 50.01
C TYR D 22 10.74 -31.99 49.07
N THR D 23 9.60 -31.94 48.37
CA THR D 23 9.29 -30.92 47.37
C THR D 23 7.80 -30.73 47.38
N VAL D 24 7.34 -29.51 47.51
CA VAL D 24 5.94 -29.19 47.38
C VAL D 24 5.77 -28.30 46.18
N LYS D 25 4.76 -28.59 45.37
CA LYS D 25 4.31 -27.72 44.28
C LYS D 25 2.84 -27.44 44.51
N TYR D 26 2.40 -26.22 44.24
CA TYR D 26 1.00 -25.82 44.46
C TYR D 26 0.63 -24.58 43.64
N VAL D 27 -0.67 -24.37 43.49
CA VAL D 27 -1.19 -23.24 42.73
C VAL D 27 -1.58 -22.18 43.72
N ARG D 28 -1.04 -20.99 43.58
CA ARG D 28 -1.37 -19.92 44.51
C ARG D 28 -2.41 -19.01 43.87
N SER D 29 -3.58 -18.85 44.49
CA SER D 29 -4.55 -17.82 44.11
C SER D 29 -4.32 -16.51 44.85
N GLY D 30 -4.99 -15.43 44.43
CA GLY D 30 -4.80 -14.10 45.04
C GLY D 30 -4.87 -14.22 46.55
N ASP D 31 -5.90 -14.96 46.97
CA ASP D 31 -6.08 -15.44 48.35
C ASP D 31 -4.88 -16.20 48.94
N GLY D 32 -4.57 -17.33 48.29
CA GLY D 32 -3.65 -18.36 48.78
C GLY D 32 -2.38 -17.87 49.47
N PRO D 33 -1.87 -18.69 50.37
CA PRO D 33 -0.77 -18.27 51.21
C PRO D 33 0.54 -18.21 50.46
N ALA D 34 1.45 -17.30 50.85
CA ALA D 34 2.78 -17.23 50.22
C ALA D 34 3.53 -18.61 50.29
N LYS D 35 4.57 -18.79 49.51
CA LYS D 35 5.35 -20.03 49.62
C LYS D 35 6.13 -20.19 50.94
N GLU D 36 6.75 -19.09 51.41
CA GLU D 36 7.54 -19.14 52.65
C GLU D 36 6.65 -19.57 53.83
N VAL D 37 5.35 -19.31 53.76
CA VAL D 37 4.42 -19.71 54.81
C VAL D 37 4.20 -21.21 54.85
N LEU D 38 4.11 -21.81 53.66
CA LEU D 38 3.98 -23.23 53.60
C LEU D 38 5.26 -23.92 53.96
N HIS D 39 6.38 -23.33 53.57
CA HIS D 39 7.66 -23.91 53.88
C HIS D 39 7.83 -24.05 55.41
N GLY D 40 7.30 -23.10 56.16
CA GLY D 40 7.38 -23.14 57.59
C GLY D 40 6.41 -24.18 58.13
N GLU D 41 5.22 -24.26 57.55
CA GLU D 41 4.25 -25.29 57.94
C GLU D 41 4.72 -26.73 57.67
N VAL D 42 5.46 -26.94 56.59
CA VAL D 42 6.01 -28.22 56.32
C VAL D 42 7.05 -28.54 57.35
N GLU D 43 7.97 -27.61 57.58
CA GLU D 43 9.15 -27.87 58.44
C GLU D 43 8.66 -28.16 59.90
N ALA D 44 7.64 -27.44 60.33
CA ALA D 44 7.07 -27.67 61.65
C ALA D 44 6.56 -29.10 61.80
N ILE D 45 5.77 -29.54 60.80
CA ILE D 45 5.33 -30.93 60.76
C ILE D 45 6.52 -31.87 60.80
N LEU D 46 7.53 -31.63 59.93
CA LEU D 46 8.67 -32.54 59.95
C LEU D 46 9.38 -32.59 61.32
N GLY D 47 9.48 -31.46 62.01
CA GLY D 47 10.12 -31.43 63.32
C GLY D 47 9.37 -32.25 64.37
N GLN D 48 8.07 -32.08 64.41
CA GLN D 48 7.28 -32.95 65.24
C GLN D 48 7.38 -34.43 64.88
N LEU D 49 7.45 -34.79 63.59
CA LEU D 49 7.58 -36.22 63.26
C LEU D 49 8.88 -36.79 63.86
N ASP D 50 9.94 -36.00 63.76
CA ASP D 50 11.25 -36.38 64.27
C ASP D 50 11.19 -36.54 65.80
N LYS D 51 10.62 -35.56 66.47
CA LYS D 51 10.54 -35.58 67.91
C LYS D 51 9.74 -36.74 68.43
N GLN D 52 8.57 -36.95 67.86
CA GLN D 52 7.72 -38.06 68.26
C GLN D 52 8.16 -39.39 67.79
N LEU D 53 8.63 -39.52 66.53
CA LEU D 53 8.78 -40.87 65.88
C LEU D 53 10.19 -41.37 65.58
N SER D 54 11.19 -40.51 65.55
CA SER D 54 12.50 -40.96 65.06
C SER D 54 13.24 -41.88 66.02
N THR D 55 13.64 -43.06 65.52
CA THR D 55 14.51 -43.94 66.26
C THR D 55 15.94 -43.49 66.16
N TYR D 56 16.26 -42.52 65.30
CA TYR D 56 17.67 -42.05 65.15
C TYR D 56 18.03 -40.94 66.15
N ARG D 57 17.13 -40.62 67.07
CA ARG D 57 17.49 -39.79 68.23
C ARG D 57 16.94 -40.29 69.57
N SER D 58 17.80 -40.15 70.56
CA SER D 58 17.57 -40.77 71.81
C SER D 58 16.45 -40.10 72.61
N ASP D 59 16.14 -38.82 72.33
CA ASP D 59 15.10 -38.07 73.09
C ASP D 59 13.68 -38.11 72.48
N SER D 60 13.45 -38.99 71.50
CA SER D 60 12.14 -39.11 70.88
C SER D 60 11.18 -39.84 71.79
N ASP D 61 9.92 -39.46 71.65
CA ASP D 61 8.86 -40.19 72.32
C ASP D 61 8.88 -41.72 72.00
N VAL D 62 9.13 -42.12 70.75
CA VAL D 62 9.17 -43.54 70.47
C VAL D 62 10.33 -44.20 71.19
N GLU D 63 11.52 -43.57 71.24
CA GLU D 63 12.69 -44.21 71.88
C GLU D 63 12.51 -44.30 73.39
N ARG D 64 11.77 -43.35 73.92
CA ARG D 64 11.40 -43.44 75.29
C ARG D 64 10.54 -44.66 75.54
N PHE D 65 9.56 -44.91 74.68
CA PHE D 65 8.80 -46.17 74.71
C PHE D 65 9.64 -47.42 74.46
N ASN D 66 10.59 -47.35 73.54
CA ASN D 66 11.40 -48.54 73.26
C ASN D 66 12.30 -48.90 74.41
N ALA D 67 12.70 -47.93 75.19
CA ALA D 67 13.50 -48.22 76.38
C ALA D 67 12.80 -49.03 77.48
N LEU D 68 11.47 -48.92 77.60
CA LEU D 68 10.76 -49.51 78.72
C LEU D 68 10.72 -51.04 78.64
N PRO D 69 10.56 -51.71 79.80
CA PRO D 69 10.54 -53.17 79.78
C PRO D 69 9.15 -53.68 79.42
N ALA D 70 9.06 -54.99 79.22
CA ALA D 70 7.79 -55.68 79.12
C ALA D 70 6.78 -55.27 80.20
N GLY D 71 5.51 -55.20 79.84
CA GLY D 71 4.44 -54.92 80.78
C GLY D 71 4.28 -53.47 81.14
N SER D 72 4.98 -52.58 80.45
CA SER D 72 4.87 -51.13 80.70
C SER D 72 3.69 -50.56 79.91
N CYS D 73 2.91 -49.70 80.53
CA CYS D 73 2.06 -48.74 79.84
C CYS D 73 2.64 -47.33 80.08
N GLU D 74 2.65 -46.51 79.04
CA GLU D 74 3.33 -45.26 79.03
C GLU D 74 2.50 -44.29 78.26
N PRO D 75 2.29 -43.05 78.76
CA PRO D 75 1.63 -42.01 77.91
C PRO D 75 2.48 -41.65 76.68
N MET D 76 1.79 -41.45 75.55
CA MET D 76 2.43 -41.16 74.26
C MET D 76 1.61 -40.13 73.53
N PRO D 77 2.23 -39.38 72.63
CA PRO D 77 1.50 -38.33 71.97
C PRO D 77 0.65 -38.88 70.83
N ASP D 78 -0.16 -37.97 70.26
CA ASP D 78 -1.14 -38.25 69.25
C ASP D 78 -0.59 -38.94 68.02
N MET D 79 0.48 -38.44 67.45
CA MET D 79 1.04 -39.11 66.31
C MET D 79 1.38 -40.54 66.56
N VAL D 80 2.03 -40.80 67.68
CA VAL D 80 2.42 -42.16 67.94
C VAL D 80 1.21 -43.11 67.99
N ARG D 81 0.20 -42.73 68.73
CA ARG D 81 -1.00 -43.51 68.83
C ARG D 81 -1.78 -43.62 67.46
N GLU D 82 -1.76 -42.57 66.65
CA GLU D 82 -2.52 -42.54 65.41
C GLU D 82 -1.90 -43.59 64.49
N LEU D 83 -0.58 -43.64 64.51
CA LEU D 83 0.13 -44.57 63.65
C LEU D 83 0.12 -45.96 64.17
N VAL D 84 0.07 -46.16 65.48
CA VAL D 84 -0.05 -47.53 66.02
C VAL D 84 -1.41 -48.07 65.60
N ALA D 85 -2.42 -47.23 65.64
CA ALA D 85 -3.73 -47.60 65.17
C ALA D 85 -3.72 -47.96 63.68
N ALA D 86 -3.13 -47.10 62.87
CA ALA D 86 -3.09 -47.34 61.46
C ALA D 86 -2.25 -48.59 61.17
N GLY D 87 -1.25 -48.78 61.99
CA GLY D 87 -0.33 -49.92 61.88
C GLY D 87 -1.04 -51.24 62.10
N SER D 88 -1.89 -51.25 63.13
CA SER D 88 -2.72 -52.39 63.52
C SER D 88 -3.75 -52.76 62.42
N GLN D 89 -4.38 -51.77 61.81
CA GLN D 89 -5.31 -52.00 60.71
C GLN D 89 -4.54 -52.61 59.52
N LEU D 90 -3.44 -51.99 59.12
CA LEU D 90 -2.60 -52.53 58.06
C LEU D 90 -2.21 -53.95 58.31
N SER D 91 -1.86 -54.27 59.54
CA SER D 91 -1.49 -55.65 59.86
C SER D 91 -2.66 -56.61 59.56
N ALA D 92 -3.81 -56.29 60.11
CA ALA D 92 -4.97 -57.08 59.90
C ALA D 92 -5.27 -57.20 58.42
N ASP D 93 -5.33 -56.04 57.76
CA ASP D 93 -5.53 -56.02 56.33
C ASP D 93 -4.52 -56.85 55.50
N SER D 94 -3.29 -57.04 55.97
CA SER D 94 -2.31 -57.68 55.14
C SER D 94 -1.87 -59.07 55.64
N ASP D 95 -2.71 -59.72 56.46
CA ASP D 95 -2.40 -61.04 57.10
C ASP D 95 -1.08 -61.10 57.90
N GLY D 96 -0.74 -60.00 58.58
CA GLY D 96 0.48 -59.93 59.36
C GLY D 96 1.74 -59.54 58.60
N ALA D 97 1.64 -59.17 57.32
CA ALA D 97 2.86 -58.89 56.56
C ALA D 97 3.42 -57.50 56.93
N PHE D 98 2.53 -56.61 57.29
CA PHE D 98 2.88 -55.35 57.85
C PHE D 98 3.02 -55.50 59.37
N ASP D 99 4.17 -55.08 59.92
CA ASP D 99 4.47 -55.11 61.35
C ASP D 99 5.39 -53.96 61.80
N LEU D 100 5.03 -53.26 62.86
CA LEU D 100 5.84 -52.12 63.35
C LEU D 100 6.90 -52.46 64.36
N THR D 101 7.04 -53.75 64.68
CA THR D 101 7.86 -54.20 65.79
C THR D 101 9.05 -55.10 65.44
N LEU D 102 9.56 -54.98 64.24
CA LEU D 102 10.66 -55.80 63.74
C LEU D 102 12.07 -55.37 64.16
N GLU D 103 12.15 -54.19 64.74
CA GLU D 103 13.45 -53.63 65.05
C GLU D 103 14.42 -54.55 65.75
N PRO D 104 13.95 -55.31 66.73
CA PRO D 104 14.87 -56.26 67.27
C PRO D 104 15.46 -57.10 66.19
N LEU D 105 14.61 -57.61 65.30
CA LEU D 105 15.08 -58.44 64.21
C LEU D 105 15.96 -57.67 63.26
N LEU D 106 15.57 -56.43 63.01
CA LEU D 106 16.35 -55.59 62.13
C LEU D 106 17.72 -55.39 62.74
N ASN D 107 17.70 -55.01 64.03
CA ASN D 107 18.90 -54.65 64.78
C ASN D 107 19.78 -55.82 64.86
N LEU D 108 19.16 -56.98 64.76
CA LEU D 108 19.95 -58.15 64.58
C LEU D 108 20.66 -58.27 63.22
N TRP D 109 20.52 -57.38 62.24
CA TRP D 109 21.21 -57.62 60.91
C TRP D 109 21.98 -56.40 60.18
N GLY D 110 23.22 -55.85 60.56
CA GLY D 110 24.08 -54.84 59.73
C GLY D 110 25.17 -55.40 58.80
N SER D 122 22.94 -65.92 63.71
CA SER D 122 22.72 -67.32 64.07
C SER D 122 21.24 -67.69 63.94
N ALA D 123 20.84 -68.87 64.43
CA ALA D 123 19.44 -69.31 64.62
C ALA D 123 18.93 -69.31 66.09
N GLU D 124 19.82 -69.00 67.05
CA GLU D 124 19.45 -68.84 68.48
C GLU D 124 18.97 -67.41 68.70
N ASP D 125 19.81 -66.46 68.30
CA ASP D 125 19.52 -65.02 68.46
C ASP D 125 18.18 -64.61 67.80
N ILE D 126 17.93 -65.18 66.61
CA ILE D 126 16.68 -64.99 65.81
C ILE D 126 15.44 -65.37 66.62
N SER D 127 15.48 -66.58 67.16
CA SER D 127 14.43 -67.09 68.01
C SER D 127 14.17 -66.20 69.25
N ALA D 128 15.23 -65.76 69.92
CA ALA D 128 15.12 -64.88 71.12
C ALA D 128 14.54 -63.52 70.78
N ALA D 129 14.96 -63.00 69.61
CA ALA D 129 14.54 -61.70 69.12
C ALA D 129 13.09 -61.71 68.58
N ARG D 130 12.66 -62.79 67.95
CA ARG D 130 11.24 -62.87 67.57
C ARG D 130 10.32 -62.88 68.75
N ALA D 131 10.75 -63.37 69.89
CA ALA D 131 9.96 -63.24 71.11
C ALA D 131 9.83 -61.79 71.64
N LEU D 132 10.64 -60.86 71.12
CA LEU D 132 10.46 -59.43 71.40
C LEU D 132 9.71 -58.65 70.29
N THR D 133 9.02 -59.38 69.42
CA THR D 133 8.24 -58.79 68.37
C THR D 133 6.81 -59.23 68.46
N GLY D 134 5.97 -58.58 67.66
CA GLY D 134 4.58 -58.96 67.51
C GLY D 134 3.59 -57.84 67.77
N GLN D 135 3.02 -57.31 66.71
CA GLN D 135 1.91 -56.35 66.80
C GLN D 135 0.80 -56.65 67.87
N GLN D 136 0.48 -57.92 68.08
CA GLN D 136 -0.57 -58.34 69.02
C GLN D 136 -0.25 -57.96 70.48
N HIS D 137 1.05 -57.81 70.78
CA HIS D 137 1.53 -57.36 72.10
C HIS D 137 1.45 -55.84 72.35
N LEU D 138 0.91 -55.11 71.39
CA LEU D 138 0.90 -53.66 71.39
C LEU D 138 -0.50 -53.09 71.40
N SER D 139 -0.91 -52.40 72.46
CA SER D 139 -2.28 -51.85 72.56
C SER D 139 -2.24 -50.37 72.91
N ILE D 140 -3.33 -49.69 72.63
CA ILE D 140 -3.54 -48.32 73.00
C ILE D 140 -4.56 -48.30 74.12
N ASP D 141 -4.20 -47.75 75.26
CA ASP D 141 -5.08 -47.69 76.40
C ASP D 141 -5.24 -46.24 76.77
N GLY D 142 -6.36 -45.67 76.38
CA GLY D 142 -6.59 -44.25 76.50
C GLY D 142 -5.52 -43.52 75.73
N ASP D 143 -4.77 -42.71 76.46
CA ASP D 143 -3.67 -41.91 75.89
C ASP D 143 -2.33 -42.62 76.08
N ARG D 144 -2.34 -43.91 76.40
CA ARG D 144 -1.10 -44.64 76.63
C ARG D 144 -0.91 -45.75 75.62
N LEU D 145 0.34 -46.12 75.40
CA LEU D 145 0.68 -47.32 74.69
C LEU D 145 1.12 -48.38 75.69
N CYS D 146 0.58 -49.59 75.59
CA CYS D 146 1.00 -50.71 76.44
C CYS D 146 1.73 -51.74 75.63
N LYS D 147 2.80 -52.29 76.19
CA LYS D 147 3.47 -53.41 75.58
C LYS D 147 3.56 -54.58 76.52
N ALA D 148 3.19 -55.75 76.04
CA ALA D 148 3.20 -56.97 76.86
C ALA D 148 4.54 -57.70 76.81
N VAL D 149 5.34 -57.48 75.77
CA VAL D 149 6.75 -57.95 75.71
C VAL D 149 7.66 -56.72 75.54
N ALA D 150 8.98 -56.92 75.48
CA ALA D 150 9.98 -55.79 75.31
C ALA D 150 10.10 -55.22 73.86
N LEU D 151 9.00 -54.62 73.39
CA LEU D 151 8.82 -54.29 71.94
C LEU D 151 9.70 -53.14 71.66
N GLN D 152 10.08 -53.02 70.41
CA GLN D 152 10.70 -51.80 69.94
C GLN D 152 10.13 -51.33 68.62
N LEU D 153 9.51 -50.17 68.63
CA LEU D 153 8.78 -49.73 67.49
C LEU D 153 9.67 -49.03 66.49
N ASP D 154 9.22 -49.09 65.25
CA ASP D 154 9.81 -48.36 64.16
C ASP D 154 8.68 -47.96 63.19
N PHE D 155 8.58 -46.68 62.87
CA PHE D 155 7.54 -46.17 62.04
C PHE D 155 7.95 -45.84 60.59
N ASN D 156 9.15 -46.20 60.17
CA ASN D 156 9.60 -45.90 58.81
C ASN D 156 8.75 -46.52 57.68
N SER D 157 8.16 -47.68 57.87
CA SER D 157 7.30 -48.18 56.83
C SER D 157 6.16 -47.18 56.45
N ILE D 158 5.78 -46.27 57.34
CA ILE D 158 4.62 -45.37 57.10
C ILE D 158 4.77 -43.90 57.44
N ALA D 159 5.90 -43.50 58.01
CA ALA D 159 6.07 -42.08 58.47
C ALA D 159 6.00 -41.13 57.26
N ALA D 160 6.65 -41.44 56.14
CA ALA D 160 6.69 -40.44 55.08
C ALA D 160 5.32 -40.27 54.47
N GLY D 161 4.60 -41.38 54.34
CA GLY D 161 3.24 -41.31 53.82
C GLY D 161 2.30 -40.53 54.70
N TYR D 162 2.43 -40.77 55.98
CA TYR D 162 1.74 -39.94 57.01
C TYR D 162 2.08 -38.48 56.84
N ALA D 163 3.39 -38.18 56.62
CA ALA D 163 3.84 -36.75 56.52
C ALA D 163 3.12 -36.13 55.35
N VAL D 164 3.04 -36.83 54.24
CA VAL D 164 2.41 -36.27 53.07
C VAL D 164 0.99 -35.93 53.43
N ASP D 165 0.29 -36.83 54.14
CA ASP D 165 -1.10 -36.64 54.40
C ASP D 165 -1.26 -35.49 55.28
N LEU D 166 -0.40 -35.37 56.31
CA LEU D 166 -0.39 -34.17 57.23
C LEU D 166 -0.13 -32.80 56.58
N VAL D 167 0.80 -32.76 55.64
CA VAL D 167 1.08 -31.56 54.86
C VAL D 167 -0.15 -31.13 54.05
N ILE D 168 -0.73 -32.09 53.35
CA ILE D 168 -1.94 -31.85 52.60
C ILE D 168 -3.13 -31.42 53.50
N ASP D 169 -3.30 -31.95 54.68
CA ASP D 169 -4.38 -31.36 55.54
C ASP D 169 -4.16 -29.87 55.82
N ARG D 170 -2.88 -29.49 56.01
CA ARG D 170 -2.52 -28.11 56.24
C ARG D 170 -2.68 -27.25 55.01
N LEU D 171 -2.21 -27.72 53.85
CA LEU D 171 -2.39 -26.90 52.65
C LEU D 171 -3.88 -26.62 52.43
N LYS D 172 -4.73 -27.60 52.68
CA LYS D 172 -6.19 -27.45 52.48
C LYS D 172 -6.83 -26.58 53.55
N ALA D 173 -6.46 -26.76 54.81
CA ALA D 173 -6.89 -25.79 55.80
C ALA D 173 -6.49 -24.32 55.45
N LEU D 174 -5.31 -24.09 54.86
CA LEU D 174 -4.88 -22.76 54.40
C LEU D 174 -5.47 -22.29 53.06
N GLY D 175 -6.40 -23.04 52.53
CA GLY D 175 -7.10 -22.65 51.27
C GLY D 175 -6.58 -23.17 49.94
N VAL D 176 -5.54 -23.99 49.90
CA VAL D 176 -4.96 -24.45 48.65
C VAL D 176 -5.81 -25.58 48.06
N GLN D 177 -5.94 -25.62 46.74
CA GLN D 177 -6.83 -26.61 46.07
C GLN D 177 -6.16 -27.53 45.10
N SER D 178 -5.05 -27.10 44.49
CA SER D 178 -4.25 -27.94 43.65
C SER D 178 -2.80 -27.94 44.05
N TYR D 179 -2.21 -29.14 44.08
CA TYR D 179 -0.92 -29.37 44.73
C TYR D 179 -0.30 -30.72 44.39
N LEU D 180 1.02 -30.82 44.55
CA LEU D 180 1.71 -32.11 44.53
C LEU D 180 2.68 -32.07 45.64
N VAL D 181 2.59 -32.97 46.59
CA VAL D 181 3.49 -32.94 47.74
C VAL D 181 4.26 -34.22 47.70
N GLU D 182 5.59 -34.20 47.73
CA GLU D 182 6.41 -35.43 47.71
C GLU D 182 7.35 -35.37 48.92
N ILE D 183 7.39 -36.38 49.78
CA ILE D 183 8.32 -36.37 50.89
C ILE D 183 9.08 -37.67 50.87
N THR D 184 10.37 -37.63 50.53
CA THR D 184 11.19 -38.82 50.30
C THR D 184 10.58 -39.86 49.40
N GLY D 185 10.02 -39.48 48.27
CA GLY D 185 9.54 -40.49 47.28
C GLY D 185 8.04 -40.78 47.36
N GLU D 186 7.49 -40.81 48.57
CA GLU D 186 6.04 -40.85 48.72
C GLU D 186 5.46 -39.55 48.26
N LEU D 187 4.38 -39.58 47.50
CA LEU D 187 3.68 -38.37 47.18
C LEU D 187 2.19 -38.55 46.93
N LYS D 188 1.49 -37.43 46.90
CA LYS D 188 0.11 -37.35 46.52
C LYS D 188 -0.15 -36.03 45.74
N ALA D 189 -1.09 -36.02 44.83
CA ALA D 189 -1.50 -34.78 44.22
C ALA D 189 -3.01 -34.73 44.02
N GLU D 190 -3.50 -33.53 43.79
CA GLU D 190 -4.90 -33.36 43.60
C GLU D 190 -5.05 -32.07 42.85
N GLY D 191 -6.18 -31.91 42.16
CA GLY D 191 -6.44 -30.70 41.38
C GLY D 191 -5.74 -30.72 40.04
N ARG D 192 -5.73 -29.57 39.37
CA ARG D 192 -5.07 -29.41 38.06
C ARG D 192 -4.31 -28.12 38.02
N LYS D 193 -3.45 -27.98 37.02
CA LYS D 193 -2.62 -26.81 36.84
C LYS D 193 -3.39 -25.69 36.18
N PRO D 194 -2.84 -24.46 36.18
CA PRO D 194 -3.66 -23.33 35.71
C PRO D 194 -4.07 -23.49 34.29
N ASP D 195 -3.15 -23.94 33.44
CA ASP D 195 -3.49 -24.32 32.04
C ASP D 195 -4.44 -25.52 31.83
N GLY D 196 -4.99 -26.12 32.89
CA GLY D 196 -5.87 -27.34 32.81
C GLY D 196 -5.17 -28.73 32.79
N SER D 197 -3.84 -28.75 32.79
CA SER D 197 -3.11 -30.00 32.83
C SER D 197 -3.12 -30.71 34.21
N PRO D 198 -2.90 -32.03 34.23
CA PRO D 198 -3.03 -32.67 35.52
C PRO D 198 -1.65 -32.91 36.06
N TRP D 199 -1.62 -33.34 37.30
CA TRP D 199 -0.37 -33.74 37.85
C TRP D 199 -0.17 -35.19 37.44
N ARG D 200 1.01 -35.49 36.93
CA ARG D 200 1.35 -36.81 36.48
C ARG D 200 2.55 -37.32 37.23
N ILE D 201 2.68 -38.63 37.39
CA ILE D 201 3.87 -39.28 37.98
C ILE D 201 4.25 -40.43 37.03
N ALA D 202 5.49 -40.86 37.08
CA ALA D 202 5.96 -41.98 36.23
C ALA D 202 6.30 -43.20 37.04
N ILE D 203 5.82 -44.35 36.59
CA ILE D 203 6.16 -45.59 37.28
C ILE D 203 7.13 -46.33 36.35
N GLU D 204 8.24 -46.80 36.92
CA GLU D 204 9.19 -47.56 36.16
C GLU D 204 8.66 -48.94 35.83
N ALA D 205 8.79 -49.31 34.55
CA ALA D 205 8.18 -50.51 33.99
C ALA D 205 9.15 -51.16 33.05
N PRO D 206 10.19 -51.75 33.60
CA PRO D 206 11.13 -52.38 32.74
C PRO D 206 10.63 -53.66 32.11
N ARG D 207 11.07 -53.89 30.88
CA ARG D 207 10.74 -55.07 30.08
C ARG D 207 12.00 -55.81 29.57
N ASP D 208 11.80 -57.01 29.03
CA ASP D 208 12.87 -57.86 28.58
C ASP D 208 13.80 -57.07 27.70
N ASP D 209 15.04 -57.12 28.16
CA ASP D 209 16.23 -56.46 27.61
C ASP D 209 16.44 -55.18 28.37
N GLN D 210 17.29 -54.27 27.90
CA GLN D 210 17.45 -52.93 28.53
C GLN D 210 16.33 -52.03 28.01
N ARG D 211 15.10 -52.48 28.25
CA ARG D 211 13.95 -51.76 27.83
C ARG D 211 13.47 -51.19 29.13
N VAL D 212 13.34 -49.86 29.19
CA VAL D 212 13.02 -49.10 30.39
C VAL D 212 11.83 -48.23 30.10
N ALA D 213 10.64 -48.83 30.10
CA ALA D 213 9.41 -48.11 29.75
C ALA D 213 8.85 -47.50 31.02
N GLN D 214 7.85 -46.65 30.85
CA GLN D 214 7.21 -46.01 31.98
C GLN D 214 5.72 -45.96 31.82
N LYS D 215 5.02 -46.23 32.91
CA LYS D 215 3.57 -46.07 32.95
C LYS D 215 3.38 -44.71 33.59
N ILE D 216 2.69 -43.82 32.87
CA ILE D 216 2.39 -42.45 33.32
C ILE D 216 1.00 -42.44 33.84
N VAL D 217 0.80 -41.96 35.08
CA VAL D 217 -0.54 -41.82 35.64
C VAL D 217 -0.80 -40.40 36.09
N GLU D 218 -2.03 -39.95 35.87
CA GLU D 218 -2.55 -38.68 36.33
C GLU D 218 -3.09 -38.89 37.75
N LEU D 219 -2.57 -38.13 38.72
CA LEU D 219 -3.02 -38.23 40.08
C LEU D 219 -3.97 -37.11 40.32
N ASP D 220 -5.17 -37.43 40.79
CA ASP D 220 -6.08 -36.43 41.27
C ASP D 220 -6.79 -36.94 42.50
N GLY D 221 -6.22 -36.75 43.66
CA GLY D 221 -6.85 -37.22 44.90
C GLY D 221 -6.27 -38.52 45.40
N MET D 222 -5.08 -38.84 44.92
CA MET D 222 -4.52 -40.13 45.11
C MET D 222 -3.05 -40.00 45.42
N GLY D 223 -2.63 -40.79 46.40
CA GLY D 223 -1.25 -40.97 46.79
C GLY D 223 -0.59 -42.18 46.20
N VAL D 224 0.73 -42.14 46.12
CA VAL D 224 1.55 -43.19 45.51
C VAL D 224 2.77 -43.45 46.41
N SER D 225 3.07 -44.72 46.58
CA SER D 225 4.24 -45.12 47.30
C SER D 225 4.83 -46.30 46.58
N THR D 226 6.15 -46.42 46.56
CA THR D 226 6.78 -47.50 45.85
C THR D 226 7.79 -48.16 46.76
N SER D 227 7.67 -49.45 47.04
CA SER D 227 8.65 -50.18 47.83
C SER D 227 9.59 -50.92 46.90
N GLY D 228 10.87 -50.85 47.21
CA GLY D 228 11.94 -51.24 46.27
C GLY D 228 12.09 -50.37 45.01
N ASP D 229 13.19 -50.61 44.32
CA ASP D 229 13.56 -49.97 43.06
C ASP D 229 14.18 -51.12 42.26
N TYR D 230 13.72 -51.29 41.03
CA TYR D 230 14.17 -52.42 40.22
C TYR D 230 15.66 -52.39 39.91
N ARG D 231 16.18 -51.17 39.75
CA ARG D 231 17.62 -50.95 39.59
C ARG D 231 18.46 -51.52 40.73
N ASN D 232 17.92 -51.67 41.95
CA ASN D 232 18.71 -52.23 43.07
C ASN D 232 18.23 -53.57 43.35
N TYR D 233 18.38 -54.49 42.43
CA TYR D 233 17.92 -55.79 42.69
C TYR D 233 19.13 -56.64 42.66
N PHE D 234 19.76 -57.25 44.19
CA PHE D 234 21.04 -57.90 44.36
C PHE D 234 20.83 -59.26 44.70
N GLU D 235 21.58 -60.03 43.97
CA GLU D 235 21.84 -61.40 44.32
C GLU D 235 23.31 -61.66 44.07
N ARG D 240 18.98 -64.02 46.67
CA ARG D 240 18.55 -62.62 46.87
C ARG D 240 18.94 -61.87 48.19
N TYR D 241 19.61 -60.71 48.08
CA TYR D 241 19.92 -59.85 49.23
C TYR D 241 18.87 -58.72 49.31
N SER D 242 18.27 -58.50 50.48
CA SER D 242 17.54 -57.23 50.73
C SER D 242 17.50 -56.92 52.22
N HIS D 243 17.08 -55.70 52.53
CA HIS D 243 16.91 -55.26 53.91
C HIS D 243 15.47 -55.55 54.38
N THR D 244 14.61 -56.17 53.54
CA THR D 244 13.19 -56.48 53.92
C THR D 244 13.04 -57.88 54.56
N LEU D 245 12.35 -57.96 55.70
CA LEU D 245 12.29 -59.15 56.57
C LEU D 245 10.86 -59.62 56.66
N ASP D 246 10.66 -60.92 56.55
CA ASP D 246 9.36 -61.49 56.83
C ASP D 246 9.11 -61.39 58.35
N PRO D 247 8.01 -60.80 58.79
CA PRO D 247 7.73 -60.81 60.22
C PRO D 247 7.59 -62.22 60.77
N GLN D 248 6.99 -63.10 59.98
CA GLN D 248 6.79 -64.47 60.42
C GLN D 248 8.04 -65.33 60.56
N SER D 249 8.93 -65.28 59.58
CA SER D 249 10.19 -66.01 59.65
C SER D 249 11.22 -64.91 59.82
N GLY D 250 12.11 -65.05 60.77
CA GLY D 250 13.04 -63.97 61.13
C GLY D 250 13.88 -63.52 59.95
N GLN D 251 14.27 -64.46 59.10
CA GLN D 251 15.14 -64.15 57.99
C GLN D 251 14.45 -63.40 56.91
N PRO D 252 15.24 -62.67 56.12
CA PRO D 252 14.75 -61.82 55.11
C PRO D 252 14.26 -62.60 53.91
N ILE D 253 13.55 -61.87 53.06
CA ILE D 253 12.79 -62.43 51.95
C ILE D 253 13.65 -63.08 50.86
N GLU D 254 13.10 -64.14 50.31
CA GLU D 254 13.75 -64.92 49.27
C GLU D 254 13.22 -64.79 47.85
N HIS D 255 12.04 -64.19 47.72
CA HIS D 255 11.29 -64.11 46.48
C HIS D 255 11.80 -63.04 45.49
N HIS D 256 11.10 -62.87 44.36
CA HIS D 256 11.54 -61.99 43.29
C HIS D 256 10.90 -60.68 43.05
N LEU D 257 10.08 -60.19 43.95
CA LEU D 257 9.47 -58.90 43.73
C LEU D 257 10.57 -57.87 43.81
N ALA D 258 10.83 -57.18 42.72
CA ALA D 258 11.84 -56.14 42.73
C ALA D 258 11.30 -54.74 43.09
N ALA D 259 10.04 -54.44 42.82
CA ALA D 259 9.44 -53.13 43.18
C ALA D 259 7.93 -53.29 43.23
N VAL D 260 7.24 -52.63 44.11
CA VAL D 260 5.78 -52.62 44.01
C VAL D 260 5.37 -51.25 44.31
N THR D 261 4.42 -50.73 43.58
CA THR D 261 3.89 -49.38 43.75
C THR D 261 2.43 -49.53 44.15
N VAL D 262 1.94 -48.71 45.03
CA VAL D 262 0.54 -48.81 45.44
C VAL D 262 -0.03 -47.41 45.36
N ILE D 263 -1.30 -47.28 44.97
CA ILE D 263 -1.94 -45.98 44.81
C ILE D 263 -3.24 -46.06 45.55
N ASP D 264 -3.44 -45.10 46.44
CA ASP D 264 -4.54 -45.13 47.41
C ASP D 264 -4.84 -43.66 47.74
N LYS D 265 -6.09 -43.32 47.93
CA LYS D 265 -6.40 -41.95 48.37
C LYS D 265 -5.62 -41.55 49.65
N SER D 266 -5.28 -42.50 50.52
CA SER D 266 -4.44 -42.17 51.65
C SER D 266 -3.01 -42.51 51.36
N THR D 267 -2.15 -41.50 51.55
CA THR D 267 -0.72 -41.76 51.32
C THR D 267 -0.14 -42.64 52.39
N LEU D 268 -0.63 -42.54 53.62
CA LEU D 268 -0.22 -43.44 54.70
C LEU D 268 -0.49 -44.88 54.23
N ARG D 269 -1.73 -45.18 53.90
CA ARG D 269 -2.06 -46.53 53.45
C ARG D 269 -1.22 -46.98 52.23
N ALA D 270 -1.01 -46.13 51.24
CA ALA D 270 -0.09 -46.52 50.17
C ALA D 270 1.31 -46.87 50.60
N ASP D 271 1.85 -46.18 51.56
CA ASP D 271 3.19 -46.48 52.08
C ASP D 271 3.24 -47.80 52.90
N GLY D 272 2.15 -48.06 53.61
CA GLY D 272 2.03 -49.28 54.38
C GLY D 272 1.78 -50.48 53.48
N LEU D 273 0.71 -50.45 52.70
CA LEU D 273 0.40 -51.60 51.81
C LEU D 273 1.58 -51.92 50.90
N SER D 274 2.22 -50.88 50.43
CA SER D 274 3.39 -51.03 49.61
C SER D 274 4.51 -51.87 50.31
N THR D 275 4.82 -51.54 51.55
CA THR D 275 5.71 -52.31 52.38
C THR D 275 5.14 -53.71 52.58
N ALA D 276 3.83 -53.82 52.81
CA ALA D 276 3.21 -55.15 53.02
C ALA D 276 3.35 -56.09 51.80
N LEU D 277 3.03 -55.56 50.63
CA LEU D 277 3.16 -56.28 49.37
C LEU D 277 4.58 -56.75 49.12
N MET D 278 5.57 -55.92 49.46
CA MET D 278 6.99 -56.31 49.23
C MET D 278 7.35 -57.42 50.17
N VAL D 279 6.78 -57.43 51.34
CA VAL D 279 7.04 -58.54 52.23
C VAL D 279 6.46 -59.77 51.57
N LEU D 280 5.23 -59.68 51.06
CA LEU D 280 4.51 -60.87 50.66
C LEU D 280 5.09 -61.49 49.45
N GLY D 281 5.47 -60.64 48.48
CA GLY D 281 6.11 -61.07 47.22
C GLY D 281 5.15 -61.26 46.09
N PRO D 282 5.65 -61.62 44.92
CA PRO D 282 4.80 -61.48 43.77
C PRO D 282 3.52 -62.35 43.85
N GLU D 283 3.58 -63.55 44.39
CA GLU D 283 2.36 -64.36 44.36
C GLU D 283 1.43 -63.89 45.40
N LYS D 284 1.85 -63.98 46.67
CA LYS D 284 0.96 -63.64 47.75
C LYS D 284 0.52 -62.18 47.70
N GLY D 285 1.41 -61.33 47.21
CA GLY D 285 1.07 -59.89 47.11
C GLY D 285 -0.04 -59.61 46.17
N LEU D 286 0.10 -60.20 45.01
CA LEU D 286 -0.92 -60.12 44.00
C LEU D 286 -2.23 -60.68 44.43
N ALA D 287 -2.20 -61.75 45.17
CA ALA D 287 -3.42 -62.36 45.63
C ALA D 287 -4.09 -61.48 46.68
N LEU D 288 -3.34 -60.94 47.63
CA LEU D 288 -3.90 -60.03 48.62
C LEU D 288 -4.50 -58.84 47.92
N ALA D 289 -3.78 -58.35 46.92
CA ALA D 289 -4.16 -57.13 46.28
C ALA D 289 -5.48 -57.25 45.54
N GLU D 290 -5.70 -58.38 44.84
CA GLU D 290 -6.97 -58.61 44.17
C GLU D 290 -8.00 -58.84 45.22
N ARG D 291 -7.71 -59.64 46.19
CA ARG D 291 -8.65 -59.84 47.28
C ARG D 291 -9.15 -58.54 47.92
N ASN D 292 -8.26 -57.62 48.30
CA ASN D 292 -8.68 -56.38 48.98
C ASN D 292 -8.98 -55.23 48.03
N GLY D 293 -8.83 -55.44 46.72
CA GLY D 293 -9.09 -54.40 45.71
C GLY D 293 -8.05 -53.28 45.71
N ILE D 294 -6.79 -53.60 46.00
CA ILE D 294 -5.77 -52.61 46.04
C ILE D 294 -5.28 -52.34 44.61
N ALA D 295 -4.99 -51.07 44.30
CA ALA D 295 -4.42 -50.68 43.02
C ALA D 295 -2.92 -50.76 43.07
N ALA D 296 -2.32 -51.69 42.38
CA ALA D 296 -0.92 -51.88 42.49
C ALA D 296 -0.25 -52.33 41.23
N PHE D 297 1.05 -52.04 41.17
CA PHE D 297 1.89 -52.34 40.01
C PHE D 297 3.17 -53.03 40.50
N PHE D 298 3.47 -54.24 40.08
CA PHE D 298 4.54 -55.10 40.64
C PHE D 298 5.63 -55.25 39.54
N VAL D 299 6.90 -55.25 39.90
CA VAL D 299 7.94 -55.46 38.94
C VAL D 299 8.68 -56.63 39.46
N VAL D 300 8.77 -57.69 38.67
CA VAL D 300 9.19 -59.04 39.14
C VAL D 300 10.38 -59.49 38.35
N ARG D 301 11.41 -59.99 39.01
CA ARG D 301 12.55 -60.56 38.33
C ARG D 301 12.11 -61.86 37.66
N GLU D 302 12.35 -61.96 36.36
CA GLU D 302 12.07 -63.15 35.54
C GLU D 302 13.04 -63.36 34.34
N GLY D 303 13.83 -64.43 34.34
CA GLY D 303 14.81 -64.74 33.26
C GLY D 303 15.74 -63.67 32.73
N GLN D 304 16.65 -63.15 33.59
CA GLN D 304 17.52 -61.96 33.28
C GLN D 304 16.75 -60.90 32.45
N GLY D 305 15.84 -60.25 33.17
CA GLY D 305 14.84 -59.31 32.64
C GLY D 305 13.79 -59.08 33.73
N PHE D 306 12.80 -58.26 33.43
CA PHE D 306 11.74 -58.02 34.41
C PHE D 306 10.38 -58.22 33.80
N VAL D 307 9.39 -58.60 34.58
CA VAL D 307 8.04 -58.53 34.07
C VAL D 307 7.30 -57.67 35.01
N THR D 308 6.25 -57.02 34.51
CA THR D 308 5.34 -56.21 35.28
C THR D 308 3.91 -56.80 35.38
N THR D 309 3.26 -56.64 36.50
CA THR D 309 1.94 -57.16 36.67
C THR D 309 1.18 -56.13 37.48
N SER D 310 0.08 -55.68 36.93
CA SER D 310 -0.71 -54.64 37.46
C SER D 310 -2.00 -55.26 37.99
N THR D 311 -2.63 -54.73 39.03
CA THR D 311 -3.86 -55.33 39.52
C THR D 311 -5.09 -54.80 38.75
N LYS D 312 -6.21 -55.44 39.05
CA LYS D 312 -7.51 -55.13 38.45
C LYS D 312 -7.97 -53.74 38.85
N ALA D 313 -7.88 -53.40 40.12
CA ALA D 313 -8.15 -52.02 40.63
C ALA D 313 -7.21 -50.98 40.01
N PHE D 314 -5.92 -51.33 39.87
CA PHE D 314 -5.00 -50.48 39.17
C PHE D 314 -5.44 -50.25 37.75
N ASP D 315 -5.77 -51.34 37.00
CA ASP D 315 -6.24 -51.23 35.58
C ASP D 315 -7.52 -50.42 35.38
N GLU D 316 -8.51 -50.54 36.28
CA GLU D 316 -9.70 -49.69 36.21
C GLU D 316 -9.32 -48.26 36.29
N LEU D 317 -8.43 -47.90 37.22
CA LEU D 317 -8.09 -46.49 37.43
C LEU D 317 -7.19 -45.92 36.37
N PHE D 318 -6.36 -46.71 35.70
CA PHE D 318 -5.31 -46.19 34.80
C PHE D 318 -5.12 -46.83 33.38
N GLY D 319 -5.87 -47.88 33.03
CA GLY D 319 -5.69 -48.63 31.77
C GLY D 319 -4.60 -49.69 31.87
N ALA D 320 -4.74 -50.77 31.10
CA ALA D 320 -3.73 -51.84 31.14
C ALA D 320 -2.38 -51.53 30.43
N GLY D 321 -2.35 -50.55 29.53
CA GLY D 321 -1.20 -50.34 28.64
C GLY D 321 0.03 -49.56 29.12
N VAL D 322 0.93 -49.27 28.17
CA VAL D 322 2.21 -48.58 28.39
C VAL D 322 2.93 -48.34 27.04
N MET E 3 32.38 -15.65 13.50
CA MET E 3 32.16 -14.29 14.00
C MET E 3 33.39 -13.43 13.70
N ASP E 4 33.18 -12.16 14.03
CA ASP E 4 34.14 -11.12 13.82
C ASP E 4 34.46 -10.48 15.14
N LEU E 5 35.66 -9.91 15.22
CA LEU E 5 36.09 -9.29 16.43
C LEU E 5 35.23 -8.08 16.72
N PHE E 6 34.90 -7.33 15.69
CA PHE E 6 34.18 -6.10 15.86
C PHE E 6 32.84 -6.27 15.29
N GLN E 7 31.82 -6.05 16.09
CA GLN E 7 30.49 -6.56 15.87
C GLN E 7 29.53 -6.12 16.95
N ASP E 8 28.33 -5.66 16.57
CA ASP E 8 27.36 -5.13 17.53
C ASP E 8 26.96 -6.27 18.41
N LYS E 9 26.64 -5.98 19.66
CA LYS E 9 26.33 -7.06 20.64
C LYS E 9 24.85 -7.50 20.58
N VAL E 10 24.58 -8.78 20.74
CA VAL E 10 23.19 -9.24 20.96
C VAL E 10 22.86 -9.36 22.46
N GLU E 11 22.19 -8.35 23.02
CA GLU E 11 21.79 -8.36 24.42
C GLU E 11 20.54 -9.20 24.63
N ALA E 12 20.36 -9.70 25.83
CA ALA E 12 19.18 -10.41 26.21
C ALA E 12 18.82 -10.14 27.67
N PHE E 13 17.52 -10.08 27.94
CA PHE E 13 17.08 -10.04 29.31
C PHE E 13 15.80 -10.80 29.42
N THR E 14 15.57 -11.33 30.61
CA THR E 14 14.29 -11.96 30.93
C THR E 14 13.74 -11.53 32.31
N GLY E 15 12.51 -11.94 32.57
CA GLY E 15 11.82 -11.49 33.76
C GLY E 15 10.49 -12.21 33.99
N PRO E 16 9.89 -11.96 35.15
CA PRO E 16 8.63 -12.64 35.45
C PRO E 16 7.38 -11.83 35.07
N THR E 17 6.40 -12.60 34.59
CA THR E 17 4.98 -12.23 34.54
C THR E 17 4.36 -12.92 35.77
N MET E 18 3.09 -12.69 36.13
CA MET E 18 2.45 -13.59 37.15
C MET E 18 2.28 -14.89 36.41
N GLY E 19 2.71 -15.98 36.97
CA GLY E 19 2.59 -17.27 36.22
C GLY E 19 3.62 -17.67 35.15
N SER E 20 4.42 -16.79 34.59
CA SER E 20 5.27 -17.22 33.46
C SER E 20 6.47 -16.29 33.35
N THR E 21 7.08 -16.18 32.17
CA THR E 21 8.19 -15.28 31.92
C THR E 21 8.14 -14.57 30.59
N TYR E 22 8.94 -13.49 30.45
CA TYR E 22 9.18 -12.89 29.15
C TYR E 22 10.65 -12.89 28.83
N THR E 23 11.02 -12.61 27.59
CA THR E 23 12.40 -12.56 27.19
C THR E 23 12.55 -11.68 25.98
N VAL E 24 13.35 -10.65 26.11
CA VAL E 24 13.69 -9.77 25.01
C VAL E 24 15.14 -10.06 24.63
N LYS E 25 15.37 -10.26 23.33
CA LYS E 25 16.71 -10.24 22.77
C LYS E 25 16.69 -9.15 21.73
N TYR E 26 17.75 -8.32 21.70
CA TYR E 26 17.93 -7.28 20.69
C TYR E 26 19.35 -7.03 20.35
N VAL E 27 19.58 -6.29 19.26
CA VAL E 27 20.91 -5.91 18.83
C VAL E 27 21.16 -4.50 19.30
N ARG E 28 22.29 -4.28 19.97
CA ARG E 28 22.62 -2.94 20.43
C ARG E 28 23.68 -2.30 19.54
N SER E 29 23.41 -1.13 19.01
CA SER E 29 24.41 -0.34 18.28
C SER E 29 25.08 0.64 19.24
N GLY E 30 26.11 1.35 18.74
CA GLY E 30 26.79 2.39 19.54
C GLY E 30 25.78 3.40 20.06
N ASP E 31 24.90 3.85 19.15
CA ASP E 31 23.68 4.62 19.45
C ASP E 31 22.81 3.96 20.50
N GLY E 32 22.32 2.75 20.19
CA GLY E 32 21.16 2.12 20.85
C GLY E 32 21.13 2.06 22.36
N PRO E 33 19.93 1.95 22.92
CA PRO E 33 19.76 2.06 24.36
C PRO E 33 20.33 0.86 25.14
N ALA E 34 20.71 1.11 26.40
CA ALA E 34 21.23 0.06 27.30
C ALA E 34 20.17 -0.95 27.72
N LYS E 35 20.59 -2.16 28.07
CA LYS E 35 19.61 -3.20 28.29
C LYS E 35 18.77 -2.95 29.52
N GLU E 36 19.28 -2.19 30.48
CA GLU E 36 18.51 -1.90 31.70
C GLU E 36 17.49 -0.81 31.46
N VAL E 37 17.72 0.07 30.50
CA VAL E 37 16.67 1.03 30.08
C VAL E 37 15.45 0.26 29.49
N LEU E 38 15.68 -0.71 28.60
CA LEU E 38 14.59 -1.46 28.01
C LEU E 38 13.91 -2.34 29.05
N HIS E 39 14.69 -2.95 29.94
CA HIS E 39 14.14 -3.75 31.03
C HIS E 39 13.05 -2.94 31.79
N GLY E 40 13.30 -1.66 32.04
CA GLY E 40 12.38 -0.80 32.75
C GLY E 40 11.22 -0.43 31.90
N GLU E 41 11.47 -0.16 30.63
CA GLU E 41 10.42 0.07 29.63
C GLU E 41 9.47 -1.11 29.48
N VAL E 42 10.01 -2.32 29.44
CA VAL E 42 9.15 -3.50 29.40
C VAL E 42 8.34 -3.65 30.68
N GLU E 43 8.96 -3.45 31.82
CA GLU E 43 8.28 -3.68 33.08
C GLU E 43 7.17 -2.67 33.23
N ALA E 44 7.40 -1.46 32.76
CA ALA E 44 6.35 -0.45 32.84
C ALA E 44 5.14 -0.87 32.04
N ILE E 45 5.35 -1.27 30.79
CA ILE E 45 4.26 -1.72 29.91
C ILE E 45 3.45 -2.87 30.56
N LEU E 46 4.14 -3.84 31.15
CA LEU E 46 3.45 -4.96 31.82
C LEU E 46 2.69 -4.56 33.06
N GLY E 47 3.14 -3.51 33.73
CA GLY E 47 2.38 -2.88 34.85
C GLY E 47 1.09 -2.22 34.45
N GLN E 48 1.13 -1.38 33.41
CA GLN E 48 -0.08 -0.79 32.89
C GLN E 48 -1.03 -1.86 32.37
N LEU E 49 -0.52 -2.91 31.71
CA LEU E 49 -1.43 -3.97 31.24
C LEU E 49 -2.12 -4.61 32.37
N ASP E 50 -1.37 -4.97 33.41
CA ASP E 50 -1.96 -5.60 34.59
C ASP E 50 -3.05 -4.72 35.26
N LYS E 51 -2.76 -3.44 35.39
CA LYS E 51 -3.64 -2.49 36.01
C LYS E 51 -4.92 -2.31 35.22
N GLN E 52 -4.78 -2.15 33.91
CA GLN E 52 -5.94 -1.91 33.06
C GLN E 52 -6.83 -3.17 32.79
N LEU E 53 -6.16 -4.29 32.54
CA LEU E 53 -6.82 -5.50 32.02
C LEU E 53 -6.93 -6.76 32.89
N SER E 54 -6.22 -6.88 34.02
CA SER E 54 -6.19 -8.17 34.76
C SER E 54 -7.45 -8.33 35.54
N THR E 55 -8.18 -9.39 35.23
CA THR E 55 -9.29 -9.81 36.05
C THR E 55 -8.80 -10.40 37.37
N TYR E 56 -7.49 -10.71 37.50
CA TYR E 56 -6.92 -11.29 38.73
C TYR E 56 -6.54 -10.28 39.78
N ARG E 57 -6.88 -9.01 39.59
CA ARG E 57 -6.80 -8.05 40.68
C ARG E 57 -8.00 -7.13 40.76
N SER E 58 -8.44 -6.84 41.97
CA SER E 58 -9.68 -6.12 42.15
C SER E 58 -9.58 -4.60 41.88
N ASP E 59 -8.39 -4.00 41.86
CA ASP E 59 -8.35 -2.57 41.58
C ASP E 59 -8.21 -2.23 40.08
N SER E 60 -8.26 -3.27 39.22
CA SER E 60 -8.06 -3.09 37.78
C SER E 60 -9.21 -2.41 37.11
N ASP E 61 -8.92 -1.80 35.97
CA ASP E 61 -9.92 -1.02 35.25
C ASP E 61 -11.01 -1.95 34.71
N VAL E 62 -10.58 -3.10 34.14
CA VAL E 62 -11.57 -4.09 33.65
C VAL E 62 -12.48 -4.62 34.78
N GLU E 63 -11.96 -4.79 36.01
CA GLU E 63 -12.78 -5.29 37.11
C GLU E 63 -13.77 -4.25 37.56
N ARG E 64 -13.38 -2.98 37.44
CA ARG E 64 -14.34 -1.89 37.66
C ARG E 64 -15.52 -2.04 36.68
N PHE E 65 -15.21 -2.25 35.40
CA PHE E 65 -16.23 -2.46 34.41
C PHE E 65 -17.09 -3.70 34.62
N ASN E 66 -16.43 -4.81 34.93
CA ASN E 66 -17.11 -6.06 35.16
C ASN E 66 -18.08 -6.03 36.32
N ALA E 67 -17.78 -5.33 37.41
CA ALA E 67 -18.72 -5.05 38.54
C ALA E 67 -20.06 -4.43 38.12
N LEU E 68 -20.05 -3.51 37.16
CA LEU E 68 -21.23 -2.71 36.83
C LEU E 68 -22.45 -3.44 36.32
N PRO E 69 -23.65 -2.92 36.63
CA PRO E 69 -24.83 -3.62 36.16
C PRO E 69 -25.10 -3.32 34.64
N ALA E 70 -26.02 -4.10 34.05
CA ALA E 70 -26.45 -3.92 32.66
C ALA E 70 -26.92 -2.52 32.39
N GLY E 71 -26.67 -2.03 31.17
CA GLY E 71 -27.02 -0.66 30.79
C GLY E 71 -26.03 0.41 31.20
N SER E 72 -24.95 0.05 31.90
CA SER E 72 -23.92 1.02 32.34
C SER E 72 -23.05 1.49 31.17
N CYS E 73 -22.75 2.80 31.08
CA CYS E 73 -21.63 3.32 30.26
C CYS E 73 -20.64 3.89 31.25
N GLU E 74 -19.36 3.52 31.07
CA GLU E 74 -18.33 3.75 32.06
C GLU E 74 -17.07 4.20 31.34
N PRO E 75 -16.46 5.33 31.74
CA PRO E 75 -15.22 5.71 31.10
C PRO E 75 -14.20 4.63 31.29
N MET E 76 -13.34 4.45 30.29
CA MET E 76 -12.29 3.46 30.37
C MET E 76 -11.02 3.98 29.70
N PRO E 77 -9.89 3.50 30.16
CA PRO E 77 -8.66 3.97 29.53
C PRO E 77 -8.40 3.33 28.19
N ASP E 78 -7.43 3.91 27.47
CA ASP E 78 -7.10 3.58 26.05
C ASP E 78 -6.89 2.08 25.71
N MET E 79 -6.06 1.41 26.48
CA MET E 79 -5.82 0.00 26.28
C MET E 79 -7.08 -0.81 26.28
N VAL E 80 -7.91 -0.62 27.27
CA VAL E 80 -9.11 -1.39 27.28
C VAL E 80 -9.91 -1.15 26.01
N ARG E 81 -9.94 0.10 25.54
CA ARG E 81 -10.71 0.43 24.32
C ARG E 81 -9.98 -0.02 23.06
N GLU E 82 -8.66 -0.04 23.07
CA GLU E 82 -7.93 -0.50 21.92
C GLU E 82 -8.22 -1.99 21.74
N LEU E 83 -8.27 -2.73 22.85
CA LEU E 83 -8.52 -4.14 22.79
C LEU E 83 -9.95 -4.52 22.60
N VAL E 84 -10.91 -3.66 22.94
CA VAL E 84 -12.34 -4.00 22.70
C VAL E 84 -12.50 -3.85 21.20
N ALA E 85 -11.84 -2.87 20.63
CA ALA E 85 -11.92 -2.68 19.20
C ALA E 85 -11.28 -3.82 18.41
N ALA E 86 -10.08 -4.17 18.75
CA ALA E 86 -9.46 -5.27 18.10
C ALA E 86 -10.31 -6.54 18.31
N GLY E 87 -10.90 -6.71 19.49
CA GLY E 87 -11.77 -7.88 19.78
C GLY E 87 -13.04 -7.94 18.93
N SER E 88 -13.62 -6.77 18.63
CA SER E 88 -14.80 -6.67 17.77
C SER E 88 -14.46 -7.07 16.31
N GLN E 89 -13.30 -6.67 15.83
CA GLN E 89 -12.90 -7.02 14.48
C GLN E 89 -12.62 -8.51 14.44
N LEU E 90 -11.80 -9.00 15.35
CA LEU E 90 -11.57 -10.46 15.44
C LEU E 90 -12.86 -11.27 15.43
N SER E 91 -13.86 -10.83 16.17
CA SER E 91 -15.12 -11.54 16.32
C SER E 91 -15.88 -11.64 15.02
N ALA E 92 -15.93 -10.54 14.31
CA ALA E 92 -16.49 -10.52 12.96
C ALA E 92 -15.67 -11.38 11.98
N ASP E 93 -14.37 -11.24 11.98
CA ASP E 93 -13.52 -12.09 11.11
C ASP E 93 -13.63 -13.62 11.35
N SER E 94 -13.98 -14.05 12.55
CA SER E 94 -13.93 -15.45 12.95
C SER E 94 -15.33 -15.99 13.21
N ASP E 95 -16.33 -15.37 12.59
CA ASP E 95 -17.77 -15.62 12.77
C ASP E 95 -18.24 -15.81 14.19
N GLY E 96 -17.72 -15.03 15.12
CA GLY E 96 -18.06 -15.18 16.56
C GLY E 96 -17.32 -16.24 17.34
N ALA E 97 -16.30 -16.88 16.74
CA ALA E 97 -15.45 -17.81 17.46
C ALA E 97 -14.57 -17.12 18.54
N PHE E 98 -14.20 -15.87 18.25
CA PHE E 98 -13.55 -15.03 19.24
C PHE E 98 -14.60 -14.25 20.02
N ASP E 99 -14.48 -14.23 21.33
CA ASP E 99 -15.36 -13.45 22.17
C ASP E 99 -14.63 -13.06 23.47
N LEU E 100 -14.73 -11.79 23.84
CA LEU E 100 -14.17 -11.26 25.07
C LEU E 100 -15.02 -11.38 26.26
N THR E 101 -16.25 -11.86 26.10
CA THR E 101 -17.25 -11.75 27.17
C THR E 101 -17.57 -13.05 27.86
N LEU E 102 -16.62 -13.98 27.81
CA LEU E 102 -16.81 -15.34 28.35
C LEU E 102 -16.57 -15.51 29.84
N GLU E 103 -16.17 -14.46 30.55
CA GLU E 103 -15.84 -14.57 31.95
C GLU E 103 -16.94 -15.20 32.82
N PRO E 104 -18.23 -14.86 32.62
CA PRO E 104 -19.25 -15.57 33.40
C PRO E 104 -19.19 -17.07 33.22
N LEU E 105 -19.07 -17.56 31.97
CA LEU E 105 -18.96 -19.03 31.69
C LEU E 105 -17.62 -19.65 32.21
N LEU E 106 -16.53 -18.89 32.08
CA LEU E 106 -15.22 -19.24 32.71
C LEU E 106 -15.25 -19.31 34.27
N ASN E 107 -15.87 -18.34 34.94
CA ASN E 107 -16.15 -18.43 36.38
C ASN E 107 -17.12 -19.54 36.74
N LEU E 108 -18.10 -19.84 35.86
CA LEU E 108 -18.98 -21.00 36.05
C LEU E 108 -18.25 -22.33 35.85
N TRP E 109 -17.41 -22.47 34.84
CA TRP E 109 -16.79 -23.78 34.63
C TRP E 109 -15.56 -24.02 35.52
N GLY E 110 -15.24 -23.06 36.41
CA GLY E 110 -14.09 -23.13 37.34
C GLY E 110 -12.73 -22.69 36.79
N PHE E 111 -12.66 -22.36 35.49
CA PHE E 111 -11.39 -22.05 34.81
C PHE E 111 -10.97 -20.58 35.04
N GLY E 112 -11.63 -19.83 35.94
CA GLY E 112 -11.43 -18.39 36.05
C GLY E 112 -10.60 -17.94 37.24
N PRO E 113 -10.49 -16.62 37.47
CA PRO E 113 -9.89 -16.06 38.67
C PRO E 113 -10.69 -16.33 39.98
N GLN E 114 -12.03 -16.28 39.92
CA GLN E 114 -12.91 -16.62 41.07
C GLN E 114 -13.46 -18.03 40.81
N GLY E 115 -12.55 -19.01 40.87
CA GLY E 115 -12.87 -20.36 40.47
C GLY E 115 -12.22 -21.41 41.34
N ARG E 116 -13.06 -22.17 42.01
CA ARG E 116 -12.62 -23.37 42.66
C ARG E 116 -12.06 -24.34 41.64
N GLY E 117 -12.81 -24.54 40.56
CA GLY E 117 -12.36 -25.37 39.46
C GLY E 117 -13.05 -26.70 39.31
N GLU E 118 -13.02 -27.22 38.08
CA GLU E 118 -13.33 -28.63 37.80
C GLU E 118 -14.68 -29.09 38.35
N ARG E 119 -15.70 -28.47 37.80
CA ARG E 119 -17.07 -28.79 38.13
C ARG E 119 -17.90 -28.82 36.90
N VAL E 120 -18.86 -29.70 36.88
CA VAL E 120 -19.83 -29.73 35.79
C VAL E 120 -21.05 -28.92 36.26
N PRO E 121 -21.11 -27.62 35.91
CA PRO E 121 -22.35 -26.93 36.24
C PRO E 121 -23.50 -27.47 35.38
N SER E 122 -24.71 -27.33 35.91
CA SER E 122 -25.93 -27.77 35.24
C SER E 122 -26.17 -27.11 33.87
N ALA E 123 -27.25 -27.49 33.22
CA ALA E 123 -27.76 -26.81 32.02
C ALA E 123 -28.62 -25.57 32.35
N GLU E 124 -28.99 -25.41 33.61
CA GLU E 124 -29.81 -24.28 34.03
C GLU E 124 -28.92 -23.06 34.21
N ASP E 125 -27.82 -23.25 34.97
CA ASP E 125 -26.78 -22.22 35.23
C ASP E 125 -25.99 -21.73 33.98
N ILE E 126 -25.75 -22.66 33.04
CA ILE E 126 -25.19 -22.36 31.68
C ILE E 126 -26.07 -21.34 30.93
N SER E 127 -27.37 -21.66 30.81
CA SER E 127 -28.35 -20.81 30.15
C SER E 127 -28.31 -19.38 30.73
N ALA E 128 -28.35 -19.29 32.05
CA ALA E 128 -28.39 -18.00 32.76
C ALA E 128 -27.13 -17.17 32.54
N ALA E 129 -26.01 -17.87 32.50
CA ALA E 129 -24.72 -17.26 32.28
C ALA E 129 -24.54 -16.82 30.82
N ARG E 130 -24.99 -17.61 29.85
CA ARG E 130 -24.92 -17.17 28.45
C ARG E 130 -25.78 -15.94 28.17
N ALA E 131 -26.83 -15.70 28.94
CA ALA E 131 -27.56 -14.45 28.77
C ALA E 131 -26.78 -13.27 29.32
N LEU E 132 -25.66 -13.51 30.03
CA LEU E 132 -24.66 -12.47 30.45
C LEU E 132 -23.38 -12.35 29.56
N THR E 133 -23.44 -12.92 28.35
CA THR E 133 -22.33 -12.93 27.40
C THR E 133 -22.83 -12.40 26.09
N GLY E 134 -21.91 -12.20 25.16
CA GLY E 134 -22.22 -11.68 23.84
C GLY E 134 -21.53 -10.38 23.49
N GLN E 135 -20.50 -10.49 22.66
CA GLN E 135 -19.78 -9.37 22.02
C GLN E 135 -20.70 -8.21 21.54
N GLN E 136 -21.78 -8.57 20.84
CA GLN E 136 -22.76 -7.61 20.32
C GLN E 136 -23.41 -6.67 21.34
N HIS E 137 -23.39 -7.04 22.63
CA HIS E 137 -23.81 -6.17 23.75
C HIS E 137 -22.76 -5.12 24.25
N LEU E 138 -21.55 -5.20 23.68
CA LEU E 138 -20.42 -4.40 24.08
C LEU E 138 -20.14 -3.36 23.05
N SER E 139 -20.15 -2.10 23.43
CA SER E 139 -19.88 -1.04 22.46
C SER E 139 -18.90 -0.03 23.08
N ILE E 140 -18.30 0.79 22.23
CA ILE E 140 -17.51 1.97 22.58
C ILE E 140 -18.27 3.29 22.32
N ASP E 141 -18.35 4.19 23.27
CA ASP E 141 -19.08 5.43 23.07
C ASP E 141 -18.11 6.48 23.59
N GLY E 142 -17.43 7.12 22.67
CA GLY E 142 -16.39 8.09 22.98
C GLY E 142 -15.30 7.40 23.75
N ASP E 143 -15.08 7.87 24.97
CA ASP E 143 -14.05 7.33 25.83
C ASP E 143 -14.66 6.33 26.86
N ARG E 144 -15.91 5.94 26.66
CA ARG E 144 -16.57 5.00 27.54
C ARG E 144 -16.83 3.62 26.87
N LEU E 145 -17.00 2.59 27.67
CA LEU E 145 -17.50 1.30 27.22
C LEU E 145 -18.90 1.11 27.73
N CYS E 146 -19.79 0.68 26.87
CA CYS E 146 -21.17 0.51 27.25
C CYS E 146 -21.45 -0.98 27.20
N LYS E 147 -22.28 -1.46 28.13
CA LYS E 147 -22.71 -2.81 28.12
C LYS E 147 -24.21 -2.90 28.30
N ALA E 148 -24.85 -3.68 27.47
CA ALA E 148 -26.30 -3.79 27.49
C ALA E 148 -26.84 -4.89 28.38
N VAL E 149 -26.01 -5.87 28.76
CA VAL E 149 -26.35 -6.92 29.75
C VAL E 149 -25.21 -6.85 30.76
N ALA E 150 -25.25 -7.62 31.84
CA ALA E 150 -24.15 -7.64 32.87
C ALA E 150 -22.82 -8.36 32.46
N LEU E 151 -22.15 -7.76 31.47
CA LEU E 151 -21.02 -8.36 30.84
C LEU E 151 -19.81 -8.41 31.68
N GLN E 152 -19.03 -9.45 31.47
CA GLN E 152 -17.79 -9.56 32.20
C GLN E 152 -16.64 -9.90 31.22
N LEU E 153 -15.69 -8.99 31.06
CA LEU E 153 -14.70 -9.12 30.03
C LEU E 153 -13.55 -9.89 30.54
N ASP E 154 -12.83 -10.49 29.60
CA ASP E 154 -11.57 -11.12 29.83
C ASP E 154 -10.69 -10.95 28.58
N PHE E 155 -9.46 -10.49 28.78
CA PHE E 155 -8.62 -10.10 27.69
C PHE E 155 -7.49 -11.09 27.51
N ASN E 156 -7.53 -12.22 28.18
CA ASN E 156 -6.42 -13.19 28.02
C ASN E 156 -6.17 -13.81 26.66
N SER E 157 -7.17 -13.88 25.82
CA SER E 157 -6.96 -14.43 24.47
C SER E 157 -6.11 -13.54 23.53
N ILE E 158 -5.97 -12.24 23.91
CA ILE E 158 -5.13 -11.23 23.20
C ILE E 158 -4.10 -10.37 23.95
N ALA E 159 -4.10 -10.38 25.30
CA ALA E 159 -3.24 -9.48 26.11
C ALA E 159 -1.76 -9.68 25.81
N ALA E 160 -1.30 -10.91 25.77
CA ALA E 160 0.12 -11.15 25.57
C ALA E 160 0.62 -10.73 24.20
N GLY E 161 -0.25 -10.78 23.20
CA GLY E 161 0.18 -10.44 21.81
C GLY E 161 0.28 -8.94 21.68
N TYR E 162 -0.66 -8.30 22.37
CA TYR E 162 -0.73 -6.86 22.50
C TYR E 162 0.51 -6.35 23.18
N ALA E 163 0.87 -7.02 24.29
CA ALA E 163 2.05 -6.73 25.07
C ALA E 163 3.31 -6.75 24.18
N VAL E 164 3.43 -7.80 23.39
CA VAL E 164 4.55 -7.95 22.50
C VAL E 164 4.59 -6.80 21.56
N ASP E 165 3.44 -6.46 20.99
CA ASP E 165 3.38 -5.40 20.00
C ASP E 165 3.78 -4.10 20.56
N LEU E 166 3.28 -3.81 21.78
CA LEU E 166 3.61 -2.59 22.55
C LEU E 166 5.08 -2.46 22.95
N VAL E 167 5.68 -3.56 23.43
CA VAL E 167 7.12 -3.58 23.68
C VAL E 167 7.91 -3.30 22.38
N ILE E 168 7.46 -3.87 21.27
CA ILE E 168 8.13 -3.66 20.00
C ILE E 168 8.06 -2.19 19.53
N ASP E 169 6.89 -1.55 19.59
CA ASP E 169 6.73 -0.08 19.31
C ASP E 169 7.72 0.83 20.09
N ARG E 170 8.05 0.43 21.33
CA ARG E 170 9.02 1.14 22.18
C ARG E 170 10.44 0.81 21.86
N LEU E 171 10.74 -0.45 21.58
CA LEU E 171 12.07 -0.74 21.10
C LEU E 171 12.37 0.07 19.84
N LYS E 172 11.36 0.21 18.95
CA LYS E 172 11.53 0.93 17.67
C LYS E 172 11.63 2.43 17.89
N ALA E 173 10.79 2.97 18.77
CA ALA E 173 10.87 4.37 19.13
C ALA E 173 12.27 4.72 19.64
N LEU E 174 12.87 3.85 20.45
CA LEU E 174 14.23 4.03 21.00
C LEU E 174 15.39 3.64 20.08
N GLY E 175 15.11 3.33 18.83
CA GLY E 175 16.18 3.12 17.80
C GLY E 175 16.44 1.68 17.35
N VAL E 176 15.97 0.71 18.13
CA VAL E 176 16.29 -0.70 17.89
C VAL E 176 15.70 -1.20 16.56
N GLN E 177 16.48 -1.91 15.79
CA GLN E 177 16.07 -2.37 14.46
C GLN E 177 15.97 -3.80 14.37
N SER E 178 16.73 -4.52 15.19
CA SER E 178 16.68 -6.00 15.20
C SER E 178 16.44 -6.56 16.61
N TYR E 179 15.46 -7.46 16.73
CA TYR E 179 14.89 -7.89 18.04
C TYR E 179 14.04 -9.20 17.94
N LEU E 180 13.93 -9.93 19.05
CA LEU E 180 13.05 -11.09 19.21
C LEU E 180 12.43 -10.84 20.57
N VAL E 181 11.12 -10.69 20.65
CA VAL E 181 10.49 -10.35 21.91
C VAL E 181 9.48 -11.42 22.21
N GLU E 182 9.53 -12.08 23.37
CA GLU E 182 8.62 -13.19 23.69
C GLU E 182 7.93 -12.92 25.00
N ILE E 183 6.61 -12.86 25.04
CA ILE E 183 5.95 -12.66 26.33
C ILE E 183 4.99 -13.84 26.48
N THR E 184 5.25 -14.74 27.42
CA THR E 184 4.37 -15.91 27.67
C THR E 184 4.06 -16.77 26.43
N GLY E 185 5.08 -17.02 25.58
CA GLY E 185 4.95 -17.83 24.37
C GLY E 185 4.61 -17.09 23.09
N GLU E 186 3.83 -16.01 23.20
CA GLU E 186 3.61 -15.15 22.05
C GLU E 186 4.92 -14.42 21.75
N LEU E 187 5.28 -14.30 20.48
CA LEU E 187 6.48 -13.60 20.14
C LEU E 187 6.49 -13.03 18.77
N LYS E 188 7.43 -12.14 18.53
CA LYS E 188 7.60 -11.56 17.22
C LYS E 188 9.07 -11.21 17.06
N ALA E 189 9.55 -11.19 15.83
CA ALA E 189 10.90 -10.81 15.57
C ALA E 189 11.04 -10.12 14.24
N GLU E 190 12.10 -9.36 14.12
CA GLU E 190 12.34 -8.55 12.93
C GLU E 190 13.84 -8.30 12.78
N GLY E 191 14.29 -8.06 11.52
CA GLY E 191 15.70 -7.81 11.24
C GLY E 191 16.54 -9.06 11.41
N ARG E 192 17.85 -8.89 11.47
CA ARG E 192 18.76 -10.03 11.49
C ARG E 192 19.79 -9.83 12.56
N LYS E 193 20.49 -10.90 12.90
CA LYS E 193 21.59 -10.83 13.87
C LYS E 193 22.87 -10.27 13.22
N PRO E 194 23.90 -9.98 14.03
CA PRO E 194 25.05 -9.31 13.43
C PRO E 194 25.77 -10.14 12.36
N ASP E 195 26.05 -11.39 12.65
CA ASP E 195 26.56 -12.35 11.60
C ASP E 195 25.78 -12.41 10.26
N GLY E 196 24.62 -11.74 10.18
CA GLY E 196 23.69 -11.88 9.05
C GLY E 196 22.58 -12.93 9.22
N SER E 197 22.63 -13.77 10.28
CA SER E 197 21.65 -14.87 10.48
C SER E 197 20.23 -14.37 10.92
N PRO E 198 19.13 -15.07 10.53
CA PRO E 198 17.80 -14.67 10.95
C PRO E 198 17.35 -15.24 12.30
N TRP E 199 16.36 -14.55 12.86
CA TRP E 199 15.70 -15.02 14.02
C TRP E 199 14.81 -16.17 13.54
N ARG E 200 14.89 -17.28 14.25
CA ARG E 200 14.13 -18.46 13.89
C ARG E 200 13.36 -18.94 15.07
N ILE E 201 12.17 -19.48 14.82
CA ILE E 201 11.38 -20.14 15.86
C ILE E 201 11.05 -21.57 15.36
N ALA E 202 10.82 -22.47 16.32
CA ALA E 202 10.46 -23.85 16.02
C ALA E 202 8.98 -24.07 16.34
N ILE E 203 8.28 -24.73 15.44
CA ILE E 203 6.88 -25.10 15.70
C ILE E 203 6.89 -26.61 15.89
N GLU E 204 6.23 -27.11 16.92
CA GLU E 204 6.20 -28.55 17.11
C GLU E 204 5.34 -29.22 16.04
N ALA E 205 5.79 -30.39 15.56
CA ALA E 205 5.15 -31.10 14.44
C ALA E 205 5.23 -32.63 14.61
N PRO E 206 4.59 -33.17 15.65
CA PRO E 206 4.72 -34.59 15.97
C PRO E 206 4.16 -35.58 14.91
N VAL E 212 8.33 -36.42 17.26
CA VAL E 212 8.72 -35.09 17.72
C VAL E 212 9.51 -34.31 16.65
N ALA E 213 8.91 -34.13 15.48
CA ALA E 213 9.53 -33.27 14.46
C ALA E 213 9.24 -31.79 14.75
N GLN E 214 9.94 -30.94 14.00
CA GLN E 214 9.91 -29.47 14.14
C GLN E 214 10.03 -28.76 12.79
N LYS E 215 9.11 -27.84 12.55
CA LYS E 215 9.16 -26.98 11.39
C LYS E 215 9.89 -25.70 11.86
N ILE E 216 10.92 -25.33 11.10
CA ILE E 216 11.75 -24.17 11.39
C ILE E 216 11.37 -23.05 10.47
N VAL E 217 10.98 -21.91 11.06
CA VAL E 217 10.60 -20.74 10.30
C VAL E 217 11.44 -19.52 10.73
N GLU E 218 11.61 -18.62 9.77
CA GLU E 218 12.38 -17.37 9.87
C GLU E 218 11.43 -16.16 9.94
N LEU E 219 11.54 -15.45 11.05
CA LEU E 219 10.58 -14.46 11.38
C LEU E 219 11.21 -13.17 11.12
N ASP E 220 10.69 -12.43 10.15
CA ASP E 220 11.17 -11.08 9.85
C ASP E 220 9.94 -10.17 9.65
N GLY E 221 9.54 -9.47 10.71
CA GLY E 221 8.35 -8.61 10.70
C GLY E 221 7.04 -9.32 11.00
N MET E 222 7.13 -10.46 11.68
CA MET E 222 6.03 -11.40 11.87
C MET E 222 5.98 -11.92 13.29
N GLY E 223 4.78 -12.06 13.82
CA GLY E 223 4.52 -12.58 15.14
C GLY E 223 3.83 -13.93 15.07
N VAL E 224 3.94 -14.68 16.15
CA VAL E 224 3.59 -16.08 16.20
C VAL E 224 2.86 -16.25 17.47
N SER E 225 1.71 -16.91 17.40
CA SER E 225 1.03 -17.35 18.59
C SER E 225 0.60 -18.79 18.43
N THR E 226 0.77 -19.57 19.50
CA THR E 226 0.32 -20.94 19.50
C THR E 226 -0.70 -21.20 20.57
N SER E 227 -1.94 -21.52 20.18
CA SER E 227 -2.95 -21.98 21.14
C SER E 227 -2.82 -23.51 21.37
N GLY E 228 -2.91 -23.94 22.61
CA GLY E 228 -2.63 -25.30 22.98
C GLY E 228 -1.18 -25.70 22.89
N ASP E 229 -0.93 -26.95 23.26
CA ASP E 229 0.36 -27.61 23.21
C ASP E 229 -0.01 -29.07 23.05
N TYR E 230 0.56 -29.74 22.05
CA TYR E 230 0.14 -31.11 21.76
C TYR E 230 0.41 -32.05 22.91
N ARG E 231 1.44 -31.78 23.71
CA ARG E 231 1.74 -32.60 24.88
C ARG E 231 0.64 -32.65 25.95
N ASN E 232 -0.20 -31.61 26.10
CA ASN E 232 -1.37 -31.61 27.04
C ASN E 232 -2.65 -31.81 26.30
N TYR E 233 -2.94 -33.06 26.00
CA TYR E 233 -4.17 -33.40 25.33
C TYR E 233 -4.74 -34.42 26.28
N PHE E 234 -5.94 -34.21 26.82
CA PHE E 234 -6.59 -35.11 27.84
C PHE E 234 -7.96 -35.53 27.45
N ARG E 240 -12.99 -35.47 25.64
CA ARG E 240 -11.91 -34.48 25.72
C ARG E 240 -12.04 -33.40 26.80
N TYR E 241 -10.95 -33.21 27.56
CA TYR E 241 -10.85 -32.12 28.54
C TYR E 241 -9.89 -31.00 28.08
N SER E 242 -10.43 -29.78 28.13
CA SER E 242 -9.66 -28.54 27.94
C SER E 242 -10.37 -27.35 28.59
N HIS E 243 -9.62 -26.25 28.69
CA HIS E 243 -10.13 -24.98 29.29
C HIS E 243 -10.67 -23.98 28.22
N THR E 244 -10.78 -24.41 26.97
CA THR E 244 -11.41 -23.61 25.90
C THR E 244 -12.92 -23.88 25.67
N LEU E 245 -13.70 -22.78 25.64
CA LEU E 245 -15.17 -22.84 25.56
C LEU E 245 -15.67 -22.30 24.25
N ASP E 246 -16.68 -22.98 23.67
CA ASP E 246 -17.42 -22.45 22.54
C ASP E 246 -18.33 -21.36 23.09
N PRO E 247 -18.15 -20.11 22.65
CA PRO E 247 -19.11 -19.03 23.01
C PRO E 247 -20.56 -19.36 22.68
N GLN E 248 -20.79 -19.97 21.51
CA GLN E 248 -22.11 -20.34 21.01
C GLN E 248 -22.89 -21.25 21.96
N SER E 249 -22.19 -22.30 22.40
CA SER E 249 -22.73 -23.29 23.33
C SER E 249 -21.92 -23.09 24.56
N GLY E 250 -22.54 -23.06 25.72
CA GLY E 250 -21.81 -22.76 26.97
C GLY E 250 -20.64 -23.68 27.32
N GLN E 251 -20.69 -24.93 26.85
CA GLN E 251 -19.77 -25.97 27.31
C GLN E 251 -18.42 -25.85 26.59
N PRO E 252 -17.41 -26.61 27.08
CA PRO E 252 -16.12 -26.67 26.45
C PRO E 252 -16.11 -27.50 25.17
N ILE E 253 -15.00 -27.37 24.45
CA ILE E 253 -14.88 -28.02 23.14
C ILE E 253 -14.72 -29.54 23.15
N GLU E 254 -15.38 -30.19 22.20
CA GLU E 254 -15.40 -31.63 22.04
C GLU E 254 -14.39 -32.17 21.02
N HIS E 255 -13.89 -31.31 20.14
CA HIS E 255 -13.12 -31.72 18.97
C HIS E 255 -11.66 -32.08 19.27
N HIS E 256 -10.87 -32.50 18.25
CA HIS E 256 -9.52 -33.08 18.46
C HIS E 256 -8.30 -32.16 18.20
N LEU E 257 -8.49 -30.90 17.85
CA LEU E 257 -7.37 -29.96 17.67
C LEU E 257 -6.57 -29.73 18.93
N ALA E 258 -5.32 -30.13 18.88
CA ALA E 258 -4.49 -30.08 20.09
C ALA E 258 -3.61 -28.82 20.17
N ALA E 259 -3.20 -28.30 19.01
CA ALA E 259 -2.43 -27.08 18.96
C ALA E 259 -2.63 -26.42 17.62
N VAL E 260 -2.80 -25.12 17.59
CA VAL E 260 -2.77 -24.37 16.35
C VAL E 260 -1.81 -23.20 16.53
N THR E 261 -1.06 -22.87 15.49
CA THR E 261 -0.15 -21.76 15.53
C THR E 261 -0.54 -20.81 14.45
N VAL E 262 -0.48 -19.52 14.71
CA VAL E 262 -0.79 -18.54 13.71
C VAL E 262 0.41 -17.60 13.49
N ILE E 263 0.61 -17.16 12.26
CA ILE E 263 1.62 -16.18 11.99
C ILE E 263 0.96 -15.02 11.26
N ASP E 264 1.20 -13.81 11.72
CA ASP E 264 0.57 -12.61 11.26
C ASP E 264 1.51 -11.46 11.67
N LYS E 265 1.52 -10.38 10.90
CA LYS E 265 2.41 -9.28 11.19
C LYS E 265 2.04 -8.66 12.50
N SER E 266 0.80 -8.80 12.94
CA SER E 266 0.42 -8.26 14.23
C SER E 266 0.34 -9.35 15.24
N THR E 267 1.12 -9.24 16.32
CA THR E 267 1.13 -10.31 17.36
C THR E 267 -0.19 -10.35 18.11
N LEU E 268 -0.89 -9.23 18.17
CA LEU E 268 -2.23 -9.21 18.77
C LEU E 268 -3.13 -10.16 17.94
N ARG E 269 -3.15 -9.92 16.63
CA ARG E 269 -3.99 -10.69 15.69
C ARG E 269 -3.62 -12.17 15.63
N ALA E 270 -2.33 -12.48 15.59
CA ALA E 270 -1.94 -13.89 15.77
C ALA E 270 -2.50 -14.54 17.05
N ASP E 271 -2.47 -13.84 18.18
CA ASP E 271 -2.89 -14.39 19.48
C ASP E 271 -4.43 -14.63 19.53
N GLY E 272 -5.12 -13.80 18.73
CA GLY E 272 -6.58 -13.81 18.68
C GLY E 272 -7.11 -14.92 17.79
N LEU E 273 -6.64 -14.92 16.55
CA LEU E 273 -6.99 -15.91 15.55
C LEU E 273 -6.64 -17.29 16.01
N SER E 274 -5.46 -17.41 16.58
CA SER E 274 -5.03 -18.61 17.28
C SER E 274 -6.13 -19.09 18.25
N THR E 275 -6.60 -18.20 19.11
CA THR E 275 -7.67 -18.54 20.06
C THR E 275 -8.95 -18.95 19.26
N ALA E 276 -9.27 -18.16 18.24
CA ALA E 276 -10.42 -18.37 17.40
C ALA E 276 -10.43 -19.71 16.74
N LEU E 277 -9.32 -20.06 16.08
CA LEU E 277 -9.12 -21.41 15.40
C LEU E 277 -9.25 -22.60 16.38
N MET E 278 -8.59 -22.48 17.55
CA MET E 278 -8.78 -23.50 18.58
C MET E 278 -10.27 -23.64 19.02
N VAL E 279 -11.07 -22.58 18.91
CA VAL E 279 -12.47 -22.71 19.24
C VAL E 279 -13.14 -23.52 18.13
N LEU E 280 -12.84 -23.13 16.90
CA LEU E 280 -13.52 -23.73 15.76
C LEU E 280 -13.24 -25.26 15.58
N GLY E 281 -12.01 -25.63 15.86
CA GLY E 281 -11.52 -26.99 15.67
C GLY E 281 -10.95 -27.25 14.29
N PRO E 282 -10.61 -28.54 14.01
CA PRO E 282 -9.73 -28.83 12.84
C PRO E 282 -10.39 -28.50 11.52
N GLU E 283 -11.69 -28.75 11.38
CA GLU E 283 -12.34 -28.55 10.08
C GLU E 283 -12.73 -27.09 9.88
N LYS E 284 -13.60 -26.60 10.75
CA LYS E 284 -14.06 -25.21 10.66
C LYS E 284 -12.90 -24.20 10.69
N GLY E 285 -11.92 -24.48 11.54
CA GLY E 285 -10.70 -23.65 11.64
C GLY E 285 -9.94 -23.56 10.34
N LEU E 286 -9.74 -24.71 9.70
CA LEU E 286 -9.09 -24.76 8.42
C LEU E 286 -9.86 -24.06 7.34
N ALA E 287 -11.18 -24.16 7.40
CA ALA E 287 -12.05 -23.54 6.38
C ALA E 287 -11.86 -22.06 6.50
N LEU E 288 -12.09 -21.56 7.73
CA LEU E 288 -11.87 -20.13 8.07
C LEU E 288 -10.48 -19.67 7.64
N ALA E 289 -9.48 -20.36 8.13
CA ALA E 289 -8.10 -20.03 7.75
C ALA E 289 -7.85 -19.91 6.26
N GLU E 290 -8.53 -20.71 5.44
CA GLU E 290 -8.31 -20.70 4.00
C GLU E 290 -9.10 -19.57 3.40
N ARG E 291 -10.33 -19.44 3.88
CA ARG E 291 -11.19 -18.35 3.46
C ARG E 291 -10.56 -16.99 3.70
N ASN E 292 -9.95 -16.79 4.86
CA ASN E 292 -9.41 -15.49 5.23
C ASN E 292 -7.97 -15.28 4.84
N GLY E 293 -7.28 -16.33 4.35
CA GLY E 293 -5.85 -16.25 4.00
C GLY E 293 -4.90 -16.18 5.21
N ILE E 294 -5.31 -16.78 6.33
CA ILE E 294 -4.47 -16.86 7.50
C ILE E 294 -3.39 -17.95 7.35
N ALA E 295 -2.16 -17.59 7.69
CA ALA E 295 -1.12 -18.54 7.82
C ALA E 295 -1.24 -19.27 9.18
N ALA E 296 -1.54 -20.56 9.15
CA ALA E 296 -1.71 -21.34 10.38
C ALA E 296 -1.22 -22.78 10.25
N PHE E 297 -0.80 -23.36 11.35
CA PHE E 297 -0.27 -24.69 11.33
C PHE E 297 -0.98 -25.42 12.45
N PHE E 298 -1.80 -26.43 12.08
CA PHE E 298 -2.73 -27.16 12.97
C PHE E 298 -2.17 -28.53 13.39
N VAL E 299 -2.34 -28.91 14.66
CA VAL E 299 -1.93 -30.23 15.15
C VAL E 299 -3.15 -30.91 15.75
N VAL E 300 -3.57 -31.96 15.05
CA VAL E 300 -4.80 -32.64 15.26
C VAL E 300 -4.48 -34.04 15.81
N ARG E 301 -5.26 -34.46 16.80
CA ARG E 301 -5.20 -35.81 17.34
C ARG E 301 -5.98 -36.72 16.38
N GLU E 302 -5.26 -37.71 15.82
CA GLU E 302 -5.78 -38.77 14.95
C GLU E 302 -5.19 -40.09 15.39
N GLY E 303 -5.97 -40.85 16.15
CA GLY E 303 -5.68 -42.25 16.39
C GLY E 303 -4.38 -42.64 17.08
N GLN E 304 -4.29 -42.24 18.36
CA GLN E 304 -3.05 -42.34 19.19
C GLN E 304 -1.74 -41.94 18.45
N GLY E 305 -1.64 -40.65 18.19
CA GLY E 305 -0.67 -40.08 17.26
C GLY E 305 -1.18 -38.69 16.91
N PHE E 306 -0.54 -38.04 15.95
CA PHE E 306 -0.92 -36.69 15.58
C PHE E 306 -0.80 -36.49 14.08
N VAL E 307 -1.71 -35.75 13.45
CA VAL E 307 -1.50 -35.25 12.06
C VAL E 307 -1.42 -33.72 12.01
N THR E 308 -0.54 -33.20 11.18
CA THR E 308 -0.37 -31.79 11.02
C THR E 308 -0.83 -31.34 9.67
N THR E 309 -1.38 -30.13 9.61
CA THR E 309 -1.98 -29.58 8.40
C THR E 309 -1.61 -28.09 8.38
N SER E 310 -1.06 -27.63 7.27
CA SER E 310 -0.63 -26.25 7.16
C SER E 310 -1.54 -25.53 6.15
N THR E 311 -1.80 -24.24 6.33
CA THR E 311 -2.63 -23.51 5.35
C THR E 311 -1.83 -23.16 4.08
N LYS E 312 -2.55 -22.67 3.09
CA LYS E 312 -2.00 -22.20 1.84
C LYS E 312 -1.13 -20.97 2.09
N ALA E 313 -1.64 -20.00 2.88
CA ALA E 313 -0.92 -18.76 3.23
C ALA E 313 0.34 -19.10 4.01
N PHE E 314 0.21 -20.06 4.92
CA PHE E 314 1.37 -20.58 5.64
C PHE E 314 2.41 -21.08 4.66
N ASP E 315 1.99 -21.95 3.73
CA ASP E 315 2.89 -22.61 2.78
C ASP E 315 3.56 -21.66 1.84
N GLU E 316 2.86 -20.63 1.43
CA GLU E 316 3.47 -19.64 0.53
C GLU E 316 4.63 -18.93 1.20
N LEU E 317 4.46 -18.64 2.49
CA LEU E 317 5.51 -18.03 3.30
C LEU E 317 6.68 -18.92 3.70
N PHE E 318 6.44 -20.19 4.03
CA PHE E 318 7.49 -21.02 4.69
C PHE E 318 7.87 -22.37 4.03
N GLY E 319 7.15 -22.79 2.99
CA GLY E 319 7.28 -24.15 2.39
C GLY E 319 6.34 -25.21 2.99
N ALA E 320 6.10 -26.27 2.23
CA ALA E 320 5.20 -27.33 2.66
C ALA E 320 5.88 -28.37 3.54
N GLY E 321 7.20 -28.54 3.45
CA GLY E 321 7.94 -29.67 4.11
C GLY E 321 8.35 -29.56 5.60
N VAL E 322 9.15 -30.53 6.05
CA VAL E 322 9.65 -30.57 7.45
C VAL E 322 10.75 -31.63 7.59
N MET F 3 13.09 -44.14 49.96
CA MET F 3 13.70 -43.48 51.11
C MET F 3 12.74 -43.39 52.28
N ASP F 4 13.36 -43.12 53.42
CA ASP F 4 12.68 -42.98 54.69
C ASP F 4 12.93 -41.63 55.24
N LEU F 5 12.00 -41.21 56.10
CA LEU F 5 12.05 -39.91 56.69
C LEU F 5 13.26 -39.83 57.61
N PHE F 6 13.41 -40.88 58.40
CA PHE F 6 14.51 -41.02 59.34
C PHE F 6 15.46 -42.02 58.79
N GLN F 7 16.72 -41.59 58.63
CA GLN F 7 17.74 -42.24 57.79
C GLN F 7 19.08 -41.43 57.81
N ASP F 8 20.18 -42.14 57.88
CA ASP F 8 21.52 -41.54 57.90
C ASP F 8 21.83 -40.82 56.62
N LYS F 9 22.57 -39.69 56.67
CA LYS F 9 22.83 -38.85 55.48
C LYS F 9 24.03 -39.36 54.68
N VAL F 10 23.99 -39.31 53.35
CA VAL F 10 25.22 -39.55 52.56
C VAL F 10 25.92 -38.22 52.22
N GLU F 11 26.99 -37.90 52.94
CA GLU F 11 27.67 -36.63 52.70
C GLU F 11 28.61 -36.79 51.51
N ALA F 12 28.90 -35.71 50.84
CA ALA F 12 29.88 -35.73 49.78
C ALA F 12 30.74 -34.45 49.80
N PHE F 13 32.04 -34.61 49.57
CA PHE F 13 32.88 -33.49 49.22
C PHE F 13 33.86 -33.82 48.12
N THR F 14 34.25 -32.79 47.37
CA THR F 14 35.36 -32.88 46.40
C THR F 14 36.37 -31.72 46.50
N GLY F 15 37.50 -31.90 45.84
CA GLY F 15 38.53 -30.91 45.89
C GLY F 15 39.57 -31.11 44.79
N PRO F 16 40.40 -30.14 44.62
CA PRO F 16 41.42 -30.25 43.62
C PRO F 16 42.69 -31.01 44.09
N THR F 17 43.24 -31.80 43.18
CA THR F 17 44.62 -32.25 43.18
C THR F 17 45.43 -31.26 42.27
N MET F 18 46.74 -31.38 42.13
CA MET F 18 47.38 -30.63 41.06
C MET F 18 46.92 -31.39 39.82
N GLY F 19 46.36 -30.75 38.84
CA GLY F 19 45.96 -31.53 37.62
C GLY F 19 44.60 -32.25 37.58
N SER F 20 43.92 -32.45 38.70
CA SER F 20 42.72 -33.29 38.69
C SER F 20 41.88 -32.99 39.94
N THR F 21 40.97 -33.92 40.27
CA THR F 21 40.12 -33.85 41.47
C THR F 21 40.04 -35.14 42.29
N TYR F 22 39.61 -34.99 43.54
CA TYR F 22 39.15 -36.13 44.33
C TYR F 22 37.70 -35.94 44.80
N THR F 23 37.05 -37.01 45.20
CA THR F 23 35.71 -37.00 45.69
C THR F 23 35.53 -38.11 46.69
N VAL F 24 35.10 -37.74 47.90
CA VAL F 24 34.78 -38.66 48.97
C VAL F 24 33.27 -38.57 49.17
N LYS F 25 32.60 -39.73 49.17
CA LYS F 25 31.24 -39.81 49.63
C LYS F 25 31.28 -40.77 50.79
N TYR F 26 30.52 -40.49 51.86
CA TYR F 26 30.40 -41.41 52.99
C TYR F 26 29.05 -41.25 53.68
N VAL F 27 28.71 -42.24 54.50
CA VAL F 27 27.50 -42.20 55.30
C VAL F 27 27.88 -41.59 56.60
N ARG F 28 27.14 -40.61 57.08
CA ARG F 28 27.35 -40.04 58.41
C ARG F 28 26.30 -40.57 59.40
N SER F 29 26.74 -41.15 60.52
CA SER F 29 25.88 -41.54 61.65
C SER F 29 25.85 -40.44 62.71
N GLY F 30 25.02 -40.60 63.75
CA GLY F 30 24.95 -39.61 64.85
C GLY F 30 26.33 -39.37 65.45
N ASP F 31 27.01 -40.49 65.74
CA ASP F 31 28.44 -40.54 66.09
C ASP F 31 29.31 -39.80 65.08
N GLY F 32 29.30 -40.29 63.85
CA GLY F 32 30.34 -40.02 62.84
C GLY F 32 30.71 -38.58 62.51
N PRO F 33 31.93 -38.39 61.98
CA PRO F 33 32.53 -37.07 61.93
C PRO F 33 31.90 -36.16 60.87
N ALA F 34 31.95 -34.85 61.11
CA ALA F 34 31.45 -33.83 60.14
C ALA F 34 32.29 -33.82 58.87
N LYS F 35 31.70 -33.36 57.77
CA LYS F 35 32.36 -33.48 56.47
C LYS F 35 33.56 -32.55 56.34
N GLU F 36 33.58 -31.45 57.09
CA GLU F 36 34.70 -30.51 57.06
C GLU F 36 35.88 -31.06 57.84
N VAL F 37 35.63 -31.93 58.80
CA VAL F 37 36.74 -32.59 59.48
C VAL F 37 37.42 -33.58 58.52
N LEU F 38 36.61 -34.33 57.77
CA LEU F 38 37.15 -35.25 56.78
C LEU F 38 37.83 -34.56 55.63
N HIS F 39 37.28 -33.45 55.21
CA HIS F 39 37.83 -32.73 54.10
C HIS F 39 39.27 -32.33 54.41
N GLY F 40 39.50 -31.89 55.64
CA GLY F 40 40.82 -31.46 56.08
C GLY F 40 41.74 -32.59 56.39
N GLU F 41 41.22 -33.71 56.86
CA GLU F 41 41.98 -34.96 56.94
C GLU F 41 42.49 -35.38 55.56
N VAL F 42 41.60 -35.33 54.59
CA VAL F 42 42.01 -35.65 53.21
C VAL F 42 43.07 -34.68 52.71
N GLU F 43 42.86 -33.39 52.90
CA GLU F 43 43.81 -32.43 52.37
C GLU F 43 45.18 -32.57 53.06
N ALA F 44 45.18 -32.97 54.32
CA ALA F 44 46.42 -33.25 55.01
C ALA F 44 47.16 -34.39 54.37
N ILE F 45 46.50 -35.55 54.18
CA ILE F 45 47.17 -36.70 53.52
C ILE F 45 47.74 -36.31 52.14
N LEU F 46 46.96 -35.61 51.35
CA LEU F 46 47.44 -35.18 50.01
C LEU F 46 48.62 -34.23 50.01
N GLY F 47 48.77 -33.46 51.07
CA GLY F 47 49.93 -32.60 51.24
C GLY F 47 51.15 -33.37 51.65
N GLN F 48 51.02 -34.37 52.54
CA GLN F 48 52.16 -35.13 52.91
C GLN F 48 52.62 -35.92 51.74
N LEU F 49 51.68 -36.48 50.95
CA LEU F 49 52.04 -37.25 49.71
C LEU F 49 52.82 -36.41 48.75
N ASP F 50 52.35 -35.18 48.49
CA ASP F 50 53.06 -34.20 47.65
C ASP F 50 54.47 -33.81 48.16
N LYS F 51 54.61 -33.57 49.46
CA LYS F 51 55.87 -33.18 50.07
C LYS F 51 56.86 -34.31 49.89
N GLN F 52 56.41 -35.53 50.17
CA GLN F 52 57.31 -36.67 50.19
C GLN F 52 57.61 -37.23 48.83
N LEU F 53 56.58 -37.35 47.99
CA LEU F 53 56.66 -38.10 46.71
C LEU F 53 56.67 -37.35 45.37
N SER F 54 56.29 -36.07 45.31
CA SER F 54 56.15 -35.40 43.98
C SER F 54 57.45 -35.06 43.32
N THR F 55 57.68 -35.56 42.13
CA THR F 55 58.80 -35.12 41.35
C THR F 55 58.59 -33.75 40.75
N TYR F 56 57.37 -33.21 40.85
CA TYR F 56 57.05 -31.89 40.29
C TYR F 56 57.39 -30.71 41.13
N ARG F 57 57.83 -30.91 42.39
CA ARG F 57 58.38 -29.82 43.22
C ARG F 57 59.79 -30.14 43.71
N SER F 58 60.62 -29.11 43.78
CA SER F 58 62.04 -29.34 44.02
C SER F 58 62.42 -29.61 45.46
N ASP F 59 61.52 -29.33 46.39
CA ASP F 59 61.86 -29.59 47.80
C ASP F 59 61.37 -30.97 48.32
N SER F 60 60.92 -31.86 47.42
CA SER F 60 60.32 -33.09 47.88
C SER F 60 61.34 -34.04 48.34
N ASP F 61 60.94 -34.94 49.22
CA ASP F 61 61.90 -35.93 49.71
C ASP F 61 62.39 -36.77 48.56
N VAL F 62 61.49 -37.21 47.68
CA VAL F 62 61.93 -38.00 46.52
C VAL F 62 62.91 -37.22 45.63
N GLU F 63 62.71 -35.90 45.42
CA GLU F 63 63.67 -35.11 44.57
C GLU F 63 65.03 -34.96 45.20
N ARG F 64 65.06 -34.95 46.53
CA ARG F 64 66.32 -35.00 47.27
C ARG F 64 67.04 -36.29 47.00
N PHE F 65 66.33 -37.39 47.08
CA PHE F 65 66.90 -38.70 46.74
C PHE F 65 67.35 -38.84 45.29
N ASN F 66 66.56 -38.28 44.37
CA ASN F 66 66.89 -38.32 42.95
C ASN F 66 68.13 -37.58 42.59
N ALA F 67 68.39 -36.49 43.29
CA ALA F 67 69.61 -35.67 43.12
C ALA F 67 70.96 -36.38 43.41
N LEU F 68 70.94 -37.31 44.35
CA LEU F 68 72.14 -37.96 44.82
C LEU F 68 72.79 -38.85 43.77
N PRO F 69 74.11 -38.94 43.85
CA PRO F 69 74.86 -39.79 42.92
C PRO F 69 74.80 -41.29 43.24
N ALA F 70 75.23 -42.09 42.29
CA ALA F 70 75.31 -43.52 42.48
C ALA F 70 76.04 -43.84 43.78
N GLY F 71 75.61 -44.86 44.49
CA GLY F 71 76.23 -45.28 45.73
C GLY F 71 75.77 -44.58 46.98
N SER F 72 74.77 -43.70 46.88
CA SER F 72 74.25 -42.96 48.04
C SER F 72 73.32 -43.82 48.84
N CYS F 73 73.42 -43.79 50.18
CA CYS F 73 72.32 -44.17 51.11
C CYS F 73 71.88 -42.92 51.82
N GLU F 74 70.58 -42.69 51.81
CA GLU F 74 69.99 -41.44 52.24
C GLU F 74 68.75 -41.73 53.07
N PRO F 75 68.65 -41.17 54.29
CA PRO F 75 67.45 -41.34 55.08
C PRO F 75 66.24 -40.82 54.31
N MET F 76 65.10 -41.48 54.50
CA MET F 76 63.89 -41.13 53.80
C MET F 76 62.67 -41.44 54.70
N PRO F 77 61.57 -40.77 54.44
CA PRO F 77 60.43 -40.91 55.31
C PRO F 77 59.68 -42.18 55.05
N ASP F 78 58.80 -42.48 56.01
CA ASP F 78 58.01 -43.69 56.01
C ASP F 78 57.29 -44.01 54.70
N MET F 79 56.53 -43.05 54.18
CA MET F 79 55.81 -43.25 52.93
C MET F 79 56.71 -43.66 51.80
N VAL F 80 57.79 -42.94 51.58
CA VAL F 80 58.66 -43.29 50.50
C VAL F 80 59.17 -44.69 50.64
N ARG F 81 59.45 -45.13 51.87
CA ARG F 81 59.89 -46.52 52.08
C ARG F 81 58.74 -47.53 51.92
N GLU F 82 57.54 -47.16 52.31
CA GLU F 82 56.38 -48.04 52.16
C GLU F 82 56.13 -48.35 50.69
N LEU F 83 56.20 -47.32 49.85
CA LEU F 83 55.98 -47.48 48.44
C LEU F 83 57.15 -48.10 47.71
N VAL F 84 58.39 -47.94 48.21
CA VAL F 84 59.51 -48.62 47.55
C VAL F 84 59.34 -50.12 47.74
N ALA F 85 58.83 -50.49 48.92
CA ALA F 85 58.60 -51.89 49.25
C ALA F 85 57.53 -52.46 48.37
N ALA F 86 56.38 -51.80 48.38
CA ALA F 86 55.27 -52.23 47.57
C ALA F 86 55.71 -52.37 46.12
N GLY F 87 56.54 -51.43 45.67
CA GLY F 87 57.01 -51.40 44.29
C GLY F 87 57.90 -52.55 43.94
N SER F 88 58.63 -53.01 44.94
CA SER F 88 59.55 -54.11 44.78
C SER F 88 58.80 -55.44 44.65
N GLN F 89 57.72 -55.53 45.40
CA GLN F 89 56.85 -56.70 45.33
C GLN F 89 56.13 -56.73 43.98
N LEU F 90 55.47 -55.63 43.63
CA LEU F 90 54.82 -55.51 42.34
C LEU F 90 55.72 -55.94 41.24
N SER F 91 56.96 -55.54 41.31
CA SER F 91 57.94 -55.82 40.26
C SER F 91 58.16 -57.29 40.13
N ALA F 92 58.42 -57.96 41.23
CA ALA F 92 58.61 -59.40 41.16
C ALA F 92 57.32 -60.11 40.71
N ASP F 93 56.19 -59.65 41.20
CA ASP F 93 54.94 -60.21 40.78
C ASP F 93 54.65 -60.04 39.29
N SER F 94 55.20 -59.03 38.64
CA SER F 94 54.82 -58.72 37.26
C SER F 94 56.00 -58.95 36.30
N ASP F 95 56.91 -59.82 36.70
CA ASP F 95 58.19 -60.09 35.99
C ASP F 95 58.96 -58.86 35.55
N GLY F 96 58.92 -57.76 36.32
CA GLY F 96 59.65 -56.50 35.99
C GLY F 96 58.95 -55.50 35.07
N ALA F 97 57.65 -55.72 34.81
CA ALA F 97 56.84 -54.80 34.03
C ALA F 97 56.55 -53.51 34.83
N PHE F 98 56.40 -53.68 36.12
CA PHE F 98 56.31 -52.58 37.00
C PHE F 98 57.70 -52.17 37.43
N ASP F 99 57.97 -50.86 37.40
CA ASP F 99 59.28 -50.31 37.74
C ASP F 99 59.13 -48.83 38.12
N LEU F 100 59.59 -48.49 39.32
CA LEU F 100 59.64 -47.12 39.84
C LEU F 100 60.76 -46.28 39.32
N THR F 101 61.67 -46.84 38.54
CA THR F 101 62.89 -46.15 38.21
C THR F 101 62.97 -45.57 36.82
N LEU F 102 61.85 -45.37 36.15
CA LEU F 102 61.86 -44.97 34.72
C LEU F 102 62.07 -43.50 34.46
N GLU F 103 62.14 -42.68 35.50
CA GLU F 103 62.27 -41.22 35.36
C GLU F 103 63.36 -40.75 34.39
N PRO F 104 64.54 -41.37 34.36
CA PRO F 104 65.46 -40.99 33.33
C PRO F 104 64.92 -41.23 31.96
N LEU F 105 64.21 -42.33 31.71
CA LEU F 105 63.61 -42.61 30.37
C LEU F 105 62.41 -41.68 30.07
N LEU F 106 61.62 -41.37 31.10
CA LEU F 106 60.54 -40.37 31.03
C LEU F 106 61.04 -38.93 30.75
N ASN F 107 62.05 -38.45 31.48
CA ASN F 107 62.71 -37.15 31.14
C ASN F 107 63.44 -37.18 29.78
N LEU F 108 63.86 -38.36 29.31
CA LEU F 108 64.39 -38.49 27.96
C LEU F 108 63.28 -38.40 26.89
N TRP F 109 62.18 -39.11 27.07
CA TRP F 109 61.14 -39.11 26.01
C TRP F 109 60.25 -37.84 26.05
N GLY F 110 60.51 -36.89 26.94
CA GLY F 110 59.66 -35.68 27.10
C GLY F 110 58.36 -35.78 27.95
N PHE F 111 58.08 -36.95 28.51
CA PHE F 111 56.80 -37.16 29.20
C PHE F 111 56.89 -36.87 30.72
N GLY F 112 58.01 -36.30 31.20
CA GLY F 112 58.26 -36.10 32.62
C GLY F 112 57.98 -34.69 33.13
N PRO F 113 58.41 -34.38 34.38
CA PRO F 113 58.35 -33.02 34.91
C PRO F 113 59.32 -32.03 34.24
N GLN F 114 60.50 -32.49 33.80
CA GLN F 114 61.47 -31.60 33.13
C GLN F 114 61.43 -31.84 31.61
N GLY F 117 59.45 -32.16 25.60
CA GLY F 117 58.18 -32.62 25.09
C GLY F 117 58.36 -33.27 23.73
N GLU F 118 57.88 -34.48 23.56
CA GLU F 118 57.55 -34.97 22.17
C GLU F 118 58.75 -35.01 21.23
N ARG F 119 59.70 -35.78 21.68
CA ARG F 119 61.07 -35.79 21.16
C ARG F 119 61.45 -37.22 20.81
N VAL F 120 62.11 -37.44 19.70
CA VAL F 120 62.56 -38.84 19.43
C VAL F 120 64.03 -38.83 19.79
N PRO F 121 64.36 -39.21 21.02
CA PRO F 121 65.80 -39.32 21.30
C PRO F 121 66.44 -40.48 20.54
N SER F 122 67.76 -40.46 20.42
CA SER F 122 68.53 -41.51 19.73
C SER F 122 68.46 -42.86 20.42
N ALA F 123 69.16 -43.84 19.83
CA ALA F 123 69.41 -45.17 20.45
C ALA F 123 70.59 -45.20 21.44
N GLU F 124 71.36 -44.15 21.45
CA GLU F 124 72.47 -44.14 22.37
C GLU F 124 72.18 -43.35 23.54
N ASP F 125 71.56 -42.19 23.42
CA ASP F 125 70.92 -41.57 24.67
C ASP F 125 70.01 -42.52 25.54
N ILE F 126 69.23 -43.37 24.86
CA ILE F 126 68.42 -44.49 25.42
C ILE F 126 69.30 -45.47 26.24
N SER F 127 70.32 -46.04 25.60
CA SER F 127 71.28 -46.96 26.24
C SER F 127 71.89 -46.36 27.55
N ALA F 128 72.32 -45.10 27.49
CA ALA F 128 72.96 -44.38 28.60
C ALA F 128 71.99 -44.17 29.74
N ALA F 129 70.76 -43.87 29.37
CA ALA F 129 69.68 -43.68 30.30
C ALA F 129 69.17 -45.00 30.93
N ARG F 130 69.14 -46.09 30.16
CA ARG F 130 68.77 -47.37 30.75
C ARG F 130 69.81 -47.82 31.77
N ALA F 131 71.08 -47.50 31.59
CA ALA F 131 72.08 -47.81 32.62
C ALA F 131 71.92 -47.03 33.93
N LEU F 132 70.99 -46.04 33.97
CA LEU F 132 70.56 -45.32 35.21
C LEU F 132 69.20 -45.78 35.80
N THR F 133 68.70 -46.91 35.29
CA THR F 133 67.43 -47.46 35.70
C THR F 133 67.65 -48.87 36.25
N GLY F 134 66.60 -49.43 36.84
CA GLY F 134 66.66 -50.75 37.46
C GLY F 134 66.28 -50.84 38.94
N GLN F 135 65.07 -51.37 39.17
CA GLN F 135 64.54 -51.73 40.51
C GLN F 135 65.55 -52.51 41.34
N GLN F 136 66.21 -53.48 40.73
CA GLN F 136 67.29 -54.22 41.39
C GLN F 136 68.45 -53.40 41.97
N HIS F 137 68.64 -52.16 41.54
CA HIS F 137 69.63 -51.28 42.12
C HIS F 137 69.18 -50.49 43.34
N LEU F 138 67.91 -50.68 43.69
CA LEU F 138 67.27 -49.95 44.77
C LEU F 138 67.04 -50.85 45.93
N SER F 139 67.38 -50.38 47.09
CA SER F 139 67.16 -51.14 48.32
C SER F 139 66.78 -50.20 49.48
N ILE F 140 66.17 -50.79 50.50
CA ILE F 140 65.86 -50.14 51.74
C ILE F 140 66.84 -50.65 52.75
N ASP F 141 67.52 -49.78 53.48
CA ASP F 141 68.51 -50.18 54.47
C ASP F 141 68.24 -49.39 55.76
N GLY F 142 67.47 -50.00 56.65
CA GLY F 142 67.02 -49.36 57.84
C GLY F 142 65.99 -48.37 57.41
N ASP F 143 66.22 -47.14 57.81
CA ASP F 143 65.35 -46.00 57.53
C ASP F 143 65.85 -45.25 56.28
N ARG F 144 66.87 -45.77 55.62
CA ARG F 144 67.50 -45.15 54.48
C ARG F 144 67.08 -45.85 53.16
N LEU F 145 67.21 -45.19 52.01
CA LEU F 145 67.09 -45.84 50.70
C LEU F 145 68.50 -45.86 50.09
N CYS F 146 68.92 -46.97 49.45
CA CYS F 146 70.22 -47.03 48.83
C CYS F 146 70.03 -47.18 47.37
N LYS F 147 70.88 -46.50 46.61
CA LYS F 147 70.87 -46.67 45.20
C LYS F 147 72.30 -46.95 44.74
N ALA F 148 72.43 -47.91 43.86
CA ALA F 148 73.73 -48.37 43.37
C ALA F 148 74.15 -47.83 41.97
N VAL F 149 73.21 -47.18 41.26
CA VAL F 149 73.49 -46.35 40.08
C VAL F 149 72.72 -45.05 40.35
N ALA F 150 72.82 -44.07 39.45
CA ALA F 150 72.17 -42.76 39.64
C ALA F 150 70.65 -42.79 39.36
N LEU F 151 69.92 -43.52 40.20
CA LEU F 151 68.51 -43.76 39.96
C LEU F 151 67.71 -42.53 40.15
N GLN F 152 66.59 -42.49 39.45
CA GLN F 152 65.63 -41.43 39.68
C GLN F 152 64.23 -42.06 39.79
N LEU F 153 63.59 -41.87 40.94
CA LEU F 153 62.33 -42.45 41.20
C LEU F 153 61.19 -41.61 40.69
N ASP F 154 60.08 -42.29 40.44
CA ASP F 154 58.81 -41.70 40.21
C ASP F 154 57.71 -42.65 40.76
N PHE F 155 56.80 -42.13 41.57
CA PHE F 155 55.81 -42.92 42.25
C PHE F 155 54.39 -42.73 41.67
N ASN F 156 54.25 -42.14 40.49
CA ASN F 156 52.93 -41.94 39.89
C ASN F 156 52.16 -43.18 39.52
N SER F 157 52.84 -44.30 39.30
CA SER F 157 52.10 -45.52 38.94
C SER F 157 51.31 -46.16 40.13
N ILE F 158 51.64 -45.72 41.35
CA ILE F 158 50.98 -46.17 42.61
C ILE F 158 50.53 -45.08 43.66
N ALA F 159 51.00 -43.82 43.59
CA ALA F 159 50.62 -42.77 44.56
C ALA F 159 49.08 -42.62 44.82
N ALA F 160 48.28 -42.72 43.81
CA ALA F 160 46.91 -42.34 43.98
C ALA F 160 46.17 -43.45 44.61
N GLY F 161 46.59 -44.67 44.32
CA GLY F 161 46.00 -45.86 44.94
C GLY F 161 46.32 -45.86 46.39
N TYR F 162 47.58 -45.59 46.67
CA TYR F 162 48.09 -45.36 48.02
C TYR F 162 47.28 -44.29 48.78
N ALA F 163 47.11 -43.14 48.14
CA ALA F 163 46.32 -42.05 48.70
C ALA F 163 44.89 -42.51 49.08
N VAL F 164 44.29 -43.30 48.21
CA VAL F 164 42.95 -43.79 48.44
C VAL F 164 43.01 -44.61 49.66
N ASP F 165 44.00 -45.53 49.75
CA ASP F 165 44.07 -46.48 50.88
C ASP F 165 44.25 -45.70 52.18
N LEU F 166 45.14 -44.71 52.16
CA LEU F 166 45.40 -43.83 53.34
C LEU F 166 44.18 -43.01 53.83
N VAL F 167 43.41 -42.48 52.90
CA VAL F 167 42.19 -41.77 53.26
C VAL F 167 41.18 -42.77 53.90
N ILE F 168 41.16 -43.99 53.36
CA ILE F 168 40.26 -44.98 53.87
C ILE F 168 40.66 -45.41 55.26
N ASP F 169 41.95 -45.70 55.50
CA ASP F 169 42.42 -45.98 56.90
C ASP F 169 41.93 -44.93 57.90
N ARG F 170 41.92 -43.66 57.49
CA ARG F 170 41.50 -42.55 58.37
C ARG F 170 40.04 -42.40 58.52
N LEU F 171 39.30 -42.59 57.45
CA LEU F 171 37.87 -42.70 57.62
C LEU F 171 37.55 -43.81 58.64
N LYS F 172 38.24 -44.95 58.60
CA LYS F 172 37.91 -46.10 59.47
C LYS F 172 38.25 -45.81 60.91
N ALA F 173 39.46 -45.32 61.11
CA ALA F 173 39.87 -44.88 62.42
C ALA F 173 38.88 -43.87 63.02
N LEU F 174 38.32 -42.97 62.22
CA LEU F 174 37.32 -41.99 62.71
C LEU F 174 35.87 -42.48 62.78
N GLY F 175 35.67 -43.79 62.69
CA GLY F 175 34.35 -44.39 62.85
C GLY F 175 33.50 -44.68 61.63
N VAL F 176 33.87 -44.17 60.45
CA VAL F 176 33.09 -44.38 59.21
C VAL F 176 33.14 -45.84 58.71
N GLN F 177 32.00 -46.35 58.30
CA GLN F 177 31.90 -47.76 57.84
C GLN F 177 31.56 -47.86 56.39
N SER F 178 30.78 -46.93 55.84
CA SER F 178 30.37 -46.97 54.44
C SER F 178 30.81 -45.73 53.67
N TYR F 179 31.48 -45.94 52.53
CA TYR F 179 32.23 -44.88 51.79
C TYR F 179 32.60 -45.26 50.33
N LEU F 180 32.88 -44.22 49.55
CA LEU F 180 33.45 -44.34 48.23
C LEU F 180 34.47 -43.21 48.16
N VAL F 181 35.76 -43.55 48.05
CA VAL F 181 36.78 -42.55 47.92
C VAL F 181 37.38 -42.65 46.54
N GLU F 182 37.36 -41.60 45.76
CA GLU F 182 37.93 -41.57 44.40
C GLU F 182 39.06 -40.53 44.35
N ILE F 183 40.28 -40.89 43.98
CA ILE F 183 41.32 -39.86 43.84
C ILE F 183 41.97 -39.97 42.45
N THR F 184 41.71 -39.01 41.56
CA THR F 184 42.27 -39.01 40.20
C THR F 184 41.97 -40.26 39.38
N GLY F 185 40.75 -40.79 39.62
CA GLY F 185 40.26 -41.95 38.93
C GLY F 185 40.37 -43.24 39.69
N GLU F 186 41.43 -43.42 40.47
CA GLU F 186 41.56 -44.58 41.34
C GLU F 186 40.51 -44.44 42.44
N LEU F 187 39.81 -45.53 42.75
CA LEU F 187 38.84 -45.49 43.83
C LEU F 187 38.60 -46.81 44.48
N LYS F 188 38.00 -46.74 45.67
CA LYS F 188 37.63 -47.91 46.40
C LYS F 188 36.40 -47.59 47.20
N ALA F 189 35.62 -48.60 47.50
CA ALA F 189 34.38 -48.44 48.23
C ALA F 189 34.03 -49.66 49.06
N GLU F 190 33.30 -49.40 50.13
CA GLU F 190 32.93 -50.44 51.08
C GLU F 190 31.60 -50.11 51.75
N GLY F 191 30.85 -51.15 52.12
CA GLY F 191 29.59 -51.01 52.83
C GLY F 191 28.46 -50.70 51.87
N ARG F 192 27.33 -50.28 52.42
CA ARG F 192 26.12 -50.01 51.63
C ARG F 192 25.58 -48.66 51.99
N LYS F 193 24.75 -48.11 51.11
CA LYS F 193 24.09 -46.82 51.36
C LYS F 193 22.88 -46.99 52.29
N PRO F 194 22.31 -45.89 52.77
CA PRO F 194 21.26 -46.03 53.76
C PRO F 194 20.04 -46.87 53.31
N ASP F 195 19.49 -46.56 52.14
CA ASP F 195 18.47 -47.43 51.53
C ASP F 195 18.80 -48.96 51.43
N GLY F 196 20.07 -49.36 51.54
CA GLY F 196 20.51 -50.75 51.35
C GLY F 196 21.15 -51.04 49.98
N SER F 197 21.21 -50.01 49.13
CA SER F 197 21.84 -50.14 47.82
C SER F 197 23.40 -50.13 47.89
N PRO F 198 24.09 -50.76 46.93
CA PRO F 198 25.52 -50.80 46.99
C PRO F 198 26.14 -49.62 46.25
N TRP F 199 27.44 -49.43 46.52
CA TRP F 199 28.22 -48.51 45.74
C TRP F 199 28.55 -49.26 44.44
N ARG F 200 28.41 -48.57 43.33
CA ARG F 200 28.63 -49.13 42.03
C ARG F 200 29.57 -48.22 41.28
N ILE F 201 30.39 -48.83 40.42
CA ILE F 201 31.19 -48.08 39.46
C ILE F 201 30.91 -48.65 38.05
N ALA F 202 31.18 -47.83 37.03
CA ALA F 202 30.98 -48.25 35.68
C ALA F 202 32.29 -48.40 34.95
N ILE F 203 32.51 -49.51 34.28
CA ILE F 203 33.72 -49.68 33.50
C ILE F 203 33.34 -49.59 32.05
N GLU F 204 34.14 -48.89 31.27
CA GLU F 204 33.82 -48.69 29.87
C GLU F 204 34.14 -49.94 29.05
N ALA F 205 33.22 -50.34 28.16
CA ALA F 205 33.25 -51.62 27.42
C ALA F 205 32.78 -51.47 25.94
N PRO F 206 33.49 -50.62 25.19
CA PRO F 206 33.14 -50.29 23.85
C PRO F 206 33.09 -51.47 22.86
N ARG F 207 32.50 -51.17 21.69
CA ARG F 207 32.40 -52.14 20.60
C ARG F 207 32.87 -51.43 19.36
N VAL F 212 29.45 -48.35 22.77
CA VAL F 212 29.79 -47.70 24.05
C VAL F 212 28.97 -48.28 25.24
N ALA F 213 29.12 -49.58 25.45
CA ALA F 213 28.44 -50.32 26.52
C ALA F 213 29.23 -50.12 27.83
N GLN F 214 28.64 -50.60 28.94
CA GLN F 214 29.21 -50.46 30.28
C GLN F 214 28.97 -51.68 31.15
N LYS F 215 30.03 -52.12 31.80
CA LYS F 215 29.97 -53.19 32.77
C LYS F 215 29.85 -52.45 34.12
N ILE F 216 28.84 -52.86 34.88
CA ILE F 216 28.52 -52.26 36.17
C ILE F 216 28.88 -53.20 37.25
N VAL F 217 29.76 -52.76 38.15
CA VAL F 217 30.19 -53.59 39.24
C VAL F 217 29.91 -52.92 40.59
N GLU F 218 29.75 -53.80 41.59
CA GLU F 218 29.38 -53.48 42.96
C GLU F 218 30.62 -53.68 43.83
N LEU F 219 31.06 -52.58 44.44
CA LEU F 219 32.32 -52.57 45.12
C LEU F 219 32.01 -52.58 46.55
N ASP F 220 32.34 -53.69 47.20
CA ASP F 220 32.26 -53.82 48.64
C ASP F 220 33.59 -54.36 49.17
N GLY F 221 34.48 -53.49 49.64
CA GLY F 221 35.82 -53.89 50.12
C GLY F 221 36.90 -53.92 49.03
N MET F 222 36.62 -53.28 47.90
CA MET F 222 37.41 -53.49 46.67
C MET F 222 37.73 -52.12 46.05
N GLY F 223 38.96 -51.99 45.58
CA GLY F 223 39.45 -50.84 44.84
C GLY F 223 39.68 -51.17 43.37
N VAL F 224 39.65 -50.13 42.55
CA VAL F 224 39.61 -50.24 41.13
C VAL F 224 40.59 -49.26 40.61
N SER F 225 41.39 -49.66 39.62
CA SER F 225 42.25 -48.71 38.92
C SER F 225 42.22 -49.05 37.46
N THR F 226 42.15 -48.00 36.61
CA THR F 226 42.13 -48.14 35.18
C THR F 226 43.34 -47.46 34.55
N SER F 227 44.20 -48.21 33.85
CA SER F 227 45.28 -47.62 33.08
C SER F 227 44.80 -47.46 31.64
N GLY F 228 45.06 -46.30 31.07
CA GLY F 228 44.55 -45.93 29.76
C GLY F 228 43.10 -45.51 29.78
N ASP F 229 42.65 -44.97 28.65
CA ASP F 229 41.24 -44.67 28.40
C ASP F 229 41.05 -44.94 26.95
N TYR F 230 40.06 -45.76 26.57
CA TYR F 230 39.95 -46.24 25.15
C TYR F 230 39.70 -45.10 24.22
N ARG F 231 39.12 -44.02 24.74
CA ARG F 231 38.94 -42.79 23.98
C ARG F 231 40.24 -42.09 23.57
N ASN F 232 41.36 -42.32 24.25
CA ASN F 232 42.70 -41.84 23.79
C ASN F 232 43.51 -42.99 23.27
N TYR F 233 43.38 -43.25 22.00
CA TYR F 233 44.18 -44.25 21.40
C TYR F 233 44.59 -43.59 20.12
N PHE F 234 45.89 -43.35 19.97
CA PHE F 234 46.51 -42.61 18.84
C PHE F 234 47.51 -43.47 18.11
N ARG F 240 51.64 -46.64 16.92
CA ARG F 240 50.97 -46.22 18.15
C ARG F 240 51.70 -45.22 19.07
N TYR F 241 50.95 -44.28 19.62
CA TYR F 241 51.52 -43.27 20.53
C TYR F 241 50.93 -43.28 21.96
N SER F 242 51.70 -43.77 22.92
CA SER F 242 51.36 -43.52 24.30
C SER F 242 52.55 -43.00 25.07
N HIS F 243 52.24 -42.61 26.30
CA HIS F 243 53.23 -42.14 27.28
C HIS F 243 53.76 -43.32 28.20
N THR F 244 53.45 -44.59 27.85
CA THR F 244 53.93 -45.75 28.60
C THR F 244 55.12 -46.42 27.95
N LEU F 245 56.10 -46.71 28.79
CA LEU F 245 57.39 -47.23 28.35
C LEU F 245 57.58 -48.63 28.87
N ASP F 246 58.14 -49.50 28.00
CA ASP F 246 58.66 -50.77 28.42
C ASP F 246 59.98 -50.52 29.19
N PRO F 247 60.00 -50.79 30.50
CA PRO F 247 61.29 -50.70 31.22
C PRO F 247 62.40 -51.59 30.64
N GLN F 248 62.04 -52.75 30.12
CA GLN F 248 63.00 -53.64 29.53
C GLN F 248 63.58 -53.06 28.25
N SER F 249 62.71 -52.50 27.43
CA SER F 249 63.11 -51.86 26.18
C SER F 249 62.79 -50.45 26.41
N GLY F 250 63.79 -49.59 26.26
CA GLY F 250 63.61 -48.19 26.62
C GLY F 250 62.48 -47.46 25.92
N GLN F 251 62.06 -47.96 24.76
CA GLN F 251 61.10 -47.26 23.92
C GLN F 251 59.68 -47.40 24.48
N PRO F 252 58.74 -46.62 23.95
CA PRO F 252 57.35 -46.79 24.32
C PRO F 252 56.75 -48.03 23.68
N ILE F 253 55.57 -48.34 24.20
CA ILE F 253 54.84 -49.56 23.81
C ILE F 253 54.22 -49.55 22.40
N GLU F 254 54.32 -50.70 21.74
CA GLU F 254 53.85 -50.94 20.38
C GLU F 254 52.47 -51.61 20.27
N HIS F 255 52.03 -52.28 21.35
CA HIS F 255 50.84 -53.15 21.36
C HIS F 255 49.53 -52.37 21.36
N HIS F 256 48.39 -53.07 21.24
CA HIS F 256 47.10 -52.43 21.04
C HIS F 256 46.19 -52.28 22.27
N LEU F 257 46.65 -52.66 23.45
CA LEU F 257 45.85 -52.47 24.69
C LEU F 257 45.55 -51.03 25.00
N ALA F 258 44.29 -50.75 24.98
CA ALA F 258 43.85 -49.38 25.09
C ALA F 258 43.39 -48.99 26.49
N ALA F 259 42.83 -49.95 27.25
CA ALA F 259 42.55 -49.73 28.66
C ALA F 259 42.53 -51.04 29.41
N VAL F 260 43.14 -51.04 30.59
CA VAL F 260 42.99 -52.22 31.41
C VAL F 260 42.55 -51.73 32.77
N THR F 261 41.67 -52.47 33.41
CA THR F 261 41.16 -52.11 34.72
C THR F 261 41.39 -53.26 35.62
N VAL F 262 41.78 -52.97 36.84
CA VAL F 262 42.11 -54.01 37.80
C VAL F 262 41.29 -53.76 39.03
N ILE F 263 40.86 -54.85 39.66
CA ILE F 263 40.12 -54.75 40.88
C ILE F 263 40.83 -55.63 41.88
N ASP F 264 41.15 -55.07 43.05
CA ASP F 264 41.90 -55.75 44.09
C ASP F 264 41.52 -55.09 45.39
N LYS F 265 41.54 -55.82 46.49
CA LYS F 265 41.15 -55.22 47.75
C LYS F 265 42.09 -54.07 48.09
N SER F 266 43.31 -54.04 47.55
CA SER F 266 44.23 -52.93 47.82
C SER F 266 44.25 -51.99 46.65
N THR F 267 43.93 -50.73 46.93
CA THR F 267 43.87 -49.76 45.81
C THR F 267 45.25 -49.47 45.23
N LEU F 268 46.25 -49.50 46.12
CA LEU F 268 47.65 -49.40 45.71
C LEU F 268 47.94 -50.49 44.68
N ARG F 269 47.67 -51.74 45.06
CA ARG F 269 47.95 -52.86 44.16
C ARG F 269 47.17 -52.84 42.86
N ALA F 270 45.90 -52.48 42.93
CA ALA F 270 45.14 -52.25 41.72
C ALA F 270 45.77 -51.23 40.78
N ASP F 271 46.28 -50.13 41.32
CA ASP F 271 46.96 -49.09 40.53
C ASP F 271 48.32 -49.59 39.93
N GLY F 272 48.95 -50.53 40.62
CA GLY F 272 50.27 -50.98 40.21
C GLY F 272 50.15 -51.99 39.09
N LEU F 273 49.32 -52.99 39.34
CA LEU F 273 49.11 -54.07 38.42
C LEU F 273 48.52 -53.53 37.15
N SER F 274 47.52 -52.69 37.30
CA SER F 274 46.99 -51.90 36.17
C SER F 274 48.10 -51.28 35.30
N THR F 275 48.97 -50.49 35.93
CA THR F 275 50.18 -49.96 35.25
C THR F 275 51.02 -51.08 34.58
N ALA F 276 51.15 -52.22 35.24
CA ALA F 276 51.97 -53.34 34.79
C ALA F 276 51.38 -54.05 33.59
N LEU F 277 50.08 -54.38 33.72
CA LEU F 277 49.30 -55.02 32.62
C LEU F 277 49.27 -54.15 31.36
N MET F 278 49.20 -52.83 31.51
CA MET F 278 49.31 -51.96 30.34
C MET F 278 50.74 -52.04 29.72
N VAL F 279 51.76 -52.23 30.54
CA VAL F 279 53.07 -52.34 29.97
C VAL F 279 53.11 -53.62 29.16
N LEU F 280 52.55 -54.67 29.73
CA LEU F 280 52.71 -56.01 29.13
C LEU F 280 51.92 -56.21 27.83
N GLY F 281 50.79 -55.53 27.75
CA GLY F 281 49.91 -55.62 26.60
C GLY F 281 48.82 -56.68 26.70
N PRO F 282 48.09 -56.88 25.58
CA PRO F 282 46.89 -57.71 25.66
C PRO F 282 47.20 -59.16 25.82
N GLU F 283 48.35 -59.61 25.33
CA GLU F 283 48.69 -61.03 25.42
C GLU F 283 49.36 -61.36 26.76
N LYS F 284 50.58 -60.85 26.95
CA LYS F 284 51.33 -61.14 28.19
C LYS F 284 50.57 -60.70 29.46
N GLY F 285 49.85 -59.59 29.36
CA GLY F 285 48.95 -59.11 30.41
C GLY F 285 47.88 -60.09 30.84
N LEU F 286 47.20 -60.68 29.87
CA LEU F 286 46.21 -61.72 30.18
C LEU F 286 46.81 -62.96 30.79
N ALA F 287 47.97 -63.36 30.27
CA ALA F 287 48.64 -64.54 30.75
C ALA F 287 48.89 -64.31 32.22
N LEU F 288 49.60 -63.21 32.51
CA LEU F 288 50.00 -62.87 33.89
C LEU F 288 48.78 -62.81 34.74
N ALA F 289 47.80 -62.04 34.32
CA ALA F 289 46.57 -61.94 35.10
C ALA F 289 45.89 -63.26 35.47
N GLU F 290 45.85 -64.23 34.54
CA GLU F 290 45.34 -65.57 34.87
C GLU F 290 46.29 -66.35 35.75
N ARG F 291 47.59 -66.32 35.42
CA ARG F 291 48.63 -66.95 36.24
C ARG F 291 48.62 -66.51 37.70
N ASN F 292 48.46 -65.22 37.96
CA ASN F 292 48.45 -64.73 39.33
C ASN F 292 47.04 -64.60 39.91
N GLY F 293 46.02 -64.84 39.12
CA GLY F 293 44.64 -64.68 39.58
C GLY F 293 44.12 -63.27 39.79
N ILE F 294 44.53 -62.34 38.94
CA ILE F 294 44.15 -60.95 39.05
C ILE F 294 42.81 -60.75 38.40
N ALA F 295 41.93 -59.99 39.05
CA ALA F 295 40.66 -59.59 38.44
C ALA F 295 40.87 -58.36 37.51
N ALA F 296 40.79 -58.55 36.20
CA ALA F 296 41.05 -57.46 35.28
C ALA F 296 40.20 -57.56 34.03
N PHE F 297 39.92 -56.39 33.50
CA PHE F 297 39.10 -56.26 32.34
C PHE F 297 39.93 -55.48 31.35
N PHE F 298 40.14 -56.02 30.16
CA PHE F 298 41.07 -55.46 29.12
C PHE F 298 40.30 -54.90 27.91
N VAL F 299 40.73 -53.77 27.36
CA VAL F 299 40.10 -53.25 26.18
C VAL F 299 41.14 -53.08 25.15
N VAL F 300 40.97 -53.78 24.04
CA VAL F 300 41.99 -53.92 23.06
C VAL F 300 41.45 -53.33 21.75
N ARG F 301 42.32 -52.65 21.02
CA ARG F 301 42.02 -52.22 19.66
C ARG F 301 42.18 -53.39 18.68
N GLU F 302 41.07 -53.77 18.02
CA GLU F 302 41.02 -54.79 16.94
C GLU F 302 40.21 -54.28 15.76
N GLY F 303 40.89 -54.00 14.63
CA GLY F 303 40.23 -53.71 13.33
C GLY F 303 39.16 -52.63 13.28
N GLN F 304 39.54 -51.39 13.63
CA GLN F 304 38.62 -50.21 13.79
C GLN F 304 37.28 -50.48 14.55
N GLY F 305 37.39 -50.50 15.88
CA GLY F 305 36.38 -51.01 16.79
C GLY F 305 37.10 -51.47 18.04
N PHE F 306 36.37 -51.99 19.03
CA PHE F 306 37.11 -52.55 20.20
C PHE F 306 36.65 -53.96 20.62
N VAL F 307 37.57 -54.81 21.13
CA VAL F 307 37.23 -56.09 21.86
C VAL F 307 37.68 -56.11 23.34
N THR F 308 36.82 -56.61 24.21
CA THR F 308 37.04 -56.53 25.62
C THR F 308 37.28 -57.92 26.09
N THR F 309 38.12 -58.14 27.08
CA THR F 309 38.40 -59.50 27.59
C THR F 309 38.52 -59.45 29.09
N SER F 310 37.83 -60.33 29.81
CA SER F 310 37.80 -60.29 31.28
C SER F 310 38.56 -61.47 31.84
N THR F 311 39.15 -61.39 33.03
CA THR F 311 39.87 -62.56 33.53
C THR F 311 38.90 -63.48 34.25
N LYS F 312 39.38 -64.70 34.49
CA LYS F 312 38.68 -65.69 35.25
C LYS F 312 38.32 -65.16 36.65
N ALA F 313 39.30 -64.59 37.37
CA ALA F 313 39.10 -63.95 38.70
C ALA F 313 38.12 -62.78 38.66
N PHE F 314 38.13 -62.03 37.57
CA PHE F 314 37.13 -61.00 37.30
C PHE F 314 35.75 -61.60 37.16
N ASP F 315 35.63 -62.70 36.43
CA ASP F 315 34.32 -63.27 36.10
C ASP F 315 33.66 -63.86 37.31
N GLU F 316 34.42 -64.61 38.13
CA GLU F 316 33.92 -65.14 39.41
C GLU F 316 33.40 -64.03 40.34
N LEU F 317 34.02 -62.85 40.30
CA LEU F 317 33.61 -61.73 41.17
C LEU F 317 32.40 -61.01 40.62
N PHE F 318 32.27 -60.87 39.30
CA PHE F 318 31.24 -59.97 38.71
C PHE F 318 30.35 -60.55 37.60
N GLY F 319 30.58 -61.79 37.19
CA GLY F 319 29.96 -62.38 35.98
C GLY F 319 30.70 -62.10 34.66
N ALA F 320 30.34 -62.85 33.61
CA ALA F 320 30.93 -62.67 32.30
C ALA F 320 30.19 -61.67 31.41
N GLY F 321 28.93 -61.31 31.71
CA GLY F 321 28.08 -60.50 30.79
C GLY F 321 28.22 -58.95 30.71
N VAL F 322 27.31 -58.33 29.94
CA VAL F 322 27.24 -56.85 29.81
C VAL F 322 25.90 -56.40 29.22
N MET G 3 -46.42 32.26 -27.64
CA MET G 3 -46.41 32.85 -26.28
C MET G 3 -47.50 33.95 -26.20
N ASP G 4 -47.93 34.18 -24.95
CA ASP G 4 -48.81 35.30 -24.57
C ASP G 4 -48.01 36.38 -23.79
N LEU G 5 -48.61 37.56 -23.75
CA LEU G 5 -47.99 38.74 -23.18
C LEU G 5 -47.93 38.68 -21.68
N PHE G 6 -49.01 38.18 -21.06
CA PHE G 6 -49.04 37.96 -19.61
C PHE G 6 -49.00 36.46 -19.27
N GLN G 7 -48.04 36.09 -18.42
CA GLN G 7 -47.63 34.71 -18.35
C GLN G 7 -46.72 34.57 -17.13
N ASP G 8 -46.82 33.45 -16.42
CA ASP G 8 -45.90 33.14 -15.35
C ASP G 8 -44.49 33.04 -15.93
N LYS G 9 -43.50 33.45 -15.15
CA LYS G 9 -42.11 33.40 -15.63
C LYS G 9 -41.41 32.06 -15.30
N VAL G 10 -40.70 31.46 -16.26
CA VAL G 10 -39.80 30.32 -15.99
C VAL G 10 -38.42 30.80 -15.55
N GLU G 11 -38.20 30.85 -14.25
CA GLU G 11 -36.91 31.28 -13.70
C GLU G 11 -35.85 30.17 -13.71
N ALA G 12 -34.59 30.54 -13.94
CA ALA G 12 -33.49 29.60 -13.88
C ALA G 12 -32.33 30.19 -13.09
N PHE G 13 -31.70 29.34 -12.30
CA PHE G 13 -30.40 29.63 -11.73
C PHE G 13 -29.48 28.40 -11.76
N THR G 14 -28.19 28.68 -11.64
CA THR G 14 -27.14 27.68 -11.66
C THR G 14 -26.10 28.02 -10.62
N GLY G 15 -25.38 27.00 -10.17
CA GLY G 15 -24.26 27.24 -9.30
C GLY G 15 -23.26 26.10 -9.31
N PRO G 16 -22.14 26.27 -8.62
CA PRO G 16 -21.14 25.22 -8.52
C PRO G 16 -21.33 24.24 -7.33
N THR G 17 -20.98 22.98 -7.56
CA THR G 17 -20.69 21.99 -6.53
C THR G 17 -19.16 21.78 -6.49
N MET G 18 -18.59 21.10 -5.49
CA MET G 18 -17.17 20.84 -5.59
C MET G 18 -17.07 19.98 -6.79
N GLY G 19 -16.40 20.38 -7.83
CA GLY G 19 -16.35 19.47 -9.03
C GLY G 19 -17.40 19.40 -10.17
N SER G 20 -18.49 20.14 -10.11
CA SER G 20 -19.53 20.13 -11.16
C SER G 20 -20.50 21.34 -10.93
N THR G 21 -21.71 21.26 -11.48
CA THR G 21 -22.76 22.28 -11.33
C THR G 21 -24.11 21.70 -11.07
N TYR G 22 -25.00 22.56 -10.57
CA TYR G 22 -26.45 22.28 -10.49
C TYR G 22 -27.23 23.34 -11.24
N THR G 23 -28.46 22.98 -11.59
CA THR G 23 -29.32 23.87 -12.30
C THR G 23 -30.74 23.65 -11.85
N VAL G 24 -31.40 24.73 -11.41
CA VAL G 24 -32.77 24.67 -10.99
C VAL G 24 -33.56 25.53 -11.94
N LYS G 25 -34.63 24.99 -12.48
CA LYS G 25 -35.56 25.78 -13.26
C LYS G 25 -36.95 25.59 -12.67
N TYR G 26 -37.74 26.65 -12.57
CA TYR G 26 -39.06 26.56 -11.99
C TYR G 26 -39.97 27.66 -12.41
N VAL G 27 -41.27 27.38 -12.31
CA VAL G 27 -42.32 28.30 -12.72
C VAL G 27 -42.71 29.08 -11.52
N ARG G 28 -42.70 30.38 -11.69
CA ARG G 28 -42.99 31.28 -10.61
C ARG G 28 -44.38 31.91 -10.78
N SER G 29 -45.15 31.91 -9.70
CA SER G 29 -46.45 32.56 -9.69
C SER G 29 -46.38 33.91 -8.94
N GLY G 30 -47.46 34.69 -9.01
CA GLY G 30 -47.56 35.95 -8.24
C GLY G 30 -47.21 35.72 -6.78
N ASP G 31 -47.75 34.62 -6.24
CA ASP G 31 -47.36 34.03 -4.94
C ASP G 31 -45.87 33.68 -4.81
N GLY G 32 -45.46 32.72 -5.67
CA GLY G 32 -44.21 32.01 -5.55
C GLY G 32 -42.93 32.81 -5.31
N PRO G 33 -41.93 32.16 -4.68
CA PRO G 33 -40.74 32.81 -4.14
C PRO G 33 -39.75 33.29 -5.19
N ALA G 34 -38.99 34.32 -4.85
CA ALA G 34 -38.05 34.88 -5.80
C ALA G 34 -36.90 33.88 -5.94
N LYS G 35 -36.18 33.96 -7.05
CA LYS G 35 -35.13 33.02 -7.35
C LYS G 35 -33.95 33.13 -6.36
N GLU G 36 -33.66 34.35 -5.90
CA GLU G 36 -32.57 34.56 -4.96
C GLU G 36 -32.88 33.91 -3.60
N VAL G 37 -34.13 33.83 -3.24
CA VAL G 37 -34.51 33.13 -2.02
C VAL G 37 -34.21 31.65 -2.16
N LEU G 38 -34.60 31.09 -3.31
CA LEU G 38 -34.36 29.68 -3.61
C LEU G 38 -32.92 29.30 -3.79
N HIS G 39 -32.15 30.19 -4.39
CA HIS G 39 -30.74 29.96 -4.57
C HIS G 39 -30.18 29.74 -3.17
N GLY G 40 -30.62 30.57 -2.22
CA GLY G 40 -30.17 30.52 -0.82
C GLY G 40 -30.55 29.21 -0.18
N GLU G 41 -31.74 28.73 -0.48
CA GLU G 41 -32.23 27.46 0.05
C GLU G 41 -31.44 26.31 -0.50
N VAL G 42 -31.15 26.35 -1.80
CA VAL G 42 -30.38 25.26 -2.44
C VAL G 42 -28.98 25.27 -1.90
N GLU G 43 -28.41 26.42 -1.60
CA GLU G 43 -26.99 26.42 -1.20
C GLU G 43 -26.88 25.91 0.23
N ALA G 44 -27.96 26.05 0.98
CA ALA G 44 -27.98 25.66 2.37
C ALA G 44 -28.00 24.17 2.45
N ILE G 45 -28.85 23.55 1.62
CA ILE G 45 -28.92 22.08 1.57
C ILE G 45 -27.56 21.47 1.19
N LEU G 46 -26.95 22.02 0.14
CA LEU G 46 -25.62 21.57 -0.30
C LEU G 46 -24.52 21.80 0.72
N GLY G 47 -24.68 22.76 1.62
CA GLY G 47 -23.77 22.94 2.78
C GLY G 47 -24.01 21.91 3.89
N GLN G 48 -25.26 21.57 4.15
CA GLN G 48 -25.49 20.49 5.09
C GLN G 48 -24.98 19.14 4.58
N LEU G 49 -25.18 18.89 3.29
CA LEU G 49 -24.67 17.69 2.69
C LEU G 49 -23.18 17.65 2.74
N ASP G 50 -22.52 18.75 2.46
CA ASP G 50 -21.07 18.71 2.52
C ASP G 50 -20.55 18.43 3.95
N LYS G 51 -21.25 18.94 4.95
CA LYS G 51 -20.77 18.96 6.35
C LYS G 51 -20.99 17.63 6.96
N GLN G 52 -22.17 17.07 6.69
CA GLN G 52 -22.54 15.78 7.23
C GLN G 52 -21.85 14.58 6.48
N LEU G 53 -21.78 14.62 5.14
CA LEU G 53 -21.52 13.43 4.34
C LEU G 53 -20.24 13.41 3.58
N SER G 54 -19.58 14.53 3.33
CA SER G 54 -18.38 14.51 2.45
C SER G 54 -17.17 13.87 3.08
N THR G 55 -16.62 12.85 2.44
CA THR G 55 -15.33 12.26 2.74
C THR G 55 -14.08 13.12 2.28
N TYR G 56 -14.33 14.21 1.59
CA TYR G 56 -13.26 15.04 1.10
C TYR G 56 -12.96 16.18 2.05
N ARG G 57 -13.58 16.23 3.21
CA ARG G 57 -13.16 17.19 4.26
C ARG G 57 -13.04 16.46 5.56
N SER G 58 -12.09 16.89 6.38
CA SER G 58 -11.72 16.09 7.54
C SER G 58 -12.70 16.30 8.66
N ASP G 59 -13.44 17.43 8.65
CA ASP G 59 -14.36 17.76 9.75
C ASP G 59 -15.82 17.23 9.58
N SER G 60 -16.04 16.32 8.65
CA SER G 60 -17.40 15.89 8.35
C SER G 60 -17.92 14.91 9.39
N ASP G 61 -19.24 14.85 9.49
CA ASP G 61 -19.84 13.88 10.38
C ASP G 61 -19.48 12.46 9.98
N VAL G 62 -19.59 12.09 8.70
CA VAL G 62 -19.12 10.76 8.22
C VAL G 62 -17.58 10.56 8.41
N GLU G 63 -16.71 11.54 8.15
CA GLU G 63 -15.27 11.31 8.42
C GLU G 63 -14.95 11.06 9.92
N ARG G 64 -15.71 11.72 10.80
CA ARG G 64 -15.61 11.47 12.23
C ARG G 64 -15.96 10.02 12.56
N PHE G 65 -17.10 9.55 12.03
CA PHE G 65 -17.51 8.14 12.05
C PHE G 65 -16.43 7.25 11.49
N ASN G 66 -15.99 7.51 10.26
CA ASN G 66 -14.94 6.68 9.63
C ASN G 66 -13.61 6.49 10.44
N ALA G 67 -13.21 7.52 11.16
CA ALA G 67 -12.00 7.45 12.00
C ALA G 67 -12.13 6.55 13.23
N LEU G 68 -13.35 6.30 13.70
CA LEU G 68 -13.59 5.48 14.87
C LEU G 68 -13.21 3.99 14.65
N PRO G 69 -12.76 3.29 15.71
CA PRO G 69 -12.38 1.93 15.52
C PRO G 69 -13.62 1.00 15.49
N ALA G 70 -13.36 -0.27 15.19
CA ALA G 70 -14.38 -1.31 15.32
C ALA G 70 -15.06 -1.35 16.69
N GLY G 71 -16.33 -1.70 16.70
CA GLY G 71 -17.11 -1.81 17.94
C GLY G 71 -17.59 -0.49 18.48
N SER G 72 -17.44 0.60 17.72
CA SER G 72 -17.88 1.94 18.07
C SER G 72 -19.34 2.10 17.74
N CYS G 73 -20.14 2.59 18.68
CA CYS G 73 -21.41 3.33 18.42
C CYS G 73 -21.18 4.82 18.69
N GLU G 74 -21.69 5.68 17.82
CA GLU G 74 -21.40 7.09 17.82
C GLU G 74 -22.62 7.81 17.37
N PRO G 75 -23.04 8.85 18.09
CA PRO G 75 -24.17 9.68 17.67
C PRO G 75 -23.98 10.31 16.28
N MET G 76 -24.98 10.28 15.43
CA MET G 76 -24.85 10.86 14.09
C MET G 76 -26.12 11.65 13.74
N PRO G 77 -26.03 12.60 12.85
CA PRO G 77 -27.19 13.37 12.44
C PRO G 77 -28.27 12.61 11.68
N ASP G 78 -29.44 13.21 11.54
CA ASP G 78 -30.55 12.60 10.82
C ASP G 78 -30.25 12.14 9.40
N MET G 79 -29.65 13.00 8.59
CA MET G 79 -29.19 12.63 7.25
C MET G 79 -28.42 11.32 7.14
N VAL G 80 -27.29 11.24 7.85
CA VAL G 80 -26.44 10.06 7.79
C VAL G 80 -27.26 8.81 8.10
N ARG G 81 -28.15 8.91 9.07
CA ARG G 81 -29.01 7.80 9.43
C ARG G 81 -30.13 7.49 8.40
N GLU G 82 -30.71 8.53 7.81
CA GLU G 82 -31.71 8.35 6.75
C GLU G 82 -31.07 7.60 5.54
N LEU G 83 -29.82 8.01 5.22
CA LEU G 83 -29.06 7.47 4.11
C LEU G 83 -28.57 6.10 4.44
N VAL G 84 -28.17 5.83 5.67
CA VAL G 84 -27.82 4.47 6.00
C VAL G 84 -29.02 3.53 5.81
N ALA G 85 -30.16 3.98 6.23
CA ALA G 85 -31.37 3.18 6.11
C ALA G 85 -31.79 2.98 4.66
N ALA G 86 -31.71 4.03 3.83
CA ALA G 86 -32.05 3.89 2.42
C ALA G 86 -30.99 3.00 1.77
N GLY G 87 -29.74 3.15 2.16
CA GLY G 87 -28.63 2.27 1.72
C GLY G 87 -28.83 0.78 2.00
N SER G 88 -29.33 0.49 3.19
CA SER G 88 -29.64 -0.88 3.62
C SER G 88 -30.71 -1.50 2.74
N GLN G 89 -31.76 -0.74 2.44
CA GLN G 89 -32.84 -1.20 1.62
C GLN G 89 -32.29 -1.45 0.23
N LEU G 90 -31.57 -0.49 -0.33
CA LEU G 90 -30.94 -0.65 -1.65
C LEU G 90 -30.02 -1.89 -1.77
N SER G 91 -29.20 -2.13 -0.75
CA SER G 91 -28.38 -3.36 -0.73
C SER G 91 -29.25 -4.62 -0.83
N ALA G 92 -30.30 -4.67 -0.02
CA ALA G 92 -31.30 -5.77 -0.07
C ALA G 92 -31.96 -5.89 -1.43
N ASP G 93 -32.47 -4.76 -1.95
CA ASP G 93 -33.22 -4.80 -3.19
C ASP G 93 -32.36 -5.24 -4.37
N SER G 94 -31.05 -5.05 -4.26
CA SER G 94 -30.12 -5.34 -5.36
C SER G 94 -29.14 -6.49 -5.06
N ASP G 95 -29.52 -7.41 -4.17
CA ASP G 95 -28.66 -8.55 -3.78
C ASP G 95 -27.27 -8.12 -3.51
N GLY G 96 -27.13 -7.04 -2.75
CA GLY G 96 -25.84 -6.57 -2.26
C GLY G 96 -24.98 -5.81 -3.22
N ALA G 97 -25.45 -5.54 -4.45
CA ALA G 97 -24.62 -4.84 -5.49
C ALA G 97 -24.41 -3.39 -5.08
N PHE G 98 -25.33 -2.87 -4.29
CA PHE G 98 -25.13 -1.59 -3.69
C PHE G 98 -24.56 -1.68 -2.27
N ASP G 99 -23.49 -0.91 -2.05
CA ASP G 99 -22.72 -0.95 -0.82
C ASP G 99 -22.06 0.43 -0.54
N LEU G 100 -22.41 0.95 0.63
CA LEU G 100 -21.85 2.17 1.16
C LEU G 100 -20.53 1.99 1.81
N THR G 101 -20.08 0.74 1.96
CA THR G 101 -18.90 0.45 2.76
C THR G 101 -17.67 0.08 1.95
N LEU G 102 -17.54 0.64 0.76
CA LEU G 102 -16.43 0.29 -0.13
C LEU G 102 -15.20 1.16 0.00
N GLU G 103 -15.23 2.20 0.84
CA GLU G 103 -14.10 3.14 0.83
C GLU G 103 -12.71 2.52 1.05
N PRO G 104 -12.57 1.51 1.90
CA PRO G 104 -11.28 0.86 2.02
C PRO G 104 -10.79 0.23 0.71
N LEU G 105 -11.67 -0.35 -0.10
CA LEU G 105 -11.23 -0.90 -1.41
C LEU G 105 -11.06 0.23 -2.46
N LEU G 106 -11.92 1.24 -2.35
CA LEU G 106 -11.68 2.48 -3.08
C LEU G 106 -10.26 3.04 -2.81
N ASN G 107 -9.93 3.39 -1.55
CA ASN G 107 -8.62 4.00 -1.19
C ASN G 107 -7.42 3.12 -1.55
N LEU G 108 -7.64 1.80 -1.56
CA LEU G 108 -6.63 0.83 -2.00
C LEU G 108 -6.36 0.80 -3.50
N TRP G 109 -7.39 0.93 -4.32
CA TRP G 109 -7.22 0.99 -5.80
C TRP G 109 -7.00 2.43 -6.35
N GLY G 110 -6.78 3.40 -5.47
CA GLY G 110 -6.48 4.79 -5.85
C GLY G 110 -7.64 5.73 -6.12
N PHE G 111 -8.86 5.20 -6.13
CA PHE G 111 -10.02 5.91 -6.67
C PHE G 111 -10.70 6.81 -5.63
N GLY G 112 -10.05 7.06 -4.48
CA GLY G 112 -10.70 7.76 -3.37
C GLY G 112 -10.21 9.18 -3.11
N PRO G 113 -10.72 9.81 -2.04
CA PRO G 113 -10.25 11.14 -1.59
C PRO G 113 -8.76 11.18 -1.12
N GLN G 114 -8.31 10.13 -0.42
CA GLN G 114 -6.90 9.96 -0.04
C GLN G 114 -6.36 8.96 -1.05
N GLY G 115 -6.18 9.43 -2.29
CA GLY G 115 -5.97 8.57 -3.45
C GLY G 115 -4.96 9.15 -4.40
N ARG G 116 -3.84 8.46 -4.48
CA ARG G 116 -2.88 8.73 -5.52
C ARG G 116 -3.56 8.39 -6.82
N GLY G 117 -4.18 7.21 -6.85
CA GLY G 117 -4.83 6.74 -8.03
C GLY G 117 -3.89 5.87 -8.77
N GLU G 118 -4.44 5.01 -9.63
CA GLU G 118 -3.65 4.24 -10.65
C GLU G 118 -2.64 3.21 -10.05
N ARG G 119 -3.28 2.33 -9.31
CA ARG G 119 -2.54 1.33 -8.55
C ARG G 119 -3.07 -0.07 -8.62
N VAL G 120 -2.31 -1.06 -9.06
CA VAL G 120 -2.76 -2.46 -8.89
C VAL G 120 -2.31 -2.96 -7.49
N PRO G 121 -3.18 -2.82 -6.47
CA PRO G 121 -2.78 -3.47 -5.21
C PRO G 121 -2.77 -4.99 -5.34
N SER G 122 -2.03 -5.61 -4.44
CA SER G 122 -1.84 -7.04 -4.38
C SER G 122 -3.12 -7.79 -4.08
N ALA G 123 -3.01 -9.10 -3.96
CA ALA G 123 -4.15 -9.90 -3.55
C ALA G 123 -4.30 -9.86 -2.03
N GLU G 124 -3.23 -9.74 -1.30
CA GLU G 124 -3.30 -9.77 0.17
C GLU G 124 -3.91 -8.51 0.71
N ASP G 125 -3.47 -7.38 0.18
CA ASP G 125 -3.99 -6.08 0.62
C ASP G 125 -5.50 -6.01 0.34
N ILE G 126 -5.94 -6.72 -0.71
CA ILE G 126 -7.34 -6.87 -1.10
C ILE G 126 -8.12 -7.70 -0.09
N SER G 127 -7.55 -8.85 0.27
CA SER G 127 -8.22 -9.71 1.26
C SER G 127 -8.39 -9.05 2.65
N ALA G 128 -7.39 -8.23 3.03
CA ALA G 128 -7.36 -7.42 4.29
C ALA G 128 -8.41 -6.34 4.35
N ALA G 129 -8.47 -5.57 3.28
CA ALA G 129 -9.49 -4.53 3.14
C ALA G 129 -10.94 -5.04 3.00
N ARG G 130 -11.18 -6.25 2.45
CA ARG G 130 -12.55 -6.74 2.41
C ARG G 130 -13.11 -7.02 3.82
N ALA G 131 -12.26 -7.44 4.72
CA ALA G 131 -12.65 -7.58 6.12
C ALA G 131 -12.96 -6.29 6.89
N LEU G 132 -12.69 -5.13 6.28
CA LEU G 132 -13.16 -3.83 6.77
C LEU G 132 -14.43 -3.35 6.07
N THR G 133 -15.05 -4.21 5.27
CA THR G 133 -16.18 -3.79 4.46
C THR G 133 -17.39 -4.59 4.89
N GLY G 134 -18.57 -4.17 4.44
CA GLY G 134 -19.77 -4.97 4.66
C GLY G 134 -20.93 -4.29 5.31
N GLN G 135 -21.93 -3.97 4.52
CA GLN G 135 -23.21 -3.41 5.00
C GLN G 135 -23.80 -4.11 6.23
N GLN G 136 -23.62 -5.42 6.35
CA GLN G 136 -24.20 -6.15 7.48
C GLN G 136 -23.58 -5.79 8.82
N HIS G 137 -22.39 -5.17 8.77
CA HIS G 137 -21.71 -4.73 9.96
C HIS G 137 -22.11 -3.35 10.48
N LEU G 138 -22.99 -2.68 9.75
CA LEU G 138 -23.40 -1.31 10.02
C LEU G 138 -24.80 -1.32 10.62
N SER G 139 -25.05 -0.70 11.76
CA SER G 139 -26.43 -0.72 12.23
C SER G 139 -26.78 0.56 12.89
N ILE G 140 -28.07 0.83 13.01
CA ILE G 140 -28.55 2.07 13.59
C ILE G 140 -29.14 1.68 14.94
N ASP G 141 -28.71 2.34 16.01
CA ASP G 141 -29.30 2.12 17.31
C ASP G 141 -29.66 3.44 17.92
N GLY G 142 -30.97 3.67 17.99
CA GLY G 142 -31.49 4.95 18.44
C GLY G 142 -30.99 6.01 17.51
N ASP G 143 -30.14 6.87 18.04
CA ASP G 143 -29.62 7.97 17.29
C ASP G 143 -28.12 7.77 17.04
N ARG G 144 -27.67 6.54 17.11
CA ARG G 144 -26.28 6.21 16.89
C ARG G 144 -26.09 5.32 15.66
N LEU G 145 -24.92 5.42 15.04
CA LEU G 145 -24.49 4.40 14.11
C LEU G 145 -23.51 3.49 14.81
N CYS G 146 -23.70 2.18 14.64
CA CYS G 146 -22.78 1.22 15.18
C CYS G 146 -22.09 0.56 14.06
N LYS G 147 -20.79 0.34 14.22
CA LYS G 147 -20.03 -0.47 13.29
C LYS G 147 -19.22 -1.56 13.99
N ALA G 148 -19.33 -2.79 13.51
CA ALA G 148 -18.69 -3.94 14.18
C ALA G 148 -17.30 -4.26 13.63
N VAL G 149 -16.96 -3.71 12.47
CA VAL G 149 -15.60 -3.74 11.97
C VAL G 149 -15.22 -2.31 11.70
N ALA G 150 -13.99 -2.04 11.27
CA ALA G 150 -13.56 -0.67 11.02
C ALA G 150 -14.05 -0.16 9.66
N LEU G 151 -15.35 -0.05 9.52
CA LEU G 151 -16.02 0.40 8.30
C LEU G 151 -15.69 1.81 7.98
N GLN G 152 -15.69 2.08 6.69
CA GLN G 152 -15.59 3.45 6.23
C GLN G 152 -16.69 3.66 5.20
N LEU G 153 -17.58 4.58 5.49
CA LEU G 153 -18.70 4.86 4.64
C LEU G 153 -18.41 5.94 3.63
N ASP G 154 -19.14 5.84 2.53
CA ASP G 154 -19.09 6.75 1.40
C ASP G 154 -20.50 6.78 0.85
N PHE G 155 -21.05 7.99 0.68
CA PHE G 155 -22.43 8.18 0.28
C PHE G 155 -22.56 8.73 -1.12
N ASN G 156 -21.44 8.79 -1.84
CA ASN G 156 -21.47 9.32 -3.23
C ASN G 156 -22.37 8.58 -4.19
N SER G 157 -22.69 7.31 -3.94
CA SER G 157 -23.57 6.56 -4.82
C SER G 157 -25.04 7.09 -4.83
N ILE G 158 -25.43 7.75 -3.73
CA ILE G 158 -26.78 8.34 -3.52
C ILE G 158 -26.89 9.80 -3.09
N ALA G 159 -25.77 10.45 -2.74
CA ALA G 159 -25.85 11.85 -2.22
C ALA G 159 -26.57 12.80 -3.16
N ALA G 160 -26.26 12.72 -4.46
CA ALA G 160 -26.75 13.69 -5.44
C ALA G 160 -28.24 13.56 -5.66
N GLY G 161 -28.73 12.33 -5.72
CA GLY G 161 -30.18 12.10 -5.85
C GLY G 161 -31.01 12.50 -4.61
N TYR G 162 -30.41 12.31 -3.44
CA TYR G 162 -30.95 12.74 -2.17
C TYR G 162 -31.00 14.27 -2.13
N ALA G 163 -29.97 14.93 -2.63
CA ALA G 163 -29.97 16.39 -2.81
C ALA G 163 -31.11 16.87 -3.68
N VAL G 164 -31.34 16.23 -4.80
CA VAL G 164 -32.45 16.61 -5.67
C VAL G 164 -33.81 16.52 -4.88
N ASP G 165 -34.00 15.38 -4.19
CA ASP G 165 -35.19 15.14 -3.42
C ASP G 165 -35.36 16.19 -2.29
N LEU G 166 -34.31 16.48 -1.53
CA LEU G 166 -34.36 17.56 -0.51
C LEU G 166 -34.64 18.96 -1.08
N VAL G 167 -34.06 19.31 -2.23
CA VAL G 167 -34.32 20.59 -2.93
C VAL G 167 -35.82 20.63 -3.32
N ILE G 168 -36.29 19.55 -3.90
CA ILE G 168 -37.68 19.51 -4.33
C ILE G 168 -38.62 19.65 -3.15
N ASP G 169 -38.33 19.02 -2.01
CA ASP G 169 -39.19 19.16 -0.80
C ASP G 169 -39.35 20.62 -0.33
N ARG G 170 -38.27 21.39 -0.41
CA ARG G 170 -38.27 22.78 -0.08
C ARG G 170 -38.98 23.64 -1.10
N LEU G 171 -38.82 23.35 -2.39
CA LEU G 171 -39.55 24.10 -3.41
C LEU G 171 -41.04 23.93 -3.21
N LYS G 172 -41.45 22.71 -2.91
CA LYS G 172 -42.88 22.37 -2.71
C LYS G 172 -43.43 23.06 -1.47
N ALA G 173 -42.65 23.02 -0.40
CA ALA G 173 -42.98 23.67 0.85
C ALA G 173 -43.12 25.17 0.69
N LEU G 174 -42.28 25.78 -0.16
CA LEU G 174 -42.45 27.21 -0.57
C LEU G 174 -43.53 27.55 -1.65
N GLY G 175 -44.36 26.58 -2.04
CA GLY G 175 -45.46 26.77 -2.96
C GLY G 175 -45.19 26.42 -4.42
N VAL G 176 -43.97 26.15 -4.83
CA VAL G 176 -43.71 25.90 -6.23
C VAL G 176 -44.30 24.55 -6.66
N GLN G 177 -44.96 24.52 -7.83
CA GLN G 177 -45.59 23.30 -8.39
C GLN G 177 -44.98 22.75 -9.68
N SER G 178 -44.19 23.52 -10.39
CA SER G 178 -43.58 23.02 -11.61
C SER G 178 -42.10 23.35 -11.60
N TYR G 179 -41.25 22.35 -11.85
CA TYR G 179 -39.78 22.53 -11.69
C TYR G 179 -38.96 21.43 -12.38
N LEU G 180 -37.71 21.72 -12.68
CA LEU G 180 -36.74 20.69 -13.06
C LEU G 180 -35.49 20.99 -12.28
N VAL G 181 -35.04 20.02 -11.50
CA VAL G 181 -33.87 20.23 -10.63
C VAL G 181 -32.74 19.33 -11.07
N GLU G 182 -31.57 19.85 -11.31
CA GLU G 182 -30.48 19.01 -11.79
C GLU G 182 -29.25 19.23 -10.92
N ILE G 183 -28.74 18.16 -10.30
CA ILE G 183 -27.56 18.31 -9.44
C ILE G 183 -26.56 17.26 -9.91
N THR G 184 -25.44 17.71 -10.50
CA THR G 184 -24.40 16.84 -11.00
C THR G 184 -24.92 15.67 -11.87
N GLY G 185 -25.93 15.91 -12.67
CA GLY G 185 -26.39 14.91 -13.62
C GLY G 185 -27.61 14.14 -13.14
N GLU G 186 -27.84 14.12 -11.85
CA GLU G 186 -29.06 13.49 -11.36
C GLU G 186 -30.13 14.58 -11.46
N LEU G 187 -31.31 14.25 -11.93
CA LEU G 187 -32.40 15.23 -11.92
C LEU G 187 -33.79 14.70 -11.76
N LYS G 188 -34.74 15.60 -11.57
CA LYS G 188 -36.13 15.21 -11.45
C LYS G 188 -36.96 16.42 -11.84
N ALA G 189 -38.11 16.20 -12.46
CA ALA G 189 -38.99 17.28 -12.88
C ALA G 189 -40.44 16.93 -12.64
N GLU G 190 -41.28 17.94 -12.57
CA GLU G 190 -42.69 17.73 -12.29
C GLU G 190 -43.49 18.91 -12.81
N GLY G 191 -44.73 18.66 -13.20
CA GLY G 191 -45.62 19.69 -13.68
C GLY G 191 -45.23 20.08 -15.07
N ARG G 192 -45.71 21.25 -15.50
CA ARG G 192 -45.60 21.68 -16.91
C ARG G 192 -45.18 23.13 -16.97
N LYS G 193 -44.67 23.54 -18.11
CA LYS G 193 -44.30 24.96 -18.34
C LYS G 193 -45.60 25.79 -18.55
N PRO G 194 -45.50 27.13 -18.57
CA PRO G 194 -46.71 27.96 -18.75
C PRO G 194 -47.44 27.77 -20.09
N ASP G 195 -46.69 27.61 -21.19
CA ASP G 195 -47.31 27.21 -22.48
C ASP G 195 -48.00 25.84 -22.52
N GLY G 196 -47.81 25.01 -21.49
CA GLY G 196 -48.35 23.62 -21.42
C GLY G 196 -47.35 22.51 -21.80
N SER G 197 -46.11 22.87 -22.18
CA SER G 197 -45.14 21.87 -22.61
C SER G 197 -44.57 21.18 -21.37
N PRO G 198 -44.16 19.90 -21.51
CA PRO G 198 -43.60 19.21 -20.38
C PRO G 198 -42.10 19.44 -20.26
N TRP G 199 -41.58 19.02 -19.13
CA TRP G 199 -40.15 19.02 -18.94
C TRP G 199 -39.64 17.74 -19.60
N ARG G 200 -38.52 17.86 -20.32
CA ARG G 200 -37.92 16.72 -21.05
C ARG G 200 -36.41 16.56 -20.86
N ILE G 201 -35.98 15.30 -20.79
CA ILE G 201 -34.57 14.98 -20.84
C ILE G 201 -34.41 14.00 -22.00
N ALA G 202 -33.20 14.02 -22.55
CA ALA G 202 -32.82 13.08 -23.57
C ALA G 202 -31.76 12.15 -22.99
N ILE G 203 -31.91 10.85 -23.28
CA ILE G 203 -30.98 9.79 -22.89
C ILE G 203 -30.14 9.30 -24.06
N GLU G 204 -28.84 9.15 -23.90
CA GLU G 204 -27.99 8.74 -25.01
C GLU G 204 -28.12 7.25 -25.42
N ALA G 205 -28.23 7.05 -26.72
CA ALA G 205 -28.69 5.78 -27.28
C ALA G 205 -27.93 5.42 -28.55
N PRO G 206 -26.61 5.26 -28.45
CA PRO G 206 -25.78 4.94 -29.61
C PRO G 206 -25.95 3.56 -30.15
N ARG G 211 -23.72 5.68 -33.48
CA ARG G 211 -24.95 6.01 -34.15
C ARG G 211 -25.46 7.35 -33.62
N VAL G 212 -25.21 7.70 -32.38
CA VAL G 212 -25.63 8.90 -31.63
C VAL G 212 -27.14 9.34 -31.73
N ALA G 213 -28.04 8.38 -31.61
CA ALA G 213 -29.49 8.66 -31.41
C ALA G 213 -29.76 9.09 -29.96
N GLN G 214 -31.02 9.49 -29.69
CA GLN G 214 -31.48 9.95 -28.35
C GLN G 214 -32.94 9.62 -28.12
N LYS G 215 -33.21 9.12 -26.94
CA LYS G 215 -34.53 8.77 -26.50
C LYS G 215 -34.98 9.92 -25.62
N ILE G 216 -36.11 10.51 -26.00
CA ILE G 216 -36.67 11.71 -25.36
C ILE G 216 -37.74 11.23 -24.44
N VAL G 217 -37.63 11.63 -23.20
CA VAL G 217 -38.63 11.26 -22.24
C VAL G 217 -39.14 12.53 -21.57
N GLU G 218 -40.43 12.42 -21.20
CA GLU G 218 -41.19 13.44 -20.51
C GLU G 218 -41.28 13.09 -19.02
N LEU G 219 -40.70 13.93 -18.18
CA LEU G 219 -40.61 13.71 -16.78
C LEU G 219 -41.68 14.47 -16.10
N ASP G 220 -42.57 13.79 -15.41
CA ASP G 220 -43.57 14.44 -14.55
C ASP G 220 -43.74 13.64 -13.25
N GLY G 221 -43.05 14.07 -12.19
CA GLY G 221 -43.01 13.33 -10.92
C GLY G 221 -41.95 12.23 -10.88
N MET G 222 -40.96 12.27 -11.79
CA MET G 222 -39.98 11.21 -11.90
C MET G 222 -38.59 11.79 -11.91
N GLY G 223 -37.69 11.08 -11.25
CA GLY G 223 -36.26 11.38 -11.27
C GLY G 223 -35.49 10.45 -12.18
N VAL G 224 -34.28 10.88 -12.53
CA VAL G 224 -33.45 10.20 -13.53
C VAL G 224 -32.03 10.17 -12.98
N SER G 225 -31.39 9.01 -13.16
CA SER G 225 -29.99 8.91 -12.86
C SER G 225 -29.29 7.97 -13.83
N THR G 226 -28.12 8.40 -14.31
CA THR G 226 -27.35 7.66 -15.29
C THR G 226 -25.99 7.40 -14.68
N SER G 227 -25.66 6.14 -14.44
CA SER G 227 -24.33 5.77 -14.09
C SER G 227 -23.53 5.51 -15.33
N GLY G 228 -22.34 6.12 -15.39
CA GLY G 228 -21.51 6.02 -16.60
C GLY G 228 -21.96 6.89 -17.75
N ASP G 229 -21.05 7.01 -18.71
CA ASP G 229 -21.29 7.74 -19.97
C ASP G 229 -20.65 6.89 -21.09
N TYR G 230 -21.40 6.58 -22.14
CA TYR G 230 -20.88 5.64 -23.14
C TYR G 230 -19.63 6.18 -23.84
N ARG G 231 -19.51 7.51 -23.92
CA ARG G 231 -18.33 8.13 -24.50
C ARG G 231 -17.04 7.87 -23.72
N ASN G 232 -17.12 7.48 -22.44
CA ASN G 232 -15.94 7.08 -21.66
C ASN G 232 -15.94 5.56 -21.48
N TYR G 233 -15.67 4.84 -22.52
CA TYR G 233 -15.52 3.43 -22.35
C TYR G 233 -14.06 3.14 -22.73
N PHE G 234 -13.24 2.58 -21.79
CA PHE G 234 -11.77 2.31 -21.90
C PHE G 234 -11.54 0.86 -21.57
N GLU G 235 -10.91 0.23 -22.53
CA GLU G 235 -10.46 -1.11 -22.33
C GLU G 235 -8.97 -0.92 -22.32
N ARG G 236 -8.44 -0.91 -21.07
CA ARG G 236 -7.00 -0.62 -20.79
C ARG G 236 -6.04 -1.44 -21.68
N ASP G 237 -6.20 -2.74 -21.77
CA ASP G 237 -5.28 -3.58 -22.52
C ASP G 237 -6.02 -4.80 -23.09
N GLY G 238 -7.20 -4.57 -23.66
CA GLY G 238 -8.18 -5.63 -23.89
C GLY G 238 -8.98 -6.05 -22.63
N ARG G 239 -8.71 -5.46 -21.48
CA ARG G 239 -9.50 -5.58 -20.29
C ARG G 239 -9.91 -4.17 -19.90
N ARG G 240 -11.17 -4.05 -19.49
CA ARG G 240 -11.86 -2.80 -19.15
C ARG G 240 -11.34 -2.01 -17.96
N TYR G 241 -11.33 -0.69 -18.11
CA TYR G 241 -10.93 0.16 -17.04
C TYR G 241 -12.10 1.03 -16.57
N SER G 242 -12.44 0.93 -15.29
CA SER G 242 -13.37 1.80 -14.64
C SER G 242 -12.98 1.97 -13.18
N HIS G 243 -13.74 2.79 -12.49
CA HIS G 243 -13.54 3.00 -11.06
C HIS G 243 -14.57 2.23 -10.24
N THR G 244 -15.38 1.40 -10.89
CA THR G 244 -16.51 0.73 -10.24
C THR G 244 -15.98 -0.63 -9.85
N LEU G 245 -16.26 -1.00 -8.60
CA LEU G 245 -15.74 -2.23 -7.98
C LEU G 245 -16.89 -3.12 -7.65
N ASP G 246 -16.74 -4.40 -7.92
CA ASP G 246 -17.68 -5.33 -7.35
C ASP G 246 -17.51 -5.32 -5.80
N PRO G 247 -18.59 -5.16 -5.03
CA PRO G 247 -18.48 -5.32 -3.54
C PRO G 247 -18.05 -6.72 -3.09
N GLN G 248 -18.54 -7.78 -3.76
CA GLN G 248 -18.16 -9.17 -3.44
C GLN G 248 -16.70 -9.55 -3.82
N SER G 249 -16.23 -9.19 -4.99
CA SER G 249 -14.85 -9.51 -5.37
C SER G 249 -14.19 -8.18 -5.31
N GLY G 250 -13.21 -7.99 -4.46
CA GLY G 250 -12.65 -6.66 -4.31
C GLY G 250 -12.09 -5.94 -5.54
N GLN G 251 -12.04 -6.58 -6.72
CA GLN G 251 -11.52 -5.98 -7.98
C GLN G 251 -12.50 -5.21 -8.86
N PRO G 252 -11.98 -4.55 -9.92
CA PRO G 252 -12.89 -3.78 -10.71
C PRO G 252 -13.66 -4.63 -11.68
N ILE G 253 -14.80 -4.07 -12.09
CA ILE G 253 -15.70 -4.75 -13.02
C ILE G 253 -15.07 -5.04 -14.37
N GLU G 254 -15.30 -6.23 -14.87
CA GLU G 254 -14.75 -6.67 -16.15
C GLU G 254 -15.71 -6.52 -17.37
N HIS G 255 -16.99 -6.24 -17.12
CA HIS G 255 -18.08 -6.45 -18.08
C HIS G 255 -18.27 -5.27 -19.02
N HIS G 256 -19.25 -5.34 -19.92
CA HIS G 256 -19.31 -4.36 -20.99
C HIS G 256 -20.36 -3.24 -20.85
N LEU G 257 -21.13 -3.18 -19.78
CA LEU G 257 -22.10 -2.09 -19.57
C LEU G 257 -21.44 -0.74 -19.46
N ALA G 258 -21.78 0.10 -20.42
CA ALA G 258 -21.14 1.38 -20.55
C ALA G 258 -21.93 2.50 -19.94
N ALA G 259 -23.25 2.42 -19.96
CA ALA G 259 -23.99 3.36 -19.18
C ALA G 259 -25.31 2.75 -18.84
N VAL G 260 -25.87 3.13 -17.72
CA VAL G 260 -27.18 2.63 -17.43
C VAL G 260 -27.89 3.78 -16.83
N THR G 261 -29.14 3.99 -17.26
CA THR G 261 -30.01 5.07 -16.77
C THR G 261 -31.22 4.45 -16.11
N VAL G 262 -31.62 4.90 -14.92
CA VAL G 262 -32.81 4.39 -14.20
C VAL G 262 -33.75 5.52 -13.95
N ILE G 263 -35.06 5.26 -13.93
CA ILE G 263 -36.11 6.29 -13.68
C ILE G 263 -37.07 5.84 -12.60
N ASP G 264 -37.16 6.61 -11.54
CA ASP G 264 -37.94 6.21 -10.39
C ASP G 264 -38.54 7.48 -9.86
N LYS G 265 -39.65 7.39 -9.17
CA LYS G 265 -40.21 8.60 -8.54
C LYS G 265 -39.29 9.23 -7.49
N SER G 266 -38.42 8.43 -6.88
CA SER G 266 -37.46 8.89 -5.90
C SER G 266 -36.11 8.99 -6.62
N THR G 267 -35.59 10.21 -6.70
CA THR G 267 -34.29 10.40 -7.26
C THR G 267 -33.21 9.69 -6.46
N LEU G 268 -33.35 9.60 -5.15
CA LEU G 268 -32.38 8.84 -4.34
C LEU G 268 -32.22 7.40 -4.87
N ARG G 269 -33.37 6.76 -5.10
CA ARG G 269 -33.45 5.38 -5.55
C ARG G 269 -32.93 5.22 -6.97
N ALA G 270 -33.26 6.18 -7.81
CA ALA G 270 -32.72 6.21 -9.12
C ALA G 270 -31.20 6.29 -9.10
N ASP G 271 -30.63 7.05 -8.18
CA ASP G 271 -29.16 7.14 -8.10
C ASP G 271 -28.49 5.86 -7.51
N GLY G 272 -29.17 5.27 -6.55
CA GLY G 272 -28.73 4.04 -5.96
C GLY G 272 -28.79 2.90 -6.94
N LEU G 273 -29.97 2.72 -7.53
CA LEU G 273 -30.25 1.61 -8.41
C LEU G 273 -29.32 1.65 -9.62
N SER G 274 -29.10 2.85 -10.13
CA SER G 274 -28.25 3.06 -11.23
C SER G 274 -26.87 2.53 -10.96
N THR G 275 -26.33 2.91 -9.84
CA THR G 275 -25.00 2.48 -9.38
C THR G 275 -25.00 0.95 -9.17
N ALA G 276 -26.08 0.39 -8.65
CA ALA G 276 -26.22 -1.08 -8.53
C ALA G 276 -26.16 -1.81 -9.89
N LEU G 277 -26.95 -1.35 -10.83
CA LEU G 277 -26.98 -1.96 -12.10
C LEU G 277 -25.59 -1.90 -12.77
N MET G 278 -24.84 -0.83 -12.59
CA MET G 278 -23.54 -0.75 -13.24
C MET G 278 -22.62 -1.75 -12.60
N VAL G 279 -22.81 -2.03 -11.31
CA VAL G 279 -21.95 -3.01 -10.64
C VAL G 279 -22.25 -4.34 -11.28
N LEU G 280 -23.52 -4.61 -11.50
CA LEU G 280 -24.01 -5.92 -11.85
C LEU G 280 -23.60 -6.31 -13.26
N GLY G 281 -23.55 -5.34 -14.17
CA GLY G 281 -23.30 -5.56 -15.59
C GLY G 281 -24.56 -5.77 -16.36
N PRO G 282 -24.42 -5.97 -17.71
CA PRO G 282 -25.58 -6.02 -18.64
C PRO G 282 -26.55 -7.18 -18.38
N GLU G 283 -26.03 -8.37 -18.00
CA GLU G 283 -26.89 -9.54 -17.78
C GLU G 283 -27.63 -9.47 -16.47
N LYS G 284 -26.84 -9.48 -15.39
CA LYS G 284 -27.40 -9.50 -14.05
C LYS G 284 -28.14 -8.20 -13.74
N GLY G 285 -27.65 -7.12 -14.30
CA GLY G 285 -28.40 -5.85 -14.34
C GLY G 285 -29.79 -6.03 -14.85
N LEU G 286 -29.88 -6.48 -16.07
CA LEU G 286 -31.16 -6.68 -16.71
C LEU G 286 -32.08 -7.62 -16.01
N ALA G 287 -31.53 -8.72 -15.51
CA ALA G 287 -32.37 -9.70 -14.79
C ALA G 287 -33.00 -9.09 -13.54
N LEU G 288 -32.17 -8.42 -12.73
CA LEU G 288 -32.65 -7.73 -11.52
C LEU G 288 -33.68 -6.67 -11.87
N ALA G 289 -33.38 -5.91 -12.93
CA ALA G 289 -34.30 -4.86 -13.32
C ALA G 289 -35.67 -5.41 -13.71
N GLU G 290 -35.72 -6.55 -14.41
CA GLU G 290 -36.97 -7.24 -14.71
C GLU G 290 -37.66 -7.74 -13.49
N ARG G 291 -36.90 -8.47 -12.71
CA ARG G 291 -37.36 -9.02 -11.45
C ARG G 291 -37.93 -8.01 -10.48
N ASN G 292 -37.27 -6.86 -10.33
CA ASN G 292 -37.74 -5.84 -9.39
C ASN G 292 -38.73 -4.83 -10.02
N GLY G 293 -38.94 -4.94 -11.33
CA GLY G 293 -39.73 -3.97 -12.11
C GLY G 293 -39.16 -2.55 -12.26
N ILE G 294 -37.84 -2.44 -12.44
CA ILE G 294 -37.17 -1.15 -12.50
C ILE G 294 -37.27 -0.65 -13.93
N ALA G 295 -37.56 0.66 -14.06
CA ALA G 295 -37.49 1.33 -15.36
C ALA G 295 -36.03 1.75 -15.66
N ALA G 296 -35.39 1.13 -16.66
CA ALA G 296 -33.96 1.30 -16.94
C ALA G 296 -33.55 1.11 -18.42
N PHE G 297 -32.51 1.82 -18.81
CA PHE G 297 -32.05 1.84 -20.16
C PHE G 297 -30.51 1.58 -20.15
N PHE G 298 -30.12 0.46 -20.75
CA PHE G 298 -28.76 -0.02 -20.70
C PHE G 298 -28.05 0.27 -22.01
N VAL G 299 -26.85 0.82 -21.95
CA VAL G 299 -26.03 0.96 -23.13
C VAL G 299 -24.86 0.02 -22.98
N VAL G 300 -24.68 -0.86 -23.97
CA VAL G 300 -23.76 -2.03 -23.87
C VAL G 300 -22.74 -2.08 -25.04
N ARG G 301 -21.47 -2.32 -24.72
CA ARG G 301 -20.43 -2.45 -25.70
C ARG G 301 -20.50 -3.85 -26.37
N GLU G 302 -20.73 -3.86 -27.68
CA GLU G 302 -20.78 -5.07 -28.54
C GLU G 302 -20.18 -4.86 -29.94
N GLY G 303 -19.09 -5.57 -30.23
CA GLY G 303 -18.43 -5.54 -31.54
C GLY G 303 -18.15 -4.17 -32.16
N GLN G 304 -17.32 -3.40 -31.46
CA GLN G 304 -16.95 -2.01 -31.86
C GLN G 304 -18.17 -1.19 -32.28
N GLY G 305 -18.90 -0.74 -31.26
CA GLY G 305 -20.25 -0.18 -31.34
C GLY G 305 -20.98 -0.40 -30.02
N PHE G 306 -22.20 0.07 -29.94
CA PHE G 306 -23.01 -0.08 -28.75
C PHE G 306 -24.32 -0.66 -29.12
N VAL G 307 -24.95 -1.34 -28.15
CA VAL G 307 -26.34 -1.76 -28.24
C VAL G 307 -27.02 -1.24 -27.01
N THR G 308 -28.30 -1.00 -27.14
CA THR G 308 -29.08 -0.58 -26.06
C THR G 308 -30.14 -1.62 -25.80
N THR G 309 -30.50 -1.72 -24.54
CA THR G 309 -31.59 -2.56 -24.13
C THR G 309 -32.38 -1.78 -23.09
N SER G 310 -33.70 -1.80 -23.20
CA SER G 310 -34.55 -1.13 -22.25
C SER G 310 -35.30 -2.22 -21.51
N THR G 311 -35.85 -1.92 -20.33
CA THR G 311 -36.66 -2.89 -19.55
C THR G 311 -38.14 -2.71 -19.90
N LYS G 312 -38.94 -3.63 -19.38
CA LYS G 312 -40.38 -3.69 -19.58
C LYS G 312 -41.05 -2.52 -18.89
N ALA G 313 -40.61 -2.24 -17.69
CA ALA G 313 -41.14 -1.13 -16.94
C ALA G 313 -40.78 0.20 -17.61
N PHE G 314 -39.58 0.23 -18.22
CA PHE G 314 -39.15 1.38 -19.00
C PHE G 314 -40.04 1.56 -20.21
N ASP G 315 -40.30 0.49 -20.94
CA ASP G 315 -41.15 0.51 -22.17
C ASP G 315 -42.59 0.93 -21.91
N GLU G 316 -43.24 0.41 -20.86
CA GLU G 316 -44.57 0.88 -20.44
C GLU G 316 -44.64 2.40 -20.20
N LEU G 317 -43.61 2.97 -19.59
CA LEU G 317 -43.64 4.40 -19.25
C LEU G 317 -43.34 5.32 -20.45
N PHE G 318 -42.53 4.85 -21.39
CA PHE G 318 -41.98 5.73 -22.47
C PHE G 318 -41.98 5.18 -23.90
N GLY G 319 -42.51 3.99 -24.15
CA GLY G 319 -42.46 3.34 -25.48
C GLY G 319 -41.14 2.63 -25.77
N ALA G 320 -41.17 1.67 -26.68
CA ALA G 320 -39.96 0.96 -27.11
C ALA G 320 -39.03 1.68 -28.15
N GLY G 321 -39.57 2.64 -28.92
CA GLY G 321 -38.84 3.28 -30.06
C GLY G 321 -37.90 4.42 -29.71
N VAL G 322 -37.09 4.91 -30.68
CA VAL G 322 -36.19 6.01 -30.37
C VAL G 322 -36.71 7.22 -31.08
N MET H 3 1.67 25.88 -34.82
CA MET H 3 2.33 27.20 -34.77
C MET H 3 3.70 27.08 -34.08
N ASP H 4 4.37 28.22 -34.07
CA ASP H 4 5.58 28.45 -33.34
C ASP H 4 5.26 29.34 -32.14
N LEU H 5 6.10 29.21 -31.14
CA LEU H 5 5.92 29.98 -29.93
C LEU H 5 6.18 31.45 -30.20
N PHE H 6 7.30 31.76 -30.88
CA PHE H 6 7.72 33.10 -31.21
C PHE H 6 7.28 33.37 -32.63
N GLN H 7 6.66 34.49 -32.89
CA GLN H 7 5.99 34.72 -34.15
C GLN H 7 5.40 36.15 -34.15
N ASP H 8 5.41 36.82 -35.30
CA ASP H 8 4.73 38.12 -35.46
C ASP H 8 3.21 37.97 -35.15
N LYS H 9 2.64 38.96 -34.49
CA LYS H 9 1.21 38.92 -34.15
C LYS H 9 0.30 39.42 -35.31
N VAL H 10 -0.81 38.70 -35.57
CA VAL H 10 -1.89 39.18 -36.49
C VAL H 10 -2.96 39.98 -35.74
N GLU H 11 -2.80 41.29 -35.72
CA GLU H 11 -3.70 42.21 -35.02
C GLU H 11 -5.00 42.46 -35.79
N ALA H 12 -6.10 42.66 -35.07
CA ALA H 12 -7.38 43.04 -35.67
C ALA H 12 -8.05 44.17 -34.89
N PHE H 13 -8.66 45.09 -35.64
CA PHE H 13 -9.62 46.00 -35.05
C PHE H 13 -10.78 46.21 -36.00
N THR H 14 -11.88 46.64 -35.41
CA THR H 14 -13.16 46.87 -36.06
C THR H 14 -13.73 48.18 -35.54
N GLY H 15 -14.59 48.78 -36.35
CA GLY H 15 -15.29 49.97 -35.94
C GLY H 15 -16.52 50.23 -36.81
N PRO H 16 -17.32 51.21 -36.40
CA PRO H 16 -18.51 51.54 -37.14
C PRO H 16 -18.28 52.62 -38.19
N THR H 17 -18.97 52.43 -39.32
CA THR H 17 -19.29 53.44 -40.32
C THR H 17 -20.74 53.87 -40.07
N MET H 18 -21.23 54.99 -40.62
CA MET H 18 -22.68 55.20 -40.60
C MET H 18 -23.24 54.01 -41.35
N GLY H 19 -24.11 53.24 -40.74
CA GLY H 19 -24.73 52.12 -41.49
C GLY H 19 -24.11 50.71 -41.50
N SER H 20 -22.83 50.60 -41.16
CA SER H 20 -22.12 49.32 -41.33
C SER H 20 -20.84 49.27 -40.46
N THR H 21 -19.87 48.46 -40.85
CA THR H 21 -18.61 48.31 -40.11
C THR H 21 -17.42 48.21 -41.04
N TYR H 22 -16.23 48.50 -40.50
CA TYR H 22 -14.95 48.12 -41.14
C TYR H 22 -14.16 47.21 -40.24
N THR H 23 -13.19 46.51 -40.83
CA THR H 23 -12.34 45.61 -40.09
C THR H 23 -11.01 45.68 -40.73
N VAL H 24 -9.97 45.90 -39.95
CA VAL H 24 -8.59 45.91 -40.44
C VAL H 24 -7.79 44.82 -39.72
N LYS H 25 -7.23 43.87 -40.46
CA LYS H 25 -6.29 42.88 -39.92
C LYS H 25 -4.94 43.15 -40.56
N TYR H 26 -3.86 42.94 -39.83
CA TYR H 26 -2.52 43.17 -40.32
C TYR H 26 -1.51 42.49 -39.44
N VAL H 27 -0.29 42.36 -39.96
CA VAL H 27 0.80 41.70 -39.27
C VAL H 27 1.65 42.77 -38.69
N ARG H 28 1.88 42.70 -37.39
CA ARG H 28 2.73 43.66 -36.76
C ARG H 28 4.13 43.08 -36.56
N SER H 29 5.15 43.82 -36.94
CA SER H 29 6.51 43.43 -36.62
C SER H 29 7.09 44.28 -35.49
N GLY H 30 8.18 43.82 -34.87
CA GLY H 30 8.85 44.59 -33.81
C GLY H 30 8.79 46.08 -34.09
N ASP H 31 9.18 46.43 -35.31
CA ASP H 31 9.05 47.80 -35.87
C ASP H 31 7.64 48.35 -35.85
N GLY H 32 6.76 47.61 -36.54
CA GLY H 32 5.44 48.07 -36.97
C GLY H 32 4.56 48.75 -35.94
N PRO H 33 3.61 49.53 -36.41
CA PRO H 33 2.87 50.41 -35.53
C PRO H 33 1.84 49.68 -34.66
N ALA H 34 1.48 50.26 -33.52
CA ALA H 34 0.49 49.70 -32.61
C ALA H 34 -0.92 49.75 -33.19
N LYS H 35 -1.80 48.88 -32.72
CA LYS H 35 -3.11 48.80 -33.30
C LYS H 35 -3.91 50.08 -33.00
N GLU H 36 -3.71 50.68 -31.83
CA GLU H 36 -4.47 51.87 -31.47
C GLU H 36 -4.02 53.06 -32.29
N VAL H 37 -2.77 53.06 -32.73
CA VAL H 37 -2.31 54.11 -33.62
C VAL H 37 -3.00 54.06 -34.94
N LEU H 38 -3.11 52.86 -35.49
CA LEU H 38 -3.78 52.67 -36.77
C LEU H 38 -5.27 52.83 -36.69
N HIS H 39 -5.88 52.51 -35.55
CA HIS H 39 -7.29 52.71 -35.42
C HIS H 39 -7.48 54.21 -35.62
N GLY H 40 -6.63 55.00 -34.97
CA GLY H 40 -6.64 56.46 -35.09
C GLY H 40 -6.45 57.02 -36.49
N GLU H 41 -5.67 56.33 -37.30
CA GLU H 41 -5.45 56.68 -38.70
C GLU H 41 -6.62 56.32 -39.54
N VAL H 42 -7.15 55.12 -39.38
CA VAL H 42 -8.33 54.73 -40.13
C VAL H 42 -9.45 55.66 -39.81
N GLU H 43 -9.68 56.00 -38.55
CA GLU H 43 -10.85 56.82 -38.21
C GLU H 43 -10.69 58.23 -38.81
N ALA H 44 -9.44 58.68 -38.99
CA ALA H 44 -9.17 60.02 -39.50
C ALA H 44 -9.56 60.19 -40.96
N ILE H 45 -9.12 59.26 -41.78
CA ILE H 45 -9.53 59.13 -43.18
C ILE H 45 -11.06 59.00 -43.34
N LEU H 46 -11.70 58.14 -42.55
CA LEU H 46 -13.18 58.03 -42.58
C LEU H 46 -13.85 59.35 -42.24
N GLY H 47 -13.18 60.14 -41.39
CA GLY H 47 -13.61 61.48 -41.03
C GLY H 47 -13.48 62.48 -42.13
N GLN H 48 -12.36 62.44 -42.82
CA GLN H 48 -12.20 63.26 -44.02
C GLN H 48 -13.16 62.90 -45.14
N LEU H 49 -13.35 61.59 -45.37
CA LEU H 49 -14.33 61.14 -46.34
C LEU H 49 -15.70 61.67 -46.04
N ASP H 50 -16.12 61.59 -44.79
CA ASP H 50 -17.49 61.96 -44.45
C ASP H 50 -17.68 63.47 -44.72
N LYS H 51 -16.65 64.24 -44.37
CA LYS H 51 -16.69 65.70 -44.44
C LYS H 51 -16.75 66.16 -45.86
N GLN H 52 -15.91 65.54 -46.70
CA GLN H 52 -15.74 65.93 -48.09
C GLN H 52 -16.83 65.41 -49.02
N LEU H 53 -17.33 64.19 -48.79
CA LEU H 53 -18.15 63.49 -49.78
C LEU H 53 -19.54 63.01 -49.37
N SER H 54 -19.89 63.03 -48.06
CA SER H 54 -21.20 62.51 -47.62
C SER H 54 -22.30 63.49 -47.99
N THR H 55 -23.21 63.05 -48.83
CA THR H 55 -24.47 63.74 -49.01
C THR H 55 -25.39 63.77 -47.75
N TYR H 56 -25.17 62.86 -46.81
CA TYR H 56 -26.04 62.72 -45.60
C TYR H 56 -25.62 63.70 -44.52
N ARG H 57 -24.67 64.55 -44.82
CA ARG H 57 -24.49 65.72 -44.00
C ARG H 57 -24.36 67.08 -44.68
N SER H 58 -25.04 68.07 -44.07
CA SER H 58 -25.35 69.33 -44.73
C SER H 58 -24.12 70.22 -44.87
N ASP H 59 -23.10 69.97 -44.05
CA ASP H 59 -21.89 70.73 -44.12
C ASP H 59 -20.78 70.15 -44.97
N SER H 60 -21.10 69.11 -45.74
CA SER H 60 -20.12 68.53 -46.60
C SER H 60 -19.75 69.43 -47.77
N ASP H 61 -18.52 69.24 -48.23
CA ASP H 61 -18.04 69.88 -49.45
C ASP H 61 -18.90 69.48 -50.67
N VAL H 62 -19.16 68.17 -50.87
CA VAL H 62 -20.04 67.78 -51.97
C VAL H 62 -21.43 68.46 -51.81
N GLU H 63 -22.02 68.53 -50.60
CA GLU H 63 -23.36 69.15 -50.48
C GLU H 63 -23.37 70.67 -50.78
N ARG H 64 -22.19 71.27 -50.58
CA ARG H 64 -22.01 72.62 -50.97
C ARG H 64 -21.99 72.83 -52.45
N PHE H 65 -21.34 71.92 -53.18
CA PHE H 65 -21.42 71.88 -54.64
C PHE H 65 -22.84 71.59 -55.09
N ASN H 66 -23.43 70.58 -54.50
CA ASN H 66 -24.77 70.24 -54.92
C ASN H 66 -25.82 71.39 -54.80
N ALA H 67 -25.65 72.21 -53.80
CA ALA H 67 -26.46 73.38 -53.58
C ALA H 67 -26.34 74.49 -54.67
N LEU H 68 -25.19 74.60 -55.30
CA LEU H 68 -24.97 75.62 -56.31
C LEU H 68 -25.81 75.40 -57.56
N PRO H 69 -26.12 76.51 -58.25
CA PRO H 69 -26.94 76.50 -59.44
C PRO H 69 -26.14 76.19 -60.68
N ALA H 70 -26.85 75.92 -61.79
CA ALA H 70 -26.19 75.73 -63.05
C ALA H 70 -25.16 76.83 -63.39
N GLY H 71 -24.02 76.45 -63.98
CA GLY H 71 -23.05 77.42 -64.55
C GLY H 71 -22.05 77.91 -63.53
N SER H 72 -21.98 77.20 -62.41
CA SER H 72 -21.19 77.54 -61.23
C SER H 72 -19.91 76.82 -61.38
N CYS H 73 -18.80 77.47 -61.05
CA CYS H 73 -17.48 76.84 -60.79
C CYS H 73 -17.20 77.10 -59.35
N GLU H 74 -16.75 76.11 -58.61
CA GLU H 74 -16.57 76.26 -57.21
C GLU H 74 -15.31 75.52 -56.79
N PRO H 75 -14.41 76.17 -56.04
CA PRO H 75 -13.26 75.42 -55.42
C PRO H 75 -13.69 74.16 -54.66
N MET H 76 -12.92 73.07 -54.79
CA MET H 76 -13.25 71.82 -54.08
C MET H 76 -11.99 71.10 -53.62
N PRO H 77 -12.08 70.39 -52.53
CA PRO H 77 -10.91 69.69 -52.12
C PRO H 77 -10.40 68.55 -53.01
N ASP H 78 -9.16 68.14 -52.74
CA ASP H 78 -8.47 67.11 -53.53
C ASP H 78 -9.27 65.81 -53.75
N MET H 79 -9.80 65.22 -52.68
CA MET H 79 -10.62 64.01 -52.78
C MET H 79 -11.74 64.09 -53.80
N VAL H 80 -12.51 65.18 -53.75
CA VAL H 80 -13.66 65.34 -54.61
C VAL H 80 -13.21 65.40 -56.05
N ARG H 81 -12.15 66.13 -56.36
CA ARG H 81 -11.61 66.13 -57.72
C ARG H 81 -11.01 64.76 -58.15
N GLU H 82 -10.18 64.15 -57.30
CA GLU H 82 -9.60 62.86 -57.64
C GLU H 82 -10.74 61.85 -57.99
N LEU H 83 -11.79 61.84 -57.18
CA LEU H 83 -12.96 61.02 -57.43
C LEU H 83 -13.80 61.47 -58.64
N VAL H 84 -13.90 62.75 -58.94
CA VAL H 84 -14.56 63.12 -60.21
C VAL H 84 -13.75 62.62 -61.40
N ALA H 85 -12.44 62.72 -61.29
CA ALA H 85 -11.52 62.19 -62.32
C ALA H 85 -11.60 60.67 -62.45
N ALA H 86 -11.69 59.97 -61.33
CA ALA H 86 -11.72 58.53 -61.41
C ALA H 86 -13.03 58.15 -62.03
N GLY H 87 -14.08 58.82 -61.61
CA GLY H 87 -15.44 58.60 -62.17
C GLY H 87 -15.63 58.85 -63.66
N SER H 88 -14.97 59.89 -64.18
CA SER H 88 -14.92 60.19 -65.62
C SER H 88 -14.29 59.06 -66.41
N GLN H 89 -13.17 58.54 -65.91
CA GLN H 89 -12.47 57.46 -66.56
C GLN H 89 -13.37 56.22 -66.52
N LEU H 90 -13.94 55.88 -65.37
CA LEU H 90 -14.92 54.81 -65.27
C LEU H 90 -16.12 54.96 -66.20
N SER H 91 -16.66 56.17 -66.30
CA SER H 91 -17.78 56.42 -67.27
C SER H 91 -17.41 56.06 -68.74
N ALA H 92 -16.25 56.55 -69.15
CA ALA H 92 -15.63 56.21 -70.42
C ALA H 92 -15.35 54.74 -70.57
N ASP H 93 -14.88 54.07 -69.54
CA ASP H 93 -14.50 52.66 -69.66
C ASP H 93 -15.70 51.71 -69.66
N SER H 94 -16.88 52.19 -69.30
CA SER H 94 -18.03 51.31 -69.17
C SER H 94 -19.19 51.72 -70.09
N ASP H 95 -18.87 52.45 -71.17
CA ASP H 95 -19.90 53.11 -72.04
C ASP H 95 -21.01 53.84 -71.32
N GLY H 96 -20.67 54.60 -70.28
CA GLY H 96 -21.63 55.47 -69.59
C GLY H 96 -22.53 54.82 -68.55
N ALA H 97 -22.36 53.51 -68.29
CA ALA H 97 -23.09 52.78 -67.22
C ALA H 97 -22.79 53.28 -65.80
N PHE H 98 -21.66 53.92 -65.63
CA PHE H 98 -21.27 54.51 -64.37
C PHE H 98 -21.47 55.99 -64.46
N ASP H 99 -22.12 56.51 -63.43
CA ASP H 99 -22.50 57.92 -63.42
C ASP H 99 -22.65 58.43 -61.96
N LEU H 100 -21.88 59.49 -61.66
CA LEU H 100 -21.89 60.15 -60.34
C LEU H 100 -23.08 61.09 -60.10
N THR H 101 -23.81 61.38 -61.17
CA THR H 101 -24.73 62.50 -61.22
C THR H 101 -26.21 62.08 -61.20
N LEU H 102 -26.52 60.95 -60.61
CA LEU H 102 -27.88 60.43 -60.65
C LEU H 102 -28.78 60.78 -59.49
N GLU H 103 -28.32 61.55 -58.51
CA GLU H 103 -29.13 61.82 -57.33
C GLU H 103 -30.50 62.38 -57.66
N PRO H 104 -30.58 63.29 -58.62
CA PRO H 104 -31.86 63.80 -59.01
C PRO H 104 -32.80 62.70 -59.45
N LEU H 105 -32.35 61.86 -60.35
CA LEU H 105 -33.15 60.78 -60.89
C LEU H 105 -33.48 59.82 -59.82
N LEU H 106 -32.54 59.57 -58.92
CA LEU H 106 -32.80 58.68 -57.82
C LEU H 106 -33.86 59.25 -56.94
N ASN H 107 -33.86 60.55 -56.68
CA ASN H 107 -34.84 61.13 -55.74
C ASN H 107 -36.30 61.01 -56.13
N LEU H 108 -36.52 60.86 -57.43
CA LEU H 108 -37.84 60.69 -57.98
C LEU H 108 -38.42 59.35 -57.60
N TRP H 109 -37.61 58.39 -57.18
CA TRP H 109 -38.15 57.09 -56.73
C TRP H 109 -37.78 56.70 -55.30
N GLY H 110 -37.54 57.70 -54.45
CA GLY H 110 -37.29 57.45 -53.04
C GLY H 110 -36.20 56.53 -52.55
N PHE H 111 -34.98 56.74 -53.04
CA PHE H 111 -33.81 55.99 -52.67
C PHE H 111 -32.67 56.89 -52.13
N GLY H 112 -32.90 58.19 -51.89
CA GLY H 112 -31.82 59.07 -51.41
C GLY H 112 -31.91 59.78 -50.06
N PRO H 113 -30.84 60.51 -49.70
CA PRO H 113 -30.78 61.10 -48.36
C PRO H 113 -32.05 61.87 -48.00
N GLN H 114 -32.65 62.54 -48.95
CA GLN H 114 -33.90 63.21 -48.72
C GLN H 114 -34.83 62.32 -49.49
N GLY H 115 -35.26 61.21 -48.91
CA GLY H 115 -36.09 60.25 -49.63
C GLY H 115 -37.13 59.63 -48.73
N ARG H 116 -38.39 59.83 -49.06
CA ARG H 116 -39.46 59.14 -48.37
C ARG H 116 -39.37 57.68 -48.71
N GLY H 117 -39.24 57.42 -50.00
CA GLY H 117 -39.01 56.09 -50.44
C GLY H 117 -40.15 55.55 -51.23
N GLU H 118 -39.82 54.60 -52.09
CA GLU H 118 -40.78 53.61 -52.69
C GLU H 118 -42.04 54.16 -53.29
N ARG H 119 -41.79 55.15 -54.14
CA ARG H 119 -42.82 55.82 -54.90
C ARG H 119 -42.51 55.62 -56.36
N VAL H 120 -43.54 55.68 -57.19
CA VAL H 120 -43.35 55.67 -58.60
C VAL H 120 -43.82 56.99 -59.19
N PRO H 121 -42.94 57.60 -60.00
CA PRO H 121 -43.15 58.88 -60.63
C PRO H 121 -43.36 58.94 -62.15
N SER H 122 -43.94 60.06 -62.56
CA SER H 122 -44.32 60.33 -63.96
C SER H 122 -43.17 60.47 -64.96
N ALA H 123 -43.50 60.26 -66.22
CA ALA H 123 -42.51 60.37 -67.27
C ALA H 123 -42.01 61.80 -67.39
N GLU H 124 -42.91 62.73 -67.27
CA GLU H 124 -42.51 64.14 -67.41
C GLU H 124 -41.50 64.48 -66.33
N ASP H 125 -41.75 64.09 -65.08
CA ASP H 125 -40.77 64.44 -64.05
C ASP H 125 -39.45 63.75 -64.37
N ILE H 126 -39.53 62.47 -64.68
CA ILE H 126 -38.36 61.71 -65.05
C ILE H 126 -37.58 62.49 -66.07
N SER H 127 -38.33 63.06 -67.02
CA SER H 127 -37.74 63.82 -68.11
C SER H 127 -37.05 65.14 -67.68
N ALA H 128 -37.63 65.79 -66.66
CA ALA H 128 -37.10 67.02 -66.06
C ALA H 128 -35.84 66.75 -65.31
N ALA H 129 -35.82 65.67 -64.52
CA ALA H 129 -34.66 65.30 -63.71
C ALA H 129 -33.51 64.84 -64.56
N ARG H 130 -33.72 64.17 -65.69
CA ARG H 130 -32.57 63.74 -66.51
C ARG H 130 -31.86 64.92 -67.11
N ALA H 131 -32.56 66.02 -67.28
CA ALA H 131 -31.95 67.26 -67.71
C ALA H 131 -31.04 67.91 -66.66
N LEU H 132 -31.15 67.48 -65.42
CA LEU H 132 -30.20 67.79 -64.38
C LEU H 132 -29.10 66.73 -64.15
N THR H 133 -28.93 65.79 -65.09
CA THR H 133 -27.90 64.75 -64.93
C THR H 133 -26.99 64.83 -66.11
N GLY H 134 -25.86 64.10 -65.98
CA GLY H 134 -24.90 63.92 -67.07
C GLY H 134 -23.48 64.22 -66.69
N GLN H 135 -22.68 63.18 -66.63
CA GLN H 135 -21.23 63.30 -66.44
C GLN H 135 -20.60 64.39 -67.35
N GLN H 136 -21.09 64.53 -68.57
CA GLN H 136 -20.47 65.45 -69.55
C GLN H 136 -20.61 66.92 -69.17
N HIS H 137 -21.50 67.17 -68.22
CA HIS H 137 -21.73 68.51 -67.71
C HIS H 137 -20.82 68.94 -66.57
N LEU H 138 -19.98 68.02 -66.12
CA LEU H 138 -19.14 68.20 -64.95
C LEU H 138 -17.69 68.35 -65.44
N SER H 139 -16.90 69.27 -64.91
CA SER H 139 -15.50 69.38 -65.38
C SER H 139 -14.67 69.95 -64.32
N ILE H 140 -13.38 69.71 -64.39
CA ILE H 140 -12.42 70.11 -63.38
C ILE H 140 -11.62 71.22 -64.01
N ASP H 141 -11.46 72.33 -63.34
CA ASP H 141 -10.67 73.40 -63.86
C ASP H 141 -9.75 73.93 -62.77
N GLY H 142 -8.49 73.53 -62.82
CA GLY H 142 -7.57 73.85 -61.75
C GLY H 142 -8.13 73.21 -60.50
N ASP H 143 -8.42 74.01 -59.50
CA ASP H 143 -8.90 73.48 -58.23
C ASP H 143 -10.40 73.68 -58.12
N ARG H 144 -11.08 73.85 -59.23
CA ARG H 144 -12.53 74.08 -59.17
C ARG H 144 -13.29 72.96 -59.91
N LEU H 145 -14.52 72.70 -59.46
CA LEU H 145 -15.46 71.86 -60.16
C LEU H 145 -16.42 72.76 -60.82
N CYS H 146 -16.68 72.48 -62.09
CA CYS H 146 -17.64 73.25 -62.86
C CYS H 146 -18.79 72.37 -63.24
N LYS H 147 -19.98 72.94 -63.13
CA LYS H 147 -21.18 72.28 -63.57
C LYS H 147 -22.00 73.21 -64.48
N ALA H 148 -22.40 72.71 -65.64
CA ALA H 148 -23.14 73.51 -66.60
C ALA H 148 -24.63 73.31 -66.43
N VAL H 149 -25.09 72.30 -65.72
CA VAL H 149 -26.51 72.17 -65.38
C VAL H 149 -26.58 71.96 -63.89
N ALA H 150 -27.76 71.89 -63.26
CA ALA H 150 -27.82 71.85 -61.81
C ALA H 150 -27.54 70.44 -61.21
N LEU H 151 -26.31 69.97 -61.39
CA LEU H 151 -25.92 68.59 -61.15
C LEU H 151 -25.88 68.32 -59.72
N GLN H 152 -26.18 67.08 -59.35
CA GLN H 152 -25.98 66.67 -57.96
C GLN H 152 -25.22 65.40 -57.84
N LEU H 153 -24.08 65.47 -57.22
CA LEU H 153 -23.17 64.38 -57.17
C LEU H 153 -23.42 63.51 -55.95
N ASP H 154 -22.98 62.26 -56.14
CA ASP H 154 -23.09 61.18 -55.15
C ASP H 154 -21.93 60.21 -55.38
N PHE H 155 -21.08 59.99 -54.37
CA PHE H 155 -19.89 59.18 -54.55
C PHE H 155 -20.01 57.75 -53.98
N ASN H 156 -21.19 57.40 -53.50
CA ASN H 156 -21.39 56.11 -52.92
C ASN H 156 -20.95 54.91 -53.72
N SER H 157 -21.09 54.97 -55.04
CA SER H 157 -20.73 53.89 -55.92
C SER H 157 -19.19 53.62 -55.94
N ILE H 158 -18.37 54.59 -55.49
CA ILE H 158 -16.92 54.42 -55.35
C ILE H 158 -16.23 54.79 -54.04
N ALA H 159 -16.95 55.37 -53.06
CA ALA H 159 -16.33 55.88 -51.79
C ALA H 159 -15.61 54.84 -50.89
N ALA H 160 -16.22 53.66 -50.78
CA ALA H 160 -15.69 52.63 -49.91
C ALA H 160 -14.41 52.02 -50.48
N GLY H 161 -14.39 51.87 -51.80
CA GLY H 161 -13.22 51.29 -52.46
C GLY H 161 -12.03 52.23 -52.42
N TYR H 162 -12.33 53.53 -52.55
CA TYR H 162 -11.40 54.60 -52.35
C TYR H 162 -10.93 54.59 -50.90
N ALA H 163 -11.84 54.41 -49.96
CA ALA H 163 -11.46 54.31 -48.53
C ALA H 163 -10.47 53.19 -48.23
N VAL H 164 -10.66 52.04 -48.82
CA VAL H 164 -9.75 50.91 -48.63
C VAL H 164 -8.40 51.27 -49.17
N ASP H 165 -8.38 51.86 -50.36
CA ASP H 165 -7.12 52.24 -51.00
C ASP H 165 -6.36 53.29 -50.16
N LEU H 166 -7.08 54.30 -49.64
CA LEU H 166 -6.47 55.32 -48.71
C LEU H 166 -5.91 54.77 -47.41
N VAL H 167 -6.65 53.86 -46.78
CA VAL H 167 -6.19 53.12 -45.56
C VAL H 167 -4.91 52.34 -45.92
N ILE H 168 -4.89 51.69 -47.08
CA ILE H 168 -3.74 50.86 -47.42
C ILE H 168 -2.54 51.69 -47.70
N ASP H 169 -2.73 52.88 -48.25
CA ASP H 169 -1.59 53.81 -48.44
C ASP H 169 -0.94 54.17 -47.07
N ARG H 170 -1.77 54.49 -46.08
CA ARG H 170 -1.26 54.80 -44.75
C ARG H 170 -0.55 53.67 -44.03
N LEU H 171 -1.14 52.47 -44.08
CA LEU H 171 -0.52 51.28 -43.49
C LEU H 171 0.85 51.03 -44.12
N LYS H 172 0.95 51.26 -45.42
CA LYS H 172 2.21 51.02 -46.16
C LYS H 172 3.26 52.05 -45.81
N ALA H 173 2.81 53.30 -45.80
CA ALA H 173 3.61 54.41 -45.37
C ALA H 173 4.07 54.19 -43.93
N LEU H 174 3.23 53.61 -43.07
CA LEU H 174 3.66 53.26 -41.66
C LEU H 174 4.47 51.96 -41.46
N GLY H 175 4.95 51.34 -42.55
CA GLY H 175 5.73 50.12 -42.51
C GLY H 175 5.00 48.79 -42.68
N VAL H 176 3.67 48.74 -42.64
CA VAL H 176 2.96 47.46 -42.66
C VAL H 176 3.02 46.86 -44.04
N GLN H 177 3.27 45.56 -44.10
CA GLN H 177 3.43 44.85 -45.37
C GLN H 177 2.40 43.78 -45.68
N SER H 178 1.64 43.36 -44.68
CA SER H 178 0.67 42.29 -44.86
C SER H 178 -0.61 42.68 -44.11
N TYR H 179 -1.74 42.67 -44.81
CA TYR H 179 -2.97 43.28 -44.30
C TYR H 179 -4.17 42.82 -45.07
N LEU H 180 -5.35 42.94 -44.46
CA LEU H 180 -6.68 42.76 -45.12
C LEU H 180 -7.50 43.90 -44.58
N VAL H 181 -7.89 44.84 -45.43
CA VAL H 181 -8.68 45.97 -45.00
C VAL H 181 -10.03 45.78 -45.62
N GLU H 182 -11.10 45.83 -44.85
CA GLU H 182 -12.43 45.62 -45.38
C GLU H 182 -13.26 46.78 -44.89
N ILE H 183 -13.93 47.54 -45.78
CA ILE H 183 -14.80 48.67 -45.36
C ILE H 183 -16.14 48.54 -46.03
N THR H 184 -17.19 48.24 -45.26
CA THR H 184 -18.56 47.98 -45.76
C THR H 184 -18.65 47.02 -46.98
N GLY H 185 -17.84 45.96 -46.92
CA GLY H 185 -17.89 44.89 -47.93
C GLY H 185 -16.79 44.94 -48.94
N GLU H 186 -16.38 46.13 -49.34
CA GLU H 186 -15.23 46.28 -50.23
C GLU H 186 -14.00 45.92 -49.41
N LEU H 187 -13.07 45.19 -50.01
CA LEU H 187 -11.79 44.91 -49.32
C LEU H 187 -10.60 44.65 -50.23
N LYS H 188 -9.43 44.62 -49.63
CA LYS H 188 -8.24 44.33 -50.38
C LYS H 188 -7.20 43.75 -49.41
N ALA H 189 -6.36 42.84 -49.88
CA ALA H 189 -5.32 42.29 -49.05
C ALA H 189 -4.04 42.06 -49.83
N GLU H 190 -3.00 41.88 -49.07
CA GLU H 190 -1.70 41.72 -49.61
C GLU H 190 -0.82 41.01 -48.58
N GLY H 191 0.20 40.35 -49.11
CA GLY H 191 1.12 39.66 -48.27
C GLY H 191 0.49 38.38 -47.80
N ARG H 192 1.17 37.79 -46.80
CA ARG H 192 0.79 36.52 -46.17
C ARG H 192 0.82 36.65 -44.65
N LYS H 193 0.21 35.67 -44.02
CA LYS H 193 0.16 35.61 -42.56
C LYS H 193 1.46 35.02 -42.04
N PRO H 194 1.68 35.03 -40.71
CA PRO H 194 2.97 34.57 -40.16
C PRO H 194 3.29 33.13 -40.44
N ASP H 195 2.28 32.26 -40.32
CA ASP H 195 2.41 30.87 -40.78
C ASP H 195 2.69 30.69 -42.30
N GLY H 196 2.53 31.75 -43.12
CA GLY H 196 2.68 31.69 -44.60
C GLY H 196 1.40 31.45 -45.39
N SER H 197 0.26 31.38 -44.68
CA SER H 197 -1.03 31.22 -45.33
C SER H 197 -1.47 32.56 -45.93
N PRO H 198 -2.17 32.51 -47.08
CA PRO H 198 -2.58 33.72 -47.71
C PRO H 198 -3.90 34.21 -47.11
N TRP H 199 -4.18 35.47 -47.40
CA TRP H 199 -5.48 36.04 -47.10
C TRP H 199 -6.42 35.50 -48.17
N ARG H 200 -7.62 35.11 -47.74
CA ARG H 200 -8.64 34.50 -48.59
C ARG H 200 -9.98 35.22 -48.47
N ILE H 201 -10.70 35.33 -49.56
CA ILE H 201 -12.09 35.76 -49.48
C ILE H 201 -12.99 34.68 -50.13
N ALA H 202 -14.25 34.65 -49.72
CA ALA H 202 -15.22 33.74 -50.26
C ALA H 202 -16.23 34.52 -51.11
N ILE H 203 -16.42 34.11 -52.37
CA ILE H 203 -17.47 34.69 -53.20
C ILE H 203 -18.65 33.73 -53.25
N GLU H 204 -19.87 34.24 -53.12
CA GLU H 204 -21.05 33.39 -53.12
C GLU H 204 -21.39 32.94 -54.56
N ALA H 205 -21.67 31.64 -54.69
CA ALA H 205 -21.89 31.02 -55.98
C ALA H 205 -22.91 29.92 -55.86
N PRO H 206 -24.18 30.30 -55.83
CA PRO H 206 -25.24 29.31 -55.63
C PRO H 206 -25.48 28.41 -56.85
N VAL H 212 -25.79 26.57 -52.36
CA VAL H 212 -25.05 27.65 -51.74
C VAL H 212 -23.49 27.37 -51.66
N ALA H 213 -22.89 27.09 -52.83
CA ALA H 213 -21.44 26.84 -52.96
C ALA H 213 -20.65 28.14 -52.85
N GLN H 214 -19.32 28.05 -52.76
CA GLN H 214 -18.42 29.23 -52.62
C GLN H 214 -17.09 29.11 -53.39
N LYS H 215 -16.77 30.13 -54.17
CA LYS H 215 -15.51 30.18 -54.89
C LYS H 215 -14.53 30.92 -53.98
N ILE H 216 -13.42 30.27 -53.63
CA ILE H 216 -12.43 30.80 -52.66
C ILE H 216 -11.24 31.37 -53.44
N VAL H 217 -10.91 32.64 -53.22
CA VAL H 217 -9.79 33.26 -53.91
C VAL H 217 -8.76 33.78 -52.91
N GLU H 218 -7.50 33.71 -53.33
CA GLU H 218 -6.36 34.18 -52.55
C GLU H 218 -6.02 35.57 -53.08
N LEU H 219 -6.04 36.56 -52.18
CA LEU H 219 -5.85 37.92 -52.53
C LEU H 219 -4.49 38.30 -52.13
N ASP H 220 -3.68 38.79 -53.07
CA ASP H 220 -2.33 39.30 -52.77
C ASP H 220 -2.02 40.48 -53.69
N GLY H 221 -2.29 41.71 -53.23
CA GLY H 221 -2.26 42.93 -54.06
C GLY H 221 -3.53 43.25 -54.87
N MET H 222 -4.69 42.71 -54.46
CA MET H 222 -5.92 42.82 -55.20
C MET H 222 -7.10 43.12 -54.30
N GLY H 223 -7.91 44.06 -54.79
CA GLY H 223 -9.17 44.41 -54.14
C GLY H 223 -10.40 43.79 -54.79
N VAL H 224 -11.46 43.71 -54.00
CA VAL H 224 -12.65 42.97 -54.32
C VAL H 224 -13.84 43.80 -53.96
N SER H 225 -14.81 43.82 -54.86
CA SER H 225 -16.03 44.57 -54.64
C SER H 225 -17.18 43.83 -55.27
N THR H 226 -18.30 43.74 -54.56
CA THR H 226 -19.44 42.94 -54.96
C THR H 226 -20.72 43.78 -54.91
N SER H 227 -21.24 44.15 -56.07
CA SER H 227 -22.53 44.84 -56.12
C SER H 227 -23.66 43.83 -56.06
N GLY H 228 -24.63 44.09 -55.17
CA GLY H 228 -25.77 43.18 -54.93
C GLY H 228 -25.41 41.99 -54.08
N ASP H 229 -26.42 41.27 -53.64
CA ASP H 229 -26.27 40.03 -52.87
C ASP H 229 -27.42 39.12 -53.32
N TYR H 230 -27.11 37.89 -53.77
CA TYR H 230 -28.13 37.02 -54.43
C TYR H 230 -29.33 36.70 -53.55
N ARG H 231 -29.09 36.73 -52.24
CA ARG H 231 -30.15 36.60 -51.25
C ARG H 231 -31.20 37.71 -51.28
N ASN H 232 -30.89 38.89 -51.80
CA ASN H 232 -31.86 39.99 -51.96
C ASN H 232 -32.23 40.16 -53.41
N TYR H 233 -33.06 39.28 -53.91
CA TYR H 233 -33.50 39.40 -55.26
C TYR H 233 -35.00 39.40 -55.18
N PHE H 234 -35.60 40.54 -55.54
CA PHE H 234 -37.05 40.79 -55.40
C PHE H 234 -37.67 41.10 -56.74
N GLU H 235 -38.80 40.41 -57.07
CA GLU H 235 -39.64 40.70 -58.25
C GLU H 235 -41.10 40.77 -57.79
N ARG H 236 -41.43 41.85 -57.08
CA ARG H 236 -42.82 42.17 -56.77
C ARG H 236 -43.60 42.26 -58.08
N ASP H 237 -44.75 41.62 -58.13
CA ASP H 237 -45.59 41.58 -59.35
C ASP H 237 -44.84 41.10 -60.63
N GLY H 238 -43.91 40.15 -60.47
CA GLY H 238 -43.18 39.56 -61.61
C GLY H 238 -42.34 40.50 -62.48
N ARG H 239 -41.98 41.65 -61.93
CA ARG H 239 -41.10 42.65 -62.51
C ARG H 239 -40.03 42.89 -61.45
N ARG H 240 -38.75 43.05 -61.80
CA ARG H 240 -37.71 43.22 -60.78
C ARG H 240 -37.75 44.55 -59.99
N TYR H 241 -37.57 44.45 -58.67
CA TYR H 241 -37.44 45.59 -57.82
C TYR H 241 -35.98 45.70 -57.36
N SER H 242 -35.40 46.87 -57.61
CA SER H 242 -34.09 47.26 -57.10
C SER H 242 -34.00 48.78 -56.98
N HIS H 243 -32.94 49.22 -56.34
CA HIS H 243 -32.64 50.64 -56.19
C HIS H 243 -31.65 51.09 -57.28
N THR H 244 -31.22 50.19 -58.19
CA THR H 244 -30.20 50.51 -59.22
C THR H 244 -30.92 51.07 -60.46
N LEU H 245 -30.46 52.22 -60.95
CA LEU H 245 -31.07 53.02 -62.03
C LEU H 245 -30.16 52.94 -63.22
N ASP H 246 -30.70 52.72 -64.40
CA ASP H 246 -29.90 52.89 -65.65
C ASP H 246 -29.71 54.41 -65.95
N PRO H 247 -28.45 54.94 -66.00
CA PRO H 247 -28.26 56.40 -66.26
C PRO H 247 -28.89 56.95 -67.56
N GLN H 248 -28.90 56.10 -68.60
CA GLN H 248 -29.52 56.41 -69.88
C GLN H 248 -31.10 56.58 -69.79
N SER H 249 -31.86 55.49 -69.67
CA SER H 249 -33.32 55.60 -69.37
C SER H 249 -33.58 55.70 -67.87
N GLY H 250 -33.99 56.86 -67.36
CA GLY H 250 -34.08 57.14 -65.89
C GLY H 250 -34.79 56.21 -64.88
N GLN H 251 -35.26 55.05 -65.33
CA GLN H 251 -36.04 54.09 -64.52
C GLN H 251 -35.26 52.80 -64.22
N PRO H 252 -35.52 52.18 -63.06
CA PRO H 252 -34.69 51.16 -62.57
C PRO H 252 -34.59 49.96 -63.52
N ILE H 253 -33.48 49.24 -63.36
CA ILE H 253 -33.12 48.06 -64.15
C ILE H 253 -34.15 46.95 -64.13
N GLU H 254 -34.25 46.27 -65.27
CA GLU H 254 -35.23 45.21 -65.46
C GLU H 254 -34.64 43.77 -65.49
N HIS H 255 -33.33 43.65 -65.70
CA HIS H 255 -32.61 42.40 -65.98
C HIS H 255 -32.42 41.49 -64.77
N HIS H 256 -31.76 40.36 -64.96
CA HIS H 256 -31.72 39.38 -63.89
C HIS H 256 -30.41 39.27 -63.09
N LEU H 257 -29.40 40.09 -63.34
CA LEU H 257 -28.13 40.05 -62.58
C LEU H 257 -28.30 40.32 -61.12
N ALA H 258 -28.02 39.32 -60.31
CA ALA H 258 -28.35 39.38 -58.90
C ALA H 258 -27.16 39.80 -58.05
N ALA H 259 -25.97 39.46 -58.50
CA ALA H 259 -24.79 39.97 -57.87
C ALA H 259 -23.67 39.94 -58.88
N VAL H 260 -22.69 40.81 -58.75
CA VAL H 260 -21.53 40.68 -59.58
C VAL H 260 -20.37 41.13 -58.72
N THR H 261 -19.24 40.46 -58.91
CA THR H 261 -18.04 40.67 -58.11
C THR H 261 -16.85 41.02 -58.99
N VAL H 262 -16.20 42.14 -58.76
CA VAL H 262 -15.06 42.48 -59.58
C VAL H 262 -13.80 42.37 -58.74
N ILE H 263 -12.70 42.01 -59.37
CA ILE H 263 -11.37 41.94 -58.75
C ILE H 263 -10.39 42.72 -59.62
N ASP H 264 -9.70 43.66 -58.95
CA ASP H 264 -8.81 44.63 -59.57
C ASP H 264 -7.79 45.08 -58.53
N LYS H 265 -6.60 45.47 -58.98
CA LYS H 265 -5.59 45.91 -58.04
C LYS H 265 -6.02 47.17 -57.27
N SER H 266 -6.82 48.02 -57.88
CA SER H 266 -7.34 49.19 -57.26
C SER H 266 -8.74 48.83 -56.81
N THR H 267 -8.98 48.93 -55.51
CA THR H 267 -10.30 48.71 -54.94
C THR H 267 -11.31 49.74 -55.42
N LEU H 268 -10.85 50.97 -55.65
CA LEU H 268 -11.72 52.02 -56.17
C LEU H 268 -12.37 51.56 -57.49
N ARG H 269 -11.51 51.07 -58.38
CA ARG H 269 -11.94 50.55 -59.68
C ARG H 269 -12.86 49.38 -59.55
N ALA H 270 -12.51 48.46 -58.67
CA ALA H 270 -13.36 47.34 -58.43
C ALA H 270 -14.74 47.77 -57.98
N ASP H 271 -14.84 48.79 -57.14
CA ASP H 271 -16.14 49.24 -56.66
C ASP H 271 -16.93 49.95 -57.78
N GLY H 272 -16.18 50.73 -58.57
CA GLY H 272 -16.78 51.42 -59.71
C GLY H 272 -17.31 50.40 -60.69
N LEU H 273 -16.42 49.52 -61.11
CA LEU H 273 -16.70 48.55 -62.13
C LEU H 273 -17.81 47.58 -61.76
N SER H 274 -17.93 47.20 -60.51
CA SER H 274 -19.03 46.36 -60.06
C SER H 274 -20.29 47.02 -60.30
N THR H 275 -20.34 48.27 -59.89
CA THR H 275 -21.54 49.05 -59.97
C THR H 275 -21.91 49.19 -61.42
N ALA H 276 -20.96 49.41 -62.29
CA ALA H 276 -21.20 49.54 -63.71
C ALA H 276 -21.72 48.25 -64.36
N LEU H 277 -21.14 47.15 -63.95
CA LEU H 277 -21.62 45.89 -64.44
C LEU H 277 -23.04 45.60 -63.97
N MET H 278 -23.41 46.00 -62.77
CA MET H 278 -24.79 45.70 -62.30
C MET H 278 -25.82 46.52 -63.06
N VAL H 279 -25.39 47.66 -63.64
CA VAL H 279 -26.26 48.53 -64.43
C VAL H 279 -26.46 47.88 -65.76
N LEU H 280 -25.35 47.42 -66.32
CA LEU H 280 -25.33 46.80 -67.61
C LEU H 280 -26.03 45.45 -67.66
N GLY H 281 -25.92 44.65 -66.63
CA GLY H 281 -26.65 43.38 -66.55
C GLY H 281 -25.86 42.24 -67.09
N PRO H 282 -26.45 41.02 -67.12
CA PRO H 282 -25.68 39.77 -67.37
C PRO H 282 -25.02 39.67 -68.74
N GLU H 283 -25.68 40.18 -69.76
CA GLU H 283 -25.12 40.17 -71.10
C GLU H 283 -24.20 41.30 -71.41
N LYS H 284 -24.72 42.52 -71.27
CA LYS H 284 -23.90 43.66 -71.62
C LYS H 284 -22.75 43.74 -70.63
N GLY H 285 -22.97 43.23 -69.42
CA GLY H 285 -21.89 43.16 -68.45
C GLY H 285 -20.69 42.28 -68.80
N LEU H 286 -21.02 41.04 -69.17
CA LEU H 286 -20.03 40.09 -69.66
C LEU H 286 -19.31 40.54 -70.90
N ALA H 287 -20.04 41.16 -71.84
CA ALA H 287 -19.42 41.62 -73.09
C ALA H 287 -18.34 42.64 -72.76
N LEU H 288 -18.70 43.68 -72.00
CA LEU H 288 -17.78 44.73 -71.52
C LEU H 288 -16.60 44.20 -70.72
N ALA H 289 -16.96 43.38 -69.73
CA ALA H 289 -15.97 42.76 -68.88
C ALA H 289 -14.91 42.09 -69.76
N GLU H 290 -15.37 41.22 -70.69
CA GLU H 290 -14.48 40.47 -71.61
C GLU H 290 -13.65 41.39 -72.49
N ARG H 291 -14.37 42.33 -73.09
CA ARG H 291 -13.81 43.36 -73.94
C ARG H 291 -12.73 44.16 -73.25
N ASN H 292 -12.99 44.57 -72.00
CA ASN H 292 -12.00 45.33 -71.19
C ASN H 292 -11.02 44.50 -70.35
N GLY H 293 -11.24 43.18 -70.32
CA GLY H 293 -10.38 42.26 -69.58
C GLY H 293 -10.50 42.39 -68.07
N ILE H 294 -11.72 42.58 -67.60
CA ILE H 294 -11.98 42.73 -66.18
C ILE H 294 -12.15 41.38 -65.55
N ALA H 295 -11.54 41.19 -64.37
CA ALA H 295 -11.81 39.94 -63.65
C ALA H 295 -13.13 40.07 -62.91
N ALA H 296 -14.13 39.27 -63.24
CA ALA H 296 -15.44 39.37 -62.60
C ALA H 296 -16.16 38.03 -62.53
N PHE H 297 -17.21 37.96 -61.70
CA PHE H 297 -17.94 36.76 -61.42
C PHE H 297 -19.37 37.18 -61.17
N PHE H 298 -20.24 36.79 -62.10
CA PHE H 298 -21.64 37.19 -62.15
C PHE H 298 -22.54 36.09 -61.57
N VAL H 299 -23.59 36.45 -60.84
CA VAL H 299 -24.64 35.51 -60.41
C VAL H 299 -25.99 35.97 -60.98
N VAL H 300 -26.56 35.10 -61.82
CA VAL H 300 -27.71 35.41 -62.66
C VAL H 300 -28.90 34.56 -62.22
N ARG H 301 -30.06 35.19 -62.14
CA ARG H 301 -31.32 34.53 -61.84
C ARG H 301 -31.79 33.86 -63.11
N GLU H 302 -31.89 32.53 -63.04
CA GLU H 302 -32.43 31.69 -64.13
C GLU H 302 -33.39 30.66 -63.54
N GLY H 303 -34.68 30.88 -63.72
CA GLY H 303 -35.70 29.87 -63.51
C GLY H 303 -35.78 29.29 -62.11
N GLN H 304 -35.93 30.19 -61.14
CA GLN H 304 -36.00 29.82 -59.71
C GLN H 304 -34.79 29.00 -59.35
N GLY H 305 -33.66 29.69 -59.34
CA GLY H 305 -32.33 29.09 -59.21
C GLY H 305 -31.36 30.17 -59.67
N PHE H 306 -30.05 29.87 -59.64
CA PHE H 306 -29.01 30.84 -60.02
C PHE H 306 -27.96 30.21 -60.93
N VAL H 307 -27.47 30.95 -61.93
CA VAL H 307 -26.32 30.51 -62.75
C VAL H 307 -25.17 31.49 -62.59
N THR H 308 -23.95 30.97 -62.47
CA THR H 308 -22.76 31.80 -62.30
C THR H 308 -21.95 31.75 -63.59
N THR H 309 -21.28 32.85 -63.88
CA THR H 309 -20.48 33.00 -65.07
C THR H 309 -19.26 33.83 -64.71
N SER H 310 -18.09 33.35 -65.10
CA SER H 310 -16.85 34.02 -64.77
C SER H 310 -16.23 34.53 -66.05
N THR H 311 -15.40 35.56 -65.97
CA THR H 311 -14.70 36.09 -67.14
C THR H 311 -13.36 35.40 -67.31
N LYS H 312 -12.88 35.57 -68.52
CA LYS H 312 -11.60 35.08 -68.93
C LYS H 312 -10.46 35.53 -68.01
N ALA H 313 -10.37 36.85 -67.74
CA ALA H 313 -9.40 37.49 -66.76
C ALA H 313 -9.53 37.02 -65.29
N PHE H 314 -10.75 36.64 -64.87
CA PHE H 314 -10.98 35.96 -63.60
C PHE H 314 -10.44 34.55 -63.62
N ASP H 315 -10.74 33.80 -64.68
CA ASP H 315 -10.28 32.41 -64.78
C ASP H 315 -8.74 32.34 -64.74
N GLU H 316 -8.04 33.17 -65.55
CA GLU H 316 -6.56 33.21 -65.53
C GLU H 316 -5.93 33.43 -64.15
N LEU H 317 -6.61 34.21 -63.31
CA LEU H 317 -6.15 34.53 -61.94
C LEU H 317 -6.55 33.47 -60.90
N PHE H 318 -7.70 32.81 -61.07
CA PHE H 318 -8.23 31.97 -59.96
C PHE H 318 -8.74 30.58 -60.30
N GLY H 319 -8.75 30.20 -61.58
CA GLY H 319 -9.35 28.93 -62.04
C GLY H 319 -10.83 28.98 -62.36
N ALA H 320 -11.29 28.01 -63.17
CA ALA H 320 -12.71 27.92 -63.61
C ALA H 320 -13.68 27.22 -62.63
N GLY H 321 -13.16 26.38 -61.73
CA GLY H 321 -14.00 25.54 -60.83
C GLY H 321 -14.59 26.14 -59.54
N VAL H 322 -15.08 25.24 -58.69
CA VAL H 322 -15.72 25.55 -57.40
C VAL H 322 -16.21 24.25 -56.72
#